data_6OV0
#
_entry.id   6OV0
#
_cell.length_a   97.406
_cell.length_b   111.456
_cell.length_c   113.138
_cell.angle_alpha   90.00
_cell.angle_beta   110.01
_cell.angle_gamma   90.00
#
_symmetry.space_group_name_H-M   'P 1 21 1'
#
loop_
_entity.id
_entity.type
_entity.pdbx_description
1 polymer 'Uncharacterized protein'
2 polymer "RNA (5'-R(*AP*AP*AP*(A23))-3')"
#
loop_
_entity_poly.entity_id
_entity_poly.type
_entity_poly.pdbx_seq_one_letter_code
_entity_poly.pdbx_strand_id
1 'polypeptide(L)'
;MGMKLLVVSWGDFERWKETKYRFGGETSVGPSTLPILQKVIKPDWTVIVLSDTIGKDFSSVETLREDVRNRVMDFLDRIG
AGREVDVIIAPGIGEFTHGSFRGSAMDAYYYVLHALSEIIPTKGDLEVHFDSTHGLNYVTLLTYRALKDLLGIAAVMNTV
TFYAYNSDPFVPKITKELNINTIETTMVKPTPLSEPLPGFDEYLCPYSMERAEFVRLKGSLNTLKNLRKEKKKLEAWIGS
LLFGLPLLFLEEFPDIGRLESYIEELAETWGGAIAVNAEEKAVTRRLAFGSGFGTLVKLLFQARITRGLLVEEPYSIEKL
YSVSDRLFRGSTLQRVRVELGKIEDKAIKYARKGAFPRDIPLRDFLGFDAANREVSPRNVLAHAGLEANVVEVSMEAWEP
KRPEEEAGRHTHLKYTPVGLKKVEDIVSRALKESHHHHHH
;
A,B,C,D
2 'polyribonucleotide' AAA(A23) E,F,G,H
#
loop_
_chem_comp.id
_chem_comp.type
_chem_comp.name
_chem_comp.formula
A RNA linking ADENOSINE-5'-MONOPHOSPHATE 'C10 H14 N5 O7 P'
A23 RNA linking 'ADENOSINE-5'-PHOSPHATE-2',3'-CYCLIC PHOSPHATE' 'C10 H13 N5 O9 P2'
#
# COMPACT_ATOMS: atom_id res chain seq x y z
N MET A 3 -17.42 40.34 -20.64
CA MET A 3 -16.32 41.22 -20.13
C MET A 3 -14.97 40.53 -20.35
N LYS A 4 -14.02 41.21 -21.01
CA LYS A 4 -12.67 40.68 -21.34
C LYS A 4 -11.67 41.08 -20.26
N LEU A 5 -10.79 40.16 -19.87
CA LEU A 5 -9.72 40.35 -18.84
C LEU A 5 -8.40 39.83 -19.40
N LEU A 6 -7.35 40.67 -19.39
CA LEU A 6 -5.99 40.32 -19.87
C LEU A 6 -5.05 40.19 -18.66
N VAL A 7 -4.40 39.03 -18.51
CA VAL A 7 -3.45 38.73 -17.39
C VAL A 7 -2.09 38.41 -18.01
N VAL A 8 -1.04 39.10 -17.56
CA VAL A 8 0.36 38.92 -18.05
C VAL A 8 1.26 38.56 -16.86
N SER A 9 2.04 37.49 -17.00
CA SER A 9 3.06 37.02 -16.02
C SER A 9 4.43 37.55 -16.44
N TRP A 10 5.07 38.32 -15.56
CA TRP A 10 6.21 39.23 -15.87
C TRP A 10 7.40 38.93 -14.96
N GLY A 11 8.60 38.78 -15.54
CA GLY A 11 9.88 38.61 -14.82
C GLY A 11 10.51 39.96 -14.49
N ASP A 12 11.81 40.11 -14.75
CA ASP A 12 12.57 41.39 -14.59
C ASP A 12 12.46 42.17 -15.90
N PHE A 13 11.47 43.08 -15.98
CA PHE A 13 11.06 43.77 -17.23
C PHE A 13 12.19 44.65 -17.78
N GLU A 14 12.99 45.26 -16.89
CA GLU A 14 14.09 46.19 -17.26
C GLU A 14 15.20 45.45 -18.02
N ARG A 15 15.19 44.11 -18.06
CA ARG A 15 16.25 43.27 -18.66
C ARG A 15 15.87 42.80 -20.09
N TRP A 16 14.65 43.05 -20.56
CA TRP A 16 14.17 42.54 -21.87
C TRP A 16 14.73 43.39 -23.03
N LYS A 17 15.05 42.74 -24.15
CA LYS A 17 15.58 43.38 -25.39
C LYS A 17 14.42 43.94 -26.21
N GLU A 18 14.69 44.99 -27.00
CA GLU A 18 13.78 45.53 -28.05
C GLU A 18 13.67 44.51 -29.19
N THR A 19 12.47 44.32 -29.73
CA THR A 19 12.20 43.42 -30.89
C THR A 19 10.86 43.77 -31.54
N LYS A 20 10.41 42.95 -32.49
CA LYS A 20 9.10 43.07 -33.19
C LYS A 20 8.21 41.87 -32.83
N TYR A 21 6.89 42.09 -32.77
CA TYR A 21 5.88 41.07 -32.41
C TYR A 21 4.78 41.04 -33.49
N ARG A 22 4.46 39.83 -33.98
CA ARG A 22 3.29 39.54 -34.87
C ARG A 22 2.18 38.95 -34.01
N PHE A 23 0.95 39.48 -34.10
CA PHE A 23 -0.23 38.99 -33.34
C PHE A 23 -1.52 39.59 -33.92
N GLY A 24 -2.39 38.74 -34.46
CA GLY A 24 -3.79 39.05 -34.85
C GLY A 24 -3.86 39.92 -36.09
N GLY A 25 -2.98 39.70 -37.06
CA GLY A 25 -2.84 40.54 -38.28
C GLY A 25 -2.04 41.80 -38.00
N GLU A 26 -1.85 42.15 -36.73
CA GLU A 26 -1.16 43.39 -36.28
C GLU A 26 0.34 43.11 -36.13
N THR A 27 1.12 44.18 -35.97
CA THR A 27 2.60 44.18 -35.98
C THR A 27 3.07 45.26 -34.99
N SER A 28 4.05 44.95 -34.14
CA SER A 28 4.49 45.81 -33.01
C SER A 28 6.00 45.79 -32.85
N VAL A 29 6.58 46.91 -32.40
CA VAL A 29 8.00 47.02 -31.98
C VAL A 29 8.02 47.54 -30.53
N GLY A 30 8.85 46.92 -29.67
CA GLY A 30 8.95 47.26 -28.24
C GLY A 30 9.74 46.20 -27.46
N PRO A 31 9.92 46.39 -26.12
CA PRO A 31 10.57 45.40 -25.28
C PRO A 31 9.60 44.37 -24.67
N SER A 32 8.28 44.61 -24.77
CA SER A 32 7.21 43.79 -24.15
C SER A 32 6.07 43.53 -25.15
N THR A 33 5.29 42.48 -24.88
CA THR A 33 4.14 42.00 -25.70
C THR A 33 2.85 42.75 -25.35
N LEU A 34 2.85 43.53 -24.26
CA LEU A 34 1.62 44.11 -23.67
C LEU A 34 0.93 45.05 -24.66
N PRO A 35 1.65 45.93 -25.39
CA PRO A 35 0.98 46.98 -26.17
C PRO A 35 0.12 46.40 -27.31
N ILE A 36 0.61 45.34 -27.96
CA ILE A 36 -0.07 44.70 -29.14
C ILE A 36 -1.24 43.84 -28.65
N LEU A 37 -1.05 43.10 -27.55
CA LEU A 37 -2.11 42.28 -26.90
C LEU A 37 -3.31 43.19 -26.57
N GLN A 38 -3.04 44.42 -26.16
CA GLN A 38 -4.07 45.42 -25.73
C GLN A 38 -4.76 46.04 -26.96
N LYS A 39 -4.05 46.21 -28.08
CA LYS A 39 -4.61 46.73 -29.36
C LYS A 39 -5.58 45.69 -29.94
N VAL A 40 -5.16 44.43 -30.00
CA VAL A 40 -5.92 43.29 -30.58
C VAL A 40 -7.08 42.92 -29.65
N ILE A 41 -6.77 42.35 -28.48
CA ILE A 41 -7.75 41.78 -27.51
C ILE A 41 -8.70 42.88 -27.02
N LYS A 42 -8.22 44.13 -26.95
CA LYS A 42 -8.98 45.31 -26.44
C LYS A 42 -9.65 44.93 -25.12
N PRO A 43 -8.86 44.57 -24.07
CA PRO A 43 -9.43 44.11 -22.80
C PRO A 43 -10.10 45.24 -22.01
N ASP A 44 -11.08 44.89 -21.17
CA ASP A 44 -11.83 45.83 -20.30
C ASP A 44 -11.00 46.13 -19.04
N TRP A 45 -10.00 45.30 -18.74
CA TRP A 45 -9.04 45.48 -17.62
C TRP A 45 -7.81 44.61 -17.84
N THR A 46 -6.62 45.18 -17.69
CA THR A 46 -5.31 44.47 -17.76
C THR A 46 -4.83 44.21 -16.33
N VAL A 47 -4.18 43.07 -16.11
CA VAL A 47 -3.63 42.65 -14.78
C VAL A 47 -2.20 42.15 -15.00
N ILE A 48 -1.22 42.86 -14.44
CA ILE A 48 0.23 42.47 -14.46
C ILE A 48 0.54 41.76 -13.15
N VAL A 49 1.08 40.53 -13.23
CA VAL A 49 1.58 39.76 -12.06
C VAL A 49 3.09 39.59 -12.22
N LEU A 50 3.85 39.89 -11.17
CA LEU A 50 5.35 39.80 -11.16
C LEU A 50 5.84 39.61 -9.72
N SER A 51 7.16 39.52 -9.56
CA SER A 51 7.84 39.11 -8.30
C SER A 51 8.27 40.35 -7.48
N ASP A 52 8.13 40.26 -6.15
CA ASP A 52 8.80 41.10 -5.12
C ASP A 52 10.29 41.27 -5.46
N THR A 53 10.92 40.18 -5.90
CA THR A 53 12.39 39.99 -5.99
C THR A 53 13.03 41.03 -6.91
N ILE A 54 12.23 41.82 -7.63
CA ILE A 54 12.66 42.98 -8.47
C ILE A 54 13.08 44.13 -7.55
N GLY A 55 12.41 44.29 -6.40
CA GLY A 55 12.63 45.38 -5.42
C GLY A 55 14.09 45.53 -5.02
N LYS A 56 14.51 46.77 -4.69
CA LYS A 56 15.92 47.16 -4.46
C LYS A 56 16.08 48.08 -3.23
N ASP A 57 14.99 48.71 -2.77
CA ASP A 57 14.95 49.54 -1.53
C ASP A 57 14.40 48.69 -0.38
N PHE A 58 15.10 48.64 0.75
CA PHE A 58 14.86 47.66 1.85
C PHE A 58 14.68 48.34 3.22
N SER A 59 14.34 49.63 3.25
CA SER A 59 14.10 50.37 4.52
C SER A 59 12.73 50.00 5.12
N SER A 60 11.90 49.27 4.39
CA SER A 60 10.53 48.83 4.80
C SER A 60 9.95 47.86 3.75
N VAL A 61 8.73 47.35 4.00
CA VAL A 61 7.95 46.51 3.02
C VAL A 61 7.21 47.46 2.07
N GLU A 62 6.69 48.58 2.60
CA GLU A 62 5.87 49.57 1.83
C GLU A 62 6.79 50.47 0.99
N THR A 63 8.10 50.47 1.26
CA THR A 63 9.14 51.15 0.43
C THR A 63 9.70 50.16 -0.59
N LEU A 64 9.52 48.85 -0.37
CA LEU A 64 9.90 47.78 -1.31
C LEU A 64 8.82 47.64 -2.39
N ARG A 65 7.54 47.77 -2.01
CA ARG A 65 6.38 47.65 -2.94
C ARG A 65 6.24 48.93 -3.77
N GLU A 66 6.37 50.10 -3.14
CA GLU A 66 6.24 51.41 -3.83
C GLU A 66 7.43 51.61 -4.78
N ASP A 67 8.57 50.97 -4.50
CA ASP A 67 9.76 50.92 -5.40
C ASP A 67 9.35 50.20 -6.69
N VAL A 68 8.87 48.96 -6.56
CA VAL A 68 8.49 48.08 -7.71
C VAL A 68 7.33 48.73 -8.48
N ARG A 69 6.30 49.22 -7.78
CA ARG A 69 5.10 49.83 -8.41
C ARG A 69 5.54 50.97 -9.33
N ASN A 70 6.44 51.84 -8.84
CA ASN A 70 6.92 53.05 -9.58
C ASN A 70 7.78 52.62 -10.78
N ARG A 71 8.53 51.53 -10.67
CA ARG A 71 9.38 50.98 -11.76
C ARG A 71 8.48 50.44 -12.88
N VAL A 72 7.42 49.72 -12.52
CA VAL A 72 6.40 49.16 -13.47
C VAL A 72 5.75 50.34 -14.21
N MET A 73 5.24 51.33 -13.48
CA MET A 73 4.56 52.54 -14.02
C MET A 73 5.49 53.24 -15.03
N ASP A 74 6.78 53.40 -14.69
CA ASP A 74 7.79 54.10 -15.53
C ASP A 74 8.04 53.31 -16.82
N PHE A 75 8.02 51.97 -16.75
CA PHE A 75 8.23 51.04 -17.90
C PHE A 75 6.98 51.04 -18.79
N LEU A 76 5.78 51.10 -18.18
CA LEU A 76 4.48 51.13 -18.91
C LEU A 76 4.42 52.37 -19.82
N ASP A 77 5.04 53.48 -19.39
CA ASP A 77 5.11 54.75 -20.17
C ASP A 77 6.14 54.60 -21.30
N ARG A 78 7.31 54.03 -21.01
CA ARG A 78 8.40 53.77 -21.98
C ARG A 78 7.83 52.98 -23.17
N ILE A 79 6.90 52.05 -22.92
CA ILE A 79 6.17 51.26 -23.96
C ILE A 79 4.80 51.92 -24.17
N GLY A 80 4.12 51.60 -25.27
CA GLY A 80 2.83 52.22 -25.65
C GLY A 80 1.66 51.64 -24.88
N ALA A 81 1.85 51.39 -23.57
CA ALA A 81 0.92 50.59 -22.72
C ALA A 81 -0.02 51.51 -21.94
N GLY A 82 -1.26 51.07 -21.74
CA GLY A 82 -2.33 51.82 -21.04
C GLY A 82 -2.06 51.94 -19.55
N ARG A 83 -2.93 52.67 -18.84
CA ARG A 83 -2.88 52.85 -17.36
C ARG A 83 -4.26 52.50 -16.76
N GLU A 84 -4.96 51.55 -17.39
CA GLU A 84 -6.18 50.88 -16.83
C GLU A 84 -5.75 49.49 -16.36
N VAL A 85 -4.76 49.43 -15.47
CA VAL A 85 -3.97 48.22 -15.13
C VAL A 85 -3.90 48.07 -13.61
N ASP A 86 -4.05 46.84 -13.11
CA ASP A 86 -3.76 46.43 -11.70
C ASP A 86 -2.42 45.69 -11.70
N VAL A 87 -1.47 46.14 -10.88
CA VAL A 87 -0.17 45.45 -10.66
C VAL A 87 -0.28 44.61 -9.38
N ILE A 88 0.01 43.32 -9.48
CA ILE A 88 0.04 42.36 -8.34
C ILE A 88 1.50 42.00 -8.07
N ILE A 89 2.07 42.58 -7.01
CA ILE A 89 3.49 42.36 -6.59
C ILE A 89 3.51 41.12 -5.68
N ALA A 90 3.74 39.94 -6.28
CA ALA A 90 3.65 38.62 -5.63
C ALA A 90 4.92 38.36 -4.80
N PRO A 91 4.79 37.75 -3.59
CA PRO A 91 5.96 37.38 -2.80
C PRO A 91 6.80 36.25 -3.42
N GLY A 92 7.96 36.61 -3.98
CA GLY A 92 8.94 35.65 -4.56
C GLY A 92 9.98 35.24 -3.53
N ILE A 93 10.89 34.33 -3.92
CA ILE A 93 11.89 33.67 -3.02
C ILE A 93 13.22 33.54 -3.76
N GLY A 94 14.33 33.50 -3.00
CA GLY A 94 15.70 33.28 -3.51
C GLY A 94 16.68 34.32 -2.98
N GLU A 95 17.95 34.21 -3.36
CA GLU A 95 19.04 35.16 -2.99
C GLU A 95 19.58 35.79 -4.28
N PHE A 96 19.54 37.12 -4.37
CA PHE A 96 19.85 37.92 -5.59
C PHE A 96 21.01 38.87 -5.30
N THR A 97 21.58 39.46 -6.38
CA THR A 97 22.68 40.45 -6.34
C THR A 97 22.26 41.68 -5.52
N HIS A 98 20.99 42.07 -5.62
CA HIS A 98 20.46 43.36 -5.07
C HIS A 98 19.66 43.12 -3.77
N GLY A 99 19.51 41.87 -3.33
CA GLY A 99 18.82 41.55 -2.06
C GLY A 99 18.51 40.06 -1.90
N SER A 100 17.92 39.69 -0.76
CA SER A 100 17.51 38.31 -0.41
C SER A 100 16.05 38.30 0.06
N PHE A 101 15.27 37.33 -0.40
CA PHE A 101 13.85 37.12 -0.02
C PHE A 101 13.68 35.67 0.43
N ARG A 102 13.25 35.47 1.68
CA ARG A 102 13.04 34.13 2.31
C ARG A 102 11.61 34.02 2.82
N GLY A 103 11.02 32.84 2.71
CA GLY A 103 9.62 32.55 3.07
C GLY A 103 9.14 31.26 2.44
N SER A 104 7.84 30.99 2.51
CA SER A 104 7.17 29.87 1.80
C SER A 104 7.12 30.20 0.30
N ALA A 105 7.48 29.25 -0.55
CA ALA A 105 7.37 29.33 -2.03
C ALA A 105 5.90 29.47 -2.42
N MET A 106 5.03 28.70 -1.75
CA MET A 106 3.57 28.61 -2.01
C MET A 106 2.86 29.92 -1.64
N ASP A 107 3.52 30.84 -0.94
CA ASP A 107 2.92 32.15 -0.53
C ASP A 107 2.43 32.91 -1.77
N ALA A 108 3.19 32.86 -2.86
CA ALA A 108 2.87 33.51 -4.16
C ALA A 108 1.47 33.10 -4.62
N TYR A 109 1.19 31.80 -4.73
CA TYR A 109 -0.11 31.24 -5.19
C TYR A 109 -1.26 31.88 -4.39
N TYR A 110 -1.21 31.75 -3.06
CA TYR A 110 -2.27 32.21 -2.12
C TYR A 110 -2.43 33.73 -2.23
N TYR A 111 -1.32 34.47 -2.34
CA TYR A 111 -1.31 35.95 -2.46
C TYR A 111 -1.99 36.37 -3.78
N VAL A 112 -1.61 35.72 -4.88
CA VAL A 112 -2.16 36.02 -6.24
C VAL A 112 -3.63 35.59 -6.29
N LEU A 113 -3.96 34.40 -5.74
CA LEU A 113 -5.34 33.87 -5.62
C LEU A 113 -6.20 34.92 -4.91
N HIS A 114 -5.67 35.54 -3.85
CA HIS A 114 -6.35 36.58 -3.04
C HIS A 114 -6.60 37.83 -3.89
N ALA A 115 -5.56 38.31 -4.60
CA ALA A 115 -5.59 39.54 -5.42
C ALA A 115 -6.59 39.39 -6.57
N LEU A 116 -6.52 38.26 -7.28
CA LEU A 116 -7.38 37.95 -8.47
C LEU A 116 -8.84 37.81 -8.03
N SER A 117 -9.10 37.24 -6.85
CA SER A 117 -10.46 37.02 -6.28
C SER A 117 -11.20 38.35 -6.15
N GLU A 118 -10.48 39.47 -5.97
CA GLU A 118 -11.06 40.83 -5.75
C GLU A 118 -11.03 41.64 -7.06
N ILE A 119 -10.46 41.10 -8.14
CA ILE A 119 -10.31 41.79 -9.46
C ILE A 119 -11.25 41.16 -10.49
N ILE A 120 -11.27 39.83 -10.58
CA ILE A 120 -12.13 39.06 -11.54
C ILE A 120 -13.60 39.40 -11.26
N PRO A 121 -14.38 39.86 -12.26
CA PRO A 121 -15.79 40.14 -12.07
C PRO A 121 -16.63 38.94 -11.62
N THR A 122 -17.51 39.17 -10.63
CA THR A 122 -18.37 38.16 -9.97
C THR A 122 -19.75 38.10 -10.64
N LYS A 123 -20.10 39.12 -11.44
CA LYS A 123 -21.34 39.18 -12.25
C LYS A 123 -20.97 39.16 -13.74
N GLY A 124 -21.75 38.45 -14.55
CA GLY A 124 -21.63 38.45 -16.02
C GLY A 124 -20.59 37.44 -16.52
N ASP A 125 -20.54 37.24 -17.85
CA ASP A 125 -19.64 36.29 -18.54
C ASP A 125 -18.22 36.89 -18.57
N LEU A 126 -17.20 36.02 -18.69
CA LEU A 126 -15.76 36.40 -18.69
C LEU A 126 -15.06 35.78 -19.91
N GLU A 127 -14.16 36.53 -20.54
CA GLU A 127 -13.30 36.09 -21.66
C GLU A 127 -11.85 36.39 -21.28
N VAL A 128 -11.14 35.40 -20.73
CA VAL A 128 -9.85 35.62 -20.01
C VAL A 128 -8.68 35.29 -20.94
N HIS A 129 -7.72 36.22 -21.04
CA HIS A 129 -6.52 36.16 -21.91
C HIS A 129 -5.27 36.19 -21.03
N PHE A 130 -4.39 35.19 -21.16
CA PHE A 130 -3.22 34.99 -20.27
C PHE A 130 -1.93 34.93 -21.08
N ASP A 131 -0.99 35.85 -20.82
CA ASP A 131 0.35 35.92 -21.46
C ASP A 131 1.39 35.31 -20.52
N SER A 132 2.06 34.25 -20.95
CA SER A 132 3.12 33.53 -20.19
C SER A 132 4.48 33.70 -20.87
N THR A 133 4.64 34.70 -21.74
CA THR A 133 5.86 34.93 -22.57
C THR A 133 7.03 35.31 -21.65
N HIS A 134 6.80 36.27 -20.76
CA HIS A 134 7.85 37.01 -19.99
C HIS A 134 8.02 36.44 -18.58
N GLY A 135 7.13 35.53 -18.17
CA GLY A 135 6.97 35.12 -16.76
C GLY A 135 8.14 34.29 -16.25
N LEU A 136 8.31 34.27 -14.92
CA LEU A 136 9.13 33.26 -14.19
C LEU A 136 8.31 31.97 -14.11
N ASN A 137 8.85 30.86 -14.63
CA ASN A 137 8.14 29.55 -14.72
C ASN A 137 7.26 29.31 -13.49
N TYR A 138 7.72 29.67 -12.29
CA TYR A 138 7.09 29.28 -10.99
C TYR A 138 6.02 30.30 -10.59
N VAL A 139 6.18 31.59 -10.93
CA VAL A 139 5.12 32.62 -10.74
C VAL A 139 4.02 32.39 -11.79
N THR A 140 4.42 32.10 -13.03
CA THR A 140 3.50 31.81 -14.18
C THR A 140 2.61 30.62 -13.84
N LEU A 141 3.20 29.48 -13.45
CA LEU A 141 2.46 28.24 -13.13
C LEU A 141 1.44 28.51 -12.01
N LEU A 142 1.87 29.22 -10.96
CA LEU A 142 1.03 29.54 -9.78
C LEU A 142 -0.07 30.54 -10.18
N THR A 143 0.27 31.53 -11.01
CA THR A 143 -0.68 32.54 -11.55
C THR A 143 -1.71 31.83 -12.43
N TYR A 144 -1.26 30.90 -13.29
CA TYR A 144 -2.11 30.03 -14.15
C TYR A 144 -3.05 29.21 -13.25
N ARG A 145 -2.47 28.46 -12.30
CA ARG A 145 -3.21 27.59 -11.34
C ARG A 145 -4.27 28.42 -10.61
N ALA A 146 -3.88 29.58 -10.07
CA ALA A 146 -4.74 30.52 -9.31
C ALA A 146 -5.89 31.00 -10.18
N LEU A 147 -5.57 31.46 -11.40
CA LEU A 147 -6.55 32.01 -12.38
C LEU A 147 -7.63 30.95 -12.66
N LYS A 148 -7.21 29.76 -13.09
CA LYS A 148 -8.13 28.65 -13.49
C LYS A 148 -9.02 28.23 -12.32
N ASP A 149 -8.46 28.14 -11.11
CA ASP A 149 -9.17 27.71 -9.88
C ASP A 149 -10.40 28.61 -9.66
N LEU A 150 -10.23 29.92 -9.80
CA LEU A 150 -11.32 30.92 -9.59
C LEU A 150 -12.30 30.90 -10.78
N LEU A 151 -11.79 30.77 -12.01
CA LEU A 151 -12.61 30.74 -13.25
C LEU A 151 -13.55 29.53 -13.22
N GLY A 152 -13.06 28.37 -12.76
CA GLY A 152 -13.86 27.14 -12.58
C GLY A 152 -15.04 27.37 -11.65
N ILE A 153 -14.89 28.27 -10.66
CA ILE A 153 -15.98 28.70 -9.73
C ILE A 153 -16.86 29.73 -10.45
N ALA A 154 -16.25 30.64 -11.21
CA ALA A 154 -16.96 31.68 -12.00
C ALA A 154 -17.89 31.02 -13.02
N ALA A 155 -17.52 29.84 -13.52
CA ALA A 155 -18.21 29.10 -14.60
C ALA A 155 -19.46 28.37 -14.08
N VAL A 156 -19.70 28.37 -12.77
CA VAL A 156 -20.92 27.75 -12.15
C VAL A 156 -22.14 28.56 -12.57
N MET A 157 -21.96 29.88 -12.79
CA MET A 157 -23.06 30.85 -13.01
C MET A 157 -22.96 31.53 -14.39
N ASN A 158 -21.77 31.60 -14.99
CA ASN A 158 -21.50 32.42 -16.20
C ASN A 158 -20.65 31.63 -17.20
N THR A 159 -20.59 32.10 -18.45
CA THR A 159 -19.76 31.52 -19.53
C THR A 159 -18.36 32.10 -19.41
N VAL A 160 -17.35 31.23 -19.29
CA VAL A 160 -15.91 31.61 -19.12
C VAL A 160 -15.11 30.86 -20.18
N THR A 161 -14.56 31.60 -21.16
CA THR A 161 -13.63 31.07 -22.19
C THR A 161 -12.24 31.60 -21.83
N PHE A 162 -11.21 30.77 -22.02
CA PHE A 162 -9.82 31.02 -21.56
C PHE A 162 -8.84 30.79 -22.70
N TYR A 163 -8.13 31.85 -23.11
CA TYR A 163 -7.02 31.81 -24.09
C TYR A 163 -5.72 32.11 -23.35
N ALA A 164 -4.66 31.34 -23.64
CA ALA A 164 -3.27 31.61 -23.21
C ALA A 164 -2.43 31.92 -24.45
N TYR A 165 -1.44 32.81 -24.30
CA TYR A 165 -0.50 33.21 -25.38
C TYR A 165 0.93 33.12 -24.84
N ASN A 166 1.84 32.60 -25.67
CA ASN A 166 3.31 32.61 -25.43
C ASN A 166 4.00 32.94 -26.77
N SER A 167 5.12 33.68 -26.70
CA SER A 167 5.85 34.21 -27.88
C SER A 167 6.84 33.13 -28.34
N ASP A 168 7.18 33.11 -29.62
CA ASP A 168 8.34 32.34 -30.13
C ASP A 168 9.50 32.68 -29.22
N PRO A 169 10.43 31.74 -28.95
CA PRO A 169 11.53 32.00 -28.03
C PRO A 169 12.52 32.99 -28.68
N PHE A 170 12.97 33.98 -27.90
CA PHE A 170 13.82 35.11 -28.37
C PHE A 170 15.28 34.68 -28.37
N VAL A 171 15.96 34.94 -29.49
CA VAL A 171 17.38 34.53 -29.75
C VAL A 171 18.21 35.81 -29.91
N PRO A 172 19.23 36.05 -29.04
CA PRO A 172 19.89 37.35 -28.93
C PRO A 172 20.09 38.14 -30.22
N LYS A 173 20.44 37.50 -31.34
CA LYS A 173 20.64 38.17 -32.66
C LYS A 173 20.30 37.26 -33.85
N ILE A 174 19.37 36.32 -33.70
CA ILE A 174 18.77 35.55 -34.83
C ILE A 174 17.32 36.06 -35.04
N THR A 175 16.82 36.86 -34.09
CA THR A 175 15.40 37.25 -33.96
C THR A 175 15.15 38.58 -34.68
N LYS A 176 14.37 38.54 -35.77
CA LYS A 176 13.80 39.74 -36.44
C LYS A 176 12.45 40.07 -35.79
N GLU A 177 11.55 39.09 -35.78
CA GLU A 177 10.15 39.20 -35.27
C GLU A 177 9.79 37.89 -34.54
N LEU A 178 8.99 37.99 -33.47
CA LEU A 178 8.41 36.83 -32.75
C LEU A 178 6.89 36.84 -32.93
N ASN A 179 6.33 35.78 -33.50
CA ASN A 179 4.86 35.54 -33.51
C ASN A 179 4.42 35.25 -32.07
N ILE A 180 3.36 35.91 -31.60
CA ILE A 180 2.71 35.61 -30.29
C ILE A 180 1.68 34.51 -30.53
N ASN A 181 2.07 33.25 -30.32
CA ASN A 181 1.25 32.05 -30.63
C ASN A 181 0.15 31.88 -29.58
N THR A 182 -1.03 31.42 -29.99
CA THR A 182 -2.12 30.94 -29.10
C THR A 182 -1.82 29.46 -28.74
N ILE A 183 -1.58 29.18 -27.46
CA ILE A 183 -1.14 27.83 -26.97
C ILE A 183 -2.30 27.10 -26.29
N GLU A 184 -3.45 27.75 -26.09
CA GLU A 184 -4.61 27.18 -25.37
C GLU A 184 -5.86 28.02 -25.61
N THR A 185 -7.00 27.37 -25.88
CA THR A 185 -8.37 27.94 -25.84
C THR A 185 -9.30 26.92 -25.17
N THR A 186 -10.12 27.37 -24.22
CA THR A 186 -10.91 26.47 -23.32
C THR A 186 -12.25 27.11 -22.96
N MET A 187 -13.35 26.44 -23.31
CA MET A 187 -14.65 26.55 -22.57
C MET A 187 -14.40 26.05 -21.15
N VAL A 188 -14.21 26.95 -20.17
CA VAL A 188 -13.90 26.56 -18.77
C VAL A 188 -15.12 25.84 -18.18
N LYS A 189 -14.91 24.63 -17.65
CA LYS A 189 -15.98 23.75 -17.09
C LYS A 189 -16.34 24.23 -15.69
N PRO A 190 -17.63 24.15 -15.28
CA PRO A 190 -18.02 24.42 -13.90
C PRO A 190 -17.39 23.47 -12.87
N THR A 191 -16.73 24.02 -11.85
CA THR A 191 -16.13 23.28 -10.71
C THR A 191 -16.45 24.01 -9.42
N PRO A 192 -17.65 23.78 -8.83
CA PRO A 192 -17.95 24.30 -7.49
C PRO A 192 -16.92 23.79 -6.47
N LEU A 193 -16.52 24.66 -5.54
CA LEU A 193 -15.60 24.31 -4.43
C LEU A 193 -15.94 22.91 -3.90
N SER A 194 -14.96 22.01 -3.87
CA SER A 194 -15.10 20.59 -3.44
C SER A 194 -14.23 20.29 -2.21
N GLU A 195 -13.59 21.32 -1.63
CA GLU A 195 -12.72 21.22 -0.42
C GLU A 195 -13.58 21.41 0.82
N PRO A 196 -13.42 20.60 1.89
CA PRO A 196 -13.85 21.00 3.23
C PRO A 196 -12.83 22.00 3.79
N LEU A 197 -13.25 22.82 4.78
CA LEU A 197 -12.33 23.71 5.54
C LEU A 197 -11.41 22.83 6.39
N PRO A 198 -10.07 23.07 6.37
CA PRO A 198 -9.13 22.23 7.08
C PRO A 198 -8.97 22.54 8.58
N GLY A 199 -8.17 21.71 9.26
CA GLY A 199 -7.79 21.89 10.68
C GLY A 199 -7.08 23.21 10.89
N PHE A 200 -7.00 23.68 12.14
CA PHE A 200 -6.65 25.07 12.50
C PHE A 200 -5.13 25.26 12.51
N ASP A 201 -4.37 24.23 12.11
CA ASP A 201 -2.91 24.30 11.83
C ASP A 201 -2.66 24.95 10.47
N GLU A 202 -3.69 25.03 9.61
CA GLU A 202 -3.54 25.08 8.12
C GLU A 202 -4.10 26.37 7.52
N TYR A 203 -4.22 27.45 8.31
CA TYR A 203 -4.62 28.80 7.81
C TYR A 203 -3.38 29.68 7.73
N LEU A 204 -2.65 29.79 8.84
CA LEU A 204 -1.27 30.33 8.88
C LEU A 204 -0.35 29.30 9.53
N CYS A 205 0.91 29.26 9.11
CA CYS A 205 2.00 28.42 9.67
C CYS A 205 3.22 29.30 9.93
N PRO A 206 4.10 28.95 10.89
CA PRO A 206 5.33 29.71 11.10
C PRO A 206 6.39 29.25 10.10
N TYR A 207 6.81 30.13 9.18
CA TYR A 207 7.95 29.85 8.27
C TYR A 207 9.25 29.96 9.07
N SER A 208 9.42 31.12 9.73
CA SER A 208 10.57 31.46 10.61
C SER A 208 10.05 32.32 11.77
N MET A 209 9.43 31.68 12.76
CA MET A 209 8.88 32.33 13.98
C MET A 209 9.01 31.37 15.16
N GLU A 210 9.35 31.90 16.34
CA GLU A 210 9.49 31.14 17.61
C GLU A 210 8.14 30.47 17.93
N ARG A 211 8.17 29.20 18.35
CA ARG A 211 6.98 28.37 18.65
C ARG A 211 5.98 29.18 19.49
N ALA A 212 6.44 29.78 20.59
CA ALA A 212 5.60 30.48 21.59
C ALA A 212 4.98 31.75 20.97
N GLU A 213 5.75 32.50 20.17
CA GLU A 213 5.26 33.76 19.54
C GLU A 213 4.14 33.43 18.56
N PHE A 214 4.29 32.39 17.75
CA PHE A 214 3.28 31.93 16.77
C PHE A 214 2.02 31.47 17.51
N VAL A 215 2.19 30.77 18.64
CA VAL A 215 1.06 30.28 19.50
C VAL A 215 0.22 31.49 19.95
N ARG A 216 0.87 32.62 20.28
CA ARG A 216 0.19 33.87 20.71
C ARG A 216 -0.62 34.44 19.53
N LEU A 217 -0.04 34.48 18.33
CA LEU A 217 -0.69 35.02 17.10
C LEU A 217 -1.93 34.17 16.75
N LYS A 218 -1.71 32.89 16.43
CA LYS A 218 -2.78 31.88 16.20
C LYS A 218 -3.91 32.11 17.21
N GLY A 219 -3.55 32.17 18.51
CA GLY A 219 -4.50 32.30 19.64
C GLY A 219 -5.25 33.61 19.65
N SER A 220 -4.70 34.67 19.05
CA SER A 220 -5.29 36.04 19.04
C SER A 220 -6.28 36.21 17.90
N LEU A 221 -6.20 35.37 16.85
CA LEU A 221 -7.03 35.48 15.61
C LEU A 221 -8.50 35.18 15.94
N ASN A 222 -9.38 36.13 15.65
CA ASN A 222 -10.86 35.99 15.77
C ASN A 222 -11.36 34.94 14.77
N THR A 223 -10.66 34.76 13.66
CA THR A 223 -10.97 33.77 12.58
C THR A 223 -11.05 32.36 13.17
N LEU A 224 -9.92 31.81 13.62
CA LEU A 224 -9.78 30.41 14.11
C LEU A 224 -10.77 30.14 15.26
N LYS A 225 -11.28 31.20 15.91
CA LYS A 225 -12.28 31.12 17.01
C LYS A 225 -13.69 30.95 16.41
N ASN A 226 -14.11 31.89 15.56
CA ASN A 226 -15.47 31.92 14.94
C ASN A 226 -15.64 30.70 14.02
N LEU A 227 -14.57 30.31 13.32
CA LEU A 227 -14.57 29.23 12.30
C LEU A 227 -14.75 27.86 12.96
N ARG A 228 -14.33 27.71 14.23
CA ARG A 228 -14.40 26.44 15.00
C ARG A 228 -15.86 26.00 15.14
N LYS A 229 -16.77 26.96 15.34
CA LYS A 229 -18.23 26.74 15.56
C LYS A 229 -18.96 26.73 14.20
N GLU A 230 -18.42 27.46 13.22
CA GLU A 230 -19.11 27.81 11.94
C GLU A 230 -18.60 26.93 10.79
N LYS A 231 -17.61 26.07 11.04
CA LYS A 231 -17.01 25.12 10.07
C LYS A 231 -18.10 24.30 9.38
N LYS A 232 -18.98 23.68 10.18
CA LYS A 232 -20.03 22.72 9.75
C LYS A 232 -20.96 23.40 8.73
N LYS A 233 -21.49 24.58 9.07
CA LYS A 233 -22.50 25.32 8.26
C LYS A 233 -21.89 25.74 6.91
N LEU A 234 -20.64 26.22 6.91
CA LEU A 234 -19.93 26.63 5.66
C LEU A 234 -19.67 25.40 4.79
N GLU A 235 -19.31 24.27 5.40
CA GLU A 235 -19.05 22.98 4.69
C GLU A 235 -20.37 22.47 4.10
N ALA A 236 -21.48 22.58 4.82
CA ALA A 236 -22.83 22.18 4.37
C ALA A 236 -23.21 22.96 3.12
N TRP A 237 -22.85 24.25 3.06
CA TRP A 237 -23.14 25.15 1.90
C TRP A 237 -22.28 24.74 0.71
N ILE A 238 -20.97 24.53 0.92
CA ILE A 238 -20.02 24.05 -0.11
C ILE A 238 -20.64 22.82 -0.80
N GLY A 239 -21.10 21.85 0.00
CA GLY A 239 -21.67 20.57 -0.47
C GLY A 239 -23.01 20.76 -1.16
N SER A 240 -23.74 21.85 -0.85
CA SER A 240 -25.07 22.16 -1.43
C SER A 240 -24.96 22.33 -2.95
N LEU A 241 -23.89 22.99 -3.43
CA LEU A 241 -23.60 23.15 -4.88
C LEU A 241 -23.11 21.83 -5.46
N LEU A 242 -22.18 21.17 -4.75
CA LEU A 242 -21.47 19.94 -5.21
C LEU A 242 -22.50 18.83 -5.48
N PHE A 243 -23.43 18.61 -4.54
CA PHE A 243 -24.33 17.42 -4.48
C PHE A 243 -25.74 17.74 -5.00
N GLY A 244 -26.05 19.02 -5.25
CA GLY A 244 -27.34 19.46 -5.83
C GLY A 244 -28.43 19.56 -4.79
N LEU A 245 -28.26 20.44 -3.80
CA LEU A 245 -29.20 20.63 -2.66
C LEU A 245 -29.65 22.09 -2.64
N PRO A 246 -30.72 22.45 -3.40
CA PRO A 246 -31.08 23.85 -3.60
C PRO A 246 -31.65 24.54 -2.34
N LEU A 247 -32.36 23.79 -1.49
CA LEU A 247 -32.92 24.31 -0.22
C LEU A 247 -31.76 24.65 0.73
N LEU A 248 -30.82 23.70 0.92
CA LEU A 248 -29.63 23.87 1.79
C LEU A 248 -28.80 25.07 1.29
N PHE A 249 -28.69 25.21 -0.03
CA PHE A 249 -27.96 26.34 -0.69
C PHE A 249 -28.44 27.67 -0.09
N LEU A 250 -29.76 27.84 0.04
CA LEU A 250 -30.41 29.10 0.49
C LEU A 250 -30.29 29.26 2.01
N GLU A 251 -30.60 28.22 2.79
CA GLU A 251 -30.68 28.28 4.27
C GLU A 251 -29.28 28.50 4.85
N GLU A 252 -28.24 27.88 4.27
CA GLU A 252 -26.85 27.91 4.79
C GLU A 252 -26.02 29.01 4.11
N PHE A 253 -26.65 29.88 3.31
CA PHE A 253 -25.91 30.88 2.49
C PHE A 253 -25.01 31.70 3.41
N PRO A 254 -23.67 31.64 3.24
CA PRO A 254 -22.74 32.26 4.19
C PRO A 254 -22.88 33.78 4.28
N ASP A 255 -22.54 34.35 5.44
CA ASP A 255 -22.43 35.81 5.64
C ASP A 255 -21.13 36.27 4.95
N ILE A 256 -21.26 37.03 3.86
CA ILE A 256 -20.10 37.50 3.04
C ILE A 256 -19.24 38.44 3.88
N GLY A 257 -19.87 39.30 4.70
CA GLY A 257 -19.19 40.19 5.64
C GLY A 257 -18.21 39.45 6.53
N ARG A 258 -18.68 38.38 7.18
CA ARG A 258 -17.86 37.53 8.11
C ARG A 258 -16.72 36.87 7.34
N LEU A 259 -16.93 36.47 6.08
CA LEU A 259 -15.90 35.80 5.23
C LEU A 259 -14.80 36.81 4.86
N GLU A 260 -15.18 38.06 4.51
CA GLU A 260 -14.24 39.16 4.18
C GLU A 260 -13.35 39.43 5.40
N SER A 261 -13.97 39.58 6.58
CA SER A 261 -13.31 39.77 7.89
C SER A 261 -12.21 38.72 8.08
N TYR A 262 -12.56 37.44 7.92
CA TYR A 262 -11.65 36.28 8.15
C TYR A 262 -10.45 36.37 7.21
N ILE A 263 -10.69 36.64 5.91
CA ILE A 263 -9.64 36.69 4.87
C ILE A 263 -8.74 37.91 5.10
N GLU A 264 -9.34 39.08 5.34
CA GLU A 264 -8.60 40.33 5.63
C GLU A 264 -7.67 40.08 6.83
N GLU A 265 -8.23 39.66 7.97
CA GLU A 265 -7.48 39.41 9.24
C GLU A 265 -6.25 38.54 8.95
N LEU A 266 -6.43 37.41 8.27
CA LEU A 266 -5.36 36.42 7.99
C LEU A 266 -4.30 37.05 7.06
N ALA A 267 -4.75 37.82 6.06
CA ALA A 267 -3.89 38.52 5.07
C ALA A 267 -3.09 39.63 5.77
N GLU A 268 -3.67 40.30 6.78
CA GLU A 268 -2.99 41.33 7.61
C GLU A 268 -1.89 40.66 8.45
N THR A 269 -2.29 39.69 9.28
CA THR A 269 -1.40 38.89 10.17
C THR A 269 -0.16 38.44 9.38
N TRP A 270 -0.35 37.90 8.17
CA TRP A 270 0.72 37.38 7.29
C TRP A 270 1.64 38.53 6.83
N GLY A 271 1.04 39.63 6.38
CA GLY A 271 1.76 40.84 5.90
C GLY A 271 2.51 41.52 7.03
N GLY A 272 1.89 41.62 8.21
CA GLY A 272 2.47 42.24 9.42
C GLY A 272 3.67 41.46 9.96
N ALA A 273 3.78 40.17 9.61
CA ALA A 273 4.87 39.26 10.03
C ALA A 273 6.01 39.27 9.01
N ILE A 274 6.02 40.22 8.07
CA ILE A 274 7.09 40.35 7.04
C ILE A 274 8.22 41.22 7.61
N ALA A 275 9.31 40.58 8.01
CA ALA A 275 10.54 41.20 8.55
C ALA A 275 11.45 41.62 7.39
N VAL A 276 11.70 42.93 7.25
CA VAL A 276 12.61 43.52 6.24
C VAL A 276 13.77 44.19 6.98
N ASN A 277 14.98 43.68 6.78
CA ASN A 277 16.22 44.17 7.46
C ASN A 277 16.96 45.12 6.51
N ALA A 278 16.89 46.43 6.81
CA ALA A 278 17.35 47.55 5.96
C ALA A 278 18.84 47.40 5.62
N GLU A 279 19.67 47.14 6.63
CA GLU A 279 21.16 47.14 6.52
C GLU A 279 21.60 46.02 5.56
N GLU A 280 21.18 44.77 5.83
CA GLU A 280 21.71 43.54 5.19
C GLU A 280 20.84 43.14 4.00
N LYS A 281 19.80 43.92 3.69
CA LYS A 281 18.97 43.79 2.45
C LYS A 281 18.43 42.35 2.36
N ALA A 282 17.46 42.01 3.21
CA ALA A 282 16.92 40.64 3.37
C ALA A 282 15.48 40.69 3.91
N VAL A 283 14.52 40.21 3.13
CA VAL A 283 13.08 40.10 3.51
C VAL A 283 12.82 38.67 3.99
N THR A 284 12.18 38.54 5.16
CA THR A 284 11.75 37.25 5.77
C THR A 284 10.24 37.33 6.04
N ARG A 285 9.45 36.49 5.36
CA ARG A 285 7.98 36.36 5.57
C ARG A 285 7.78 35.27 6.63
N ARG A 286 7.71 35.70 7.90
CA ARG A 286 7.88 34.83 9.10
C ARG A 286 6.67 33.89 9.23
N LEU A 287 5.54 34.26 8.62
CA LEU A 287 4.35 33.38 8.46
C LEU A 287 4.24 32.93 7.00
N ALA A 288 3.70 31.72 6.79
CA ALA A 288 3.33 31.16 5.47
C ALA A 288 1.82 30.96 5.43
N PHE A 289 1.21 31.20 4.26
CA PHE A 289 -0.23 30.92 4.02
C PHE A 289 -0.44 29.40 3.96
N GLY A 290 -1.50 28.91 4.61
CA GLY A 290 -1.95 27.51 4.53
C GLY A 290 -3.09 27.37 3.53
N SER A 291 -3.50 26.13 3.23
CA SER A 291 -4.60 25.82 2.29
C SER A 291 -5.93 26.35 2.84
N GLY A 292 -6.06 26.42 4.16
CA GLY A 292 -7.20 27.05 4.86
C GLY A 292 -7.48 28.45 4.33
N PHE A 293 -6.43 29.21 4.04
CA PHE A 293 -6.51 30.57 3.45
C PHE A 293 -7.07 30.46 2.03
N GLY A 294 -6.48 29.56 1.21
CA GLY A 294 -6.90 29.28 -0.16
C GLY A 294 -8.37 28.91 -0.24
N THR A 295 -8.82 27.98 0.61
CA THR A 295 -10.21 27.47 0.68
C THR A 295 -11.16 28.65 0.96
N LEU A 296 -10.78 29.56 1.86
CA LEU A 296 -11.62 30.72 2.26
C LEU A 296 -11.74 31.70 1.09
N VAL A 297 -10.63 32.01 0.41
CA VAL A 297 -10.60 32.94 -0.75
C VAL A 297 -11.61 32.46 -1.80
N LYS A 298 -11.51 31.18 -2.19
CA LYS A 298 -12.43 30.51 -3.15
C LYS A 298 -13.86 30.54 -2.61
N LEU A 299 -14.05 30.10 -1.36
CA LEU A 299 -15.37 30.01 -0.71
C LEU A 299 -16.09 31.36 -0.86
N LEU A 300 -15.43 32.46 -0.46
CA LEU A 300 -15.98 33.83 -0.56
C LEU A 300 -16.33 34.13 -2.03
N PHE A 301 -15.43 33.80 -2.96
CA PHE A 301 -15.62 34.03 -4.42
C PHE A 301 -16.87 33.30 -4.90
N GLN A 302 -17.04 32.03 -4.49
CA GLN A 302 -18.21 31.19 -4.83
C GLN A 302 -19.48 31.84 -4.28
N ALA A 303 -19.41 32.45 -3.10
CA ALA A 303 -20.54 33.15 -2.43
C ALA A 303 -20.87 34.43 -3.20
N ARG A 304 -19.85 35.21 -3.56
CA ARG A 304 -19.97 36.44 -4.40
C ARG A 304 -20.64 36.10 -5.74
N ILE A 305 -20.22 35.00 -6.37
CA ILE A 305 -20.64 34.53 -7.72
C ILE A 305 -22.14 34.18 -7.70
N THR A 306 -22.65 33.69 -6.57
CA THR A 306 -24.00 33.05 -6.44
C THR A 306 -24.92 33.85 -5.51
N ARG A 307 -24.57 35.09 -5.14
CA ARG A 307 -25.36 35.92 -4.19
C ARG A 307 -26.63 36.46 -4.86
N GLY A 308 -26.63 36.57 -6.20
CA GLY A 308 -27.77 37.06 -6.99
C GLY A 308 -29.00 36.15 -6.88
N LEU A 309 -28.88 35.01 -6.18
CA LEU A 309 -29.95 33.98 -6.06
C LEU A 309 -30.57 33.99 -4.66
N LEU A 310 -29.94 34.64 -3.67
CA LEU A 310 -30.42 34.61 -2.27
C LEU A 310 -31.69 35.46 -2.14
N VAL A 311 -32.62 35.04 -1.26
CA VAL A 311 -33.89 35.74 -0.95
C VAL A 311 -34.25 35.46 0.53
N GLU A 312 -35.34 36.04 1.02
CA GLU A 312 -35.77 35.96 2.45
C GLU A 312 -36.48 34.62 2.69
N GLU A 313 -36.80 34.33 3.96
CA GLU A 313 -36.90 32.96 4.53
C GLU A 313 -37.96 32.11 3.83
N PRO A 314 -39.12 32.64 3.36
CA PRO A 314 -40.08 31.81 2.63
C PRO A 314 -39.52 31.33 1.28
N TYR A 315 -39.27 30.02 1.17
CA TYR A 315 -38.66 29.37 -0.02
C TYR A 315 -39.71 28.56 -0.76
N SER A 316 -40.20 29.10 -1.88
CA SER A 316 -41.25 28.48 -2.75
C SER A 316 -40.61 27.42 -3.65
N ILE A 317 -41.35 26.37 -3.96
CA ILE A 317 -40.96 25.31 -4.95
C ILE A 317 -40.62 25.98 -6.28
N GLU A 318 -41.29 27.10 -6.61
CA GLU A 318 -41.00 27.92 -7.82
C GLU A 318 -39.60 28.52 -7.72
N LYS A 319 -39.23 29.09 -6.57
CA LYS A 319 -37.91 29.71 -6.33
C LYS A 319 -36.83 28.62 -6.38
N LEU A 320 -37.10 27.46 -5.79
CA LEU A 320 -36.18 26.29 -5.78
C LEU A 320 -35.91 25.84 -7.21
N TYR A 321 -36.95 25.77 -8.06
CA TYR A 321 -36.83 25.44 -9.50
C TYR A 321 -35.85 26.42 -10.17
N SER A 322 -35.99 27.72 -9.92
CA SER A 322 -35.22 28.81 -10.58
C SER A 322 -33.76 28.80 -10.10
N VAL A 323 -33.55 28.72 -8.78
CA VAL A 323 -32.21 28.54 -8.15
C VAL A 323 -31.52 27.35 -8.82
N SER A 324 -32.24 26.22 -8.94
CA SER A 324 -31.70 24.91 -9.38
C SER A 324 -31.20 24.98 -10.83
N ASP A 325 -31.92 25.67 -11.71
CA ASP A 325 -31.57 25.77 -13.15
C ASP A 325 -30.32 26.65 -13.33
N ARG A 326 -30.01 27.53 -12.37
CA ARG A 326 -28.80 28.40 -12.41
C ARG A 326 -27.57 27.61 -11.95
N LEU A 327 -27.65 26.93 -10.80
CA LEU A 327 -26.49 26.29 -10.12
C LEU A 327 -26.15 24.95 -10.80
N PHE A 328 -27.17 24.14 -11.11
CA PHE A 328 -27.05 22.68 -11.37
C PHE A 328 -27.14 22.38 -12.87
N ARG A 329 -26.64 21.19 -13.24
CA ARG A 329 -26.39 20.77 -14.64
C ARG A 329 -26.51 19.25 -14.74
N GLY A 330 -26.36 18.70 -15.95
CA GLY A 330 -26.36 17.25 -16.22
C GLY A 330 -27.51 16.54 -15.52
N SER A 331 -27.21 15.47 -14.77
CA SER A 331 -28.21 14.57 -14.12
C SER A 331 -28.52 15.05 -12.70
N THR A 332 -27.70 15.97 -12.16
CA THR A 332 -27.94 16.62 -10.84
C THR A 332 -29.22 17.46 -10.95
N LEU A 333 -29.24 18.38 -11.93
CA LEU A 333 -30.40 19.29 -12.20
C LEU A 333 -31.68 18.47 -12.36
N GLN A 334 -31.63 17.39 -13.14
CA GLN A 334 -32.84 16.60 -13.54
C GLN A 334 -33.42 15.87 -12.33
N ARG A 335 -32.60 15.34 -11.42
CA ARG A 335 -33.09 14.67 -10.19
C ARG A 335 -33.73 15.72 -9.27
N VAL A 336 -33.13 16.91 -9.20
CA VAL A 336 -33.68 18.06 -8.40
C VAL A 336 -35.08 18.38 -8.93
N ARG A 337 -35.21 18.57 -10.25
CA ARG A 337 -36.48 18.90 -10.94
C ARG A 337 -37.52 17.81 -10.64
N VAL A 338 -37.11 16.54 -10.69
CA VAL A 338 -37.97 15.35 -10.40
C VAL A 338 -38.45 15.41 -8.95
N GLU A 339 -37.53 15.64 -8.00
CA GLU A 339 -37.82 15.70 -6.54
C GLU A 339 -38.79 16.84 -6.26
N LEU A 340 -38.58 18.01 -6.89
CA LEU A 340 -39.47 19.19 -6.77
C LEU A 340 -40.79 18.90 -7.49
N GLY A 341 -40.75 18.13 -8.58
CA GLY A 341 -41.92 17.69 -9.36
C GLY A 341 -42.92 16.93 -8.51
N LYS A 342 -42.45 15.96 -7.71
CA LYS A 342 -43.34 15.04 -6.94
C LYS A 342 -43.96 15.77 -5.75
N ILE A 343 -43.30 16.82 -5.24
CA ILE A 343 -43.82 17.64 -4.09
C ILE A 343 -44.82 18.66 -4.65
N GLU A 344 -44.51 19.31 -5.78
CA GLU A 344 -45.40 20.27 -6.47
C GLU A 344 -46.70 19.57 -6.89
N ASP A 345 -46.60 18.34 -7.42
CA ASP A 345 -47.75 17.55 -7.92
C ASP A 345 -48.68 17.21 -6.75
N LYS A 346 -48.11 16.79 -5.61
CA LYS A 346 -48.88 16.47 -4.39
C LYS A 346 -49.60 17.74 -3.92
N ALA A 347 -48.93 18.89 -3.95
CA ALA A 347 -49.50 20.23 -3.64
C ALA A 347 -50.76 20.47 -4.50
N ILE A 348 -50.70 20.12 -5.78
CA ILE A 348 -51.81 20.32 -6.77
C ILE A 348 -52.99 19.38 -6.40
N LYS A 349 -52.70 18.16 -5.96
CA LYS A 349 -53.73 17.19 -5.48
C LYS A 349 -54.48 17.79 -4.28
N TYR A 350 -53.73 18.31 -3.30
CA TYR A 350 -54.27 18.93 -2.06
C TYR A 350 -55.14 20.14 -2.42
N ALA A 351 -54.66 21.00 -3.33
CA ALA A 351 -55.29 22.29 -3.71
C ALA A 351 -56.67 22.06 -4.32
N ARG A 352 -56.81 21.06 -5.20
CA ARG A 352 -58.09 20.72 -5.88
C ARG A 352 -59.14 20.27 -4.85
N LYS A 353 -58.72 19.57 -3.79
CA LYS A 353 -59.59 19.14 -2.67
C LYS A 353 -59.93 20.33 -1.75
N GLY A 354 -59.35 21.50 -2.03
CA GLY A 354 -59.56 22.75 -1.25
C GLY A 354 -58.77 22.77 0.04
N ALA A 355 -57.78 21.86 0.19
CA ALA A 355 -56.96 21.67 1.41
C ALA A 355 -55.60 22.38 1.25
N PHE A 356 -55.06 22.89 2.36
CA PHE A 356 -53.75 23.59 2.43
C PHE A 356 -53.08 23.30 3.78
N PRO A 357 -52.34 22.17 3.91
CA PRO A 357 -51.63 21.87 5.16
C PRO A 357 -50.56 22.92 5.47
N ARG A 358 -50.20 23.05 6.75
CA ARG A 358 -49.21 24.04 7.26
C ARG A 358 -48.27 23.35 8.26
N ASP A 359 -46.96 23.57 8.10
CA ASP A 359 -45.92 23.16 9.08
C ASP A 359 -46.05 21.64 9.33
N ILE A 360 -46.21 20.87 8.24
CA ILE A 360 -46.42 19.39 8.24
C ILE A 360 -45.15 18.72 7.74
N PRO A 361 -44.56 17.77 8.50
CA PRO A 361 -43.48 16.93 7.99
C PRO A 361 -43.74 16.46 6.55
N LEU A 362 -42.74 16.61 5.67
CA LEU A 362 -42.82 16.25 4.22
C LEU A 362 -43.28 14.78 4.09
N ARG A 363 -42.93 13.93 5.06
CA ARG A 363 -43.34 12.50 5.10
C ARG A 363 -44.86 12.40 5.19
N ASP A 364 -45.48 13.23 6.05
CA ASP A 364 -46.95 13.23 6.29
C ASP A 364 -47.65 13.90 5.11
N PHE A 365 -46.95 14.81 4.41
CA PHE A 365 -47.43 15.54 3.20
C PHE A 365 -47.52 14.58 2.01
N LEU A 366 -46.43 13.84 1.75
CA LEU A 366 -46.35 12.79 0.69
C LEU A 366 -47.11 11.54 1.16
N GLY A 367 -47.30 11.40 2.47
CA GLY A 367 -48.05 10.29 3.08
C GLY A 367 -47.25 8.99 3.02
N PHE A 368 -46.11 8.94 3.72
CA PHE A 368 -45.23 7.76 3.83
C PHE A 368 -45.73 6.82 4.94
N ASP A 369 -45.17 5.61 4.94
CA ASP A 369 -45.27 4.62 6.04
C ASP A 369 -44.56 5.19 7.28
N ALA A 370 -44.67 4.48 8.41
CA ALA A 370 -43.93 4.78 9.66
C ALA A 370 -42.69 3.88 9.75
N ALA A 371 -42.35 3.17 8.66
CA ALA A 371 -41.30 2.14 8.60
C ALA A 371 -39.93 2.72 8.96
N ASN A 372 -39.53 3.83 8.32
CA ASN A 372 -38.17 4.42 8.48
C ASN A 372 -38.27 5.94 8.72
N ARG A 373 -37.79 6.38 9.89
CA ARG A 373 -37.64 7.82 10.25
C ARG A 373 -36.15 8.18 10.43
N GLU A 374 -35.27 7.17 10.49
CA GLU A 374 -33.79 7.39 10.56
C GLU A 374 -33.35 8.11 9.28
N VAL A 375 -32.71 9.27 9.44
CA VAL A 375 -32.24 10.14 8.33
C VAL A 375 -30.88 9.62 7.84
N SER A 376 -30.86 8.98 6.68
CA SER A 376 -29.65 8.35 6.08
C SER A 376 -28.94 9.33 5.14
N PRO A 377 -27.61 9.18 4.92
CA PRO A 377 -26.92 9.94 3.89
C PRO A 377 -27.53 9.62 2.51
N ARG A 378 -27.80 8.33 2.27
CA ARG A 378 -28.46 7.82 1.04
C ARG A 378 -29.61 8.76 0.67
N ASN A 379 -30.60 8.89 1.54
CA ASN A 379 -31.90 9.58 1.24
C ASN A 379 -31.67 11.08 1.06
N VAL A 380 -30.84 11.70 1.91
CA VAL A 380 -30.58 13.18 1.87
C VAL A 380 -29.96 13.53 0.51
N LEU A 381 -28.90 12.84 0.10
CA LEU A 381 -28.14 13.13 -1.15
C LEU A 381 -28.95 12.68 -2.37
N ALA A 382 -29.58 11.50 -2.32
CA ALA A 382 -30.35 10.91 -3.44
C ALA A 382 -31.53 11.81 -3.82
N HIS A 383 -32.09 12.54 -2.85
CA HIS A 383 -33.36 13.32 -3.00
C HIS A 383 -33.08 14.83 -2.96
N ALA A 384 -31.97 15.27 -3.54
CA ALA A 384 -31.60 16.70 -3.69
C ALA A 384 -31.69 17.42 -2.34
N GLY A 385 -31.41 16.71 -1.24
CA GLY A 385 -31.43 17.28 0.13
C GLY A 385 -32.83 17.42 0.71
N LEU A 386 -33.88 17.05 -0.06
CA LEU A 386 -35.30 17.19 0.37
C LEU A 386 -35.82 15.84 0.87
N GLU A 387 -35.23 15.37 1.97
CA GLU A 387 -35.55 14.07 2.64
C GLU A 387 -36.77 14.28 3.55
N ALA A 388 -37.73 13.35 3.50
CA ALA A 388 -39.09 13.48 4.08
C ALA A 388 -39.03 13.72 5.59
N ASN A 389 -38.04 13.16 6.28
CA ASN A 389 -37.92 13.16 7.77
C ASN A 389 -37.26 14.46 8.28
N VAL A 390 -36.85 15.37 7.41
CA VAL A 390 -36.11 16.61 7.81
C VAL A 390 -36.75 17.87 7.22
N VAL A 391 -37.67 17.75 6.24
CA VAL A 391 -38.30 18.92 5.58
C VAL A 391 -39.74 19.06 6.09
N GLU A 392 -40.18 20.32 6.24
CA GLU A 392 -41.53 20.72 6.72
C GLU A 392 -42.20 21.54 5.60
N VAL A 393 -43.28 21.01 5.02
CA VAL A 393 -44.04 21.68 3.92
C VAL A 393 -45.05 22.64 4.55
N SER A 394 -45.32 23.77 3.88
CA SER A 394 -46.35 24.76 4.24
C SER A 394 -46.98 25.34 2.98
N MET A 395 -48.20 24.89 2.64
CA MET A 395 -49.02 25.48 1.56
C MET A 395 -49.74 26.73 2.11
N GLU A 396 -49.57 27.86 1.41
CA GLU A 396 -50.20 29.16 1.74
C GLU A 396 -51.52 29.26 0.97
N ALA A 397 -52.66 29.24 1.69
CA ALA A 397 -54.02 29.11 1.14
C ALA A 397 -54.28 30.18 0.06
N TRP A 398 -54.81 29.75 -1.09
CA TRP A 398 -55.25 30.61 -2.22
C TRP A 398 -56.41 29.90 -2.94
N GLU A 399 -57.43 30.64 -3.36
CA GLU A 399 -58.57 30.12 -4.16
C GLU A 399 -58.01 29.60 -5.50
N PRO A 400 -57.85 28.27 -5.68
CA PRO A 400 -57.27 27.73 -6.90
C PRO A 400 -58.14 28.05 -8.12
N LYS A 401 -57.54 28.11 -9.31
CA LYS A 401 -58.29 28.17 -10.60
C LYS A 401 -57.51 27.40 -11.69
N ARG A 402 -56.17 27.44 -11.65
CA ARG A 402 -55.28 26.66 -12.54
C ARG A 402 -54.16 26.07 -11.68
N PRO A 403 -54.48 25.21 -10.69
CA PRO A 403 -53.52 24.85 -9.64
C PRO A 403 -52.21 24.25 -10.16
N GLU A 404 -52.23 23.69 -11.38
CA GLU A 404 -51.04 23.12 -12.07
C GLU A 404 -49.93 24.18 -12.20
N GLU A 405 -50.29 25.46 -12.40
CA GLU A 405 -49.33 26.58 -12.68
C GLU A 405 -49.23 27.51 -11.47
N GLU A 406 -49.90 27.20 -10.36
CA GLU A 406 -50.07 28.12 -9.19
C GLU A 406 -49.40 27.55 -7.93
N ALA A 407 -49.60 26.27 -7.62
CA ALA A 407 -49.10 25.60 -6.39
C ALA A 407 -47.60 25.87 -6.20
N GLY A 408 -46.84 25.97 -7.31
CA GLY A 408 -45.41 26.33 -7.31
C GLY A 408 -45.12 27.50 -6.39
N ARG A 409 -45.84 28.61 -6.56
CA ARG A 409 -45.62 29.89 -5.83
C ARG A 409 -46.08 29.80 -4.38
N HIS A 410 -47.09 28.98 -4.09
CA HIS A 410 -47.82 28.95 -2.79
C HIS A 410 -47.38 27.77 -1.92
N THR A 411 -46.46 26.91 -2.40
CA THR A 411 -45.90 25.77 -1.63
C THR A 411 -44.48 26.14 -1.17
N HIS A 412 -44.26 26.21 0.15
CA HIS A 412 -43.01 26.68 0.79
C HIS A 412 -42.34 25.51 1.54
N LEU A 413 -41.02 25.33 1.36
CA LEU A 413 -40.23 24.28 2.03
C LEU A 413 -39.22 24.90 3.00
N LYS A 414 -38.89 24.14 4.04
CA LYS A 414 -38.05 24.55 5.20
C LYS A 414 -37.50 23.28 5.84
N TYR A 415 -36.27 23.32 6.37
CA TYR A 415 -35.72 22.27 7.25
C TYR A 415 -36.19 22.55 8.68
N THR A 416 -36.69 21.53 9.38
CA THR A 416 -36.96 21.56 10.84
C THR A 416 -35.62 21.85 11.53
N PRO A 417 -35.60 22.44 12.75
CA PRO A 417 -34.33 22.80 13.38
C PRO A 417 -33.44 21.57 13.56
N VAL A 418 -34.07 20.46 13.99
CA VAL A 418 -33.45 19.13 14.21
C VAL A 418 -33.00 18.57 12.85
N GLY A 419 -33.82 18.72 11.81
CA GLY A 419 -33.55 18.23 10.45
C GLY A 419 -32.34 18.90 9.83
N LEU A 420 -32.15 20.21 10.07
CA LEU A 420 -31.06 21.01 9.46
C LEU A 420 -29.70 20.56 10.02
N LYS A 421 -29.65 20.22 11.32
CA LYS A 421 -28.42 19.74 12.01
C LYS A 421 -28.07 18.35 11.48
N LYS A 422 -29.08 17.48 11.28
CA LYS A 422 -28.92 16.11 10.74
C LYS A 422 -28.31 16.18 9.34
N VAL A 423 -28.81 17.08 8.49
CA VAL A 423 -28.34 17.30 7.08
C VAL A 423 -26.93 17.89 7.11
N GLU A 424 -26.73 18.97 7.89
CA GLU A 424 -25.41 19.64 8.07
C GLU A 424 -24.31 18.61 8.33
N ASP A 425 -24.54 17.67 9.25
CA ASP A 425 -23.57 16.60 9.62
C ASP A 425 -23.35 15.67 8.43
N ILE A 426 -24.43 15.26 7.76
CA ILE A 426 -24.43 14.29 6.63
C ILE A 426 -23.64 14.89 5.46
N VAL A 427 -23.94 16.15 5.10
CA VAL A 427 -23.33 16.86 3.93
C VAL A 427 -21.87 17.18 4.24
N SER A 428 -21.57 17.62 5.46
CA SER A 428 -20.20 17.99 5.92
C SER A 428 -19.31 16.72 5.91
N ARG A 429 -19.80 15.62 6.48
CA ARG A 429 -19.10 14.31 6.50
C ARG A 429 -18.98 13.77 5.07
N ALA A 430 -20.00 13.98 4.23
CA ALA A 430 -20.03 13.56 2.81
C ALA A 430 -18.94 14.31 2.03
N LEU A 431 -18.73 15.59 2.34
CA LEU A 431 -17.76 16.50 1.64
C LEU A 431 -16.33 16.11 2.02
N LYS A 432 -16.11 15.49 3.18
CA LYS A 432 -14.77 15.11 3.71
C LYS A 432 -14.41 13.69 3.26
N GLU A 433 -15.40 12.87 2.87
CA GLU A 433 -15.21 11.46 2.44
C GLU A 433 -15.09 11.36 0.92
N SER A 434 -15.35 12.45 0.19
CA SER A 434 -15.24 12.55 -1.29
C SER A 434 -14.03 13.42 -1.68
N HIS A 435 -13.11 13.66 -0.73
CA HIS A 435 -11.89 14.49 -0.90
C HIS A 435 -10.66 13.58 -0.97
N MET B 3 2.13 3.45 -7.21
CA MET B 3 3.41 3.72 -7.93
C MET B 3 3.76 5.21 -7.86
N LYS B 4 5.03 5.55 -8.03
CA LYS B 4 5.58 6.93 -7.98
C LYS B 4 6.16 7.28 -9.35
N LEU B 5 5.75 8.43 -9.90
CA LEU B 5 6.19 8.92 -11.25
C LEU B 5 6.76 10.33 -11.11
N LEU B 6 7.90 10.60 -11.77
CA LEU B 6 8.59 11.91 -11.79
C LEU B 6 8.66 12.40 -13.24
N VAL B 7 8.15 13.61 -13.51
CA VAL B 7 8.08 14.26 -14.84
C VAL B 7 8.76 15.62 -14.73
N VAL B 8 9.58 16.01 -15.71
CA VAL B 8 10.40 17.26 -15.66
C VAL B 8 10.41 17.93 -17.03
N SER B 9 10.22 19.26 -17.05
CA SER B 9 10.28 20.12 -18.26
C SER B 9 11.70 20.68 -18.41
N TRP B 10 12.36 20.40 -19.54
CA TRP B 10 13.74 20.81 -19.86
C TRP B 10 13.75 21.62 -21.17
N GLY B 11 14.56 22.68 -21.21
CA GLY B 11 14.93 23.38 -22.46
C GLY B 11 16.26 22.86 -22.99
N ASP B 12 17.30 23.69 -22.92
CA ASP B 12 18.68 23.36 -23.39
C ASP B 12 19.54 23.02 -22.16
N PHE B 13 19.90 21.74 -22.01
CA PHE B 13 20.49 21.16 -20.77
C PHE B 13 22.02 21.32 -20.78
N GLU B 14 22.62 21.52 -21.94
CA GLU B 14 24.10 21.63 -22.13
C GLU B 14 24.59 23.03 -21.73
N ARG B 15 23.67 23.99 -21.53
CA ARG B 15 24.00 25.41 -21.24
C ARG B 15 23.89 25.70 -19.73
N TRP B 16 23.46 24.73 -18.91
CA TRP B 16 23.31 24.93 -17.44
C TRP B 16 24.69 24.87 -16.77
N LYS B 17 24.75 25.25 -15.49
CA LYS B 17 26.00 25.40 -14.71
C LYS B 17 25.98 24.44 -13.52
N GLU B 18 27.16 23.97 -13.10
CA GLU B 18 27.34 23.14 -11.88
C GLU B 18 26.99 24.00 -10.66
N THR B 19 26.17 23.48 -9.76
CA THR B 19 25.67 24.16 -8.52
C THR B 19 25.29 23.07 -7.52
N LYS B 20 25.15 23.40 -6.24
CA LYS B 20 24.59 22.46 -5.24
C LYS B 20 23.13 22.81 -4.97
N TYR B 21 22.31 21.79 -4.73
CA TYR B 21 20.85 21.88 -4.45
C TYR B 21 20.56 21.25 -3.10
N ARG B 22 19.67 21.86 -2.32
CA ARG B 22 19.10 21.28 -1.08
C ARG B 22 17.69 20.77 -1.39
N PHE B 23 17.36 19.56 -0.94
CA PHE B 23 16.00 18.98 -1.09
C PHE B 23 15.77 17.85 -0.09
N GLY B 24 14.74 17.99 0.75
CA GLY B 24 14.26 16.96 1.69
C GLY B 24 15.36 16.51 2.64
N GLY B 25 16.04 17.45 3.30
CA GLY B 25 17.15 17.20 4.23
C GLY B 25 18.24 16.36 3.58
N GLU B 26 18.62 16.73 2.33
CA GLU B 26 19.62 16.04 1.50
C GLU B 26 20.26 17.09 0.57
N THR B 27 21.41 16.78 -0.05
CA THR B 27 22.15 17.71 -0.94
C THR B 27 22.77 16.95 -2.11
N SER B 28 23.17 17.70 -3.15
CA SER B 28 23.78 17.19 -4.40
C SER B 28 24.42 18.35 -5.18
N VAL B 29 25.40 18.04 -6.03
CA VAL B 29 26.22 19.02 -6.79
C VAL B 29 26.25 18.59 -8.26
N GLY B 30 25.81 19.47 -9.17
CA GLY B 30 25.80 19.17 -10.62
C GLY B 30 24.99 20.19 -11.42
N PRO B 31 24.83 19.97 -12.75
CA PRO B 31 24.13 20.91 -13.63
C PRO B 31 22.60 20.82 -13.56
N SER B 32 22.07 19.63 -13.25
CA SER B 32 20.61 19.32 -13.24
C SER B 32 20.11 19.10 -11.81
N THR B 33 18.81 19.28 -11.62
CA THR B 33 18.03 18.99 -10.38
C THR B 33 17.65 17.51 -10.33
N LEU B 34 17.81 16.78 -11.44
CA LEU B 34 17.21 15.45 -11.66
C LEU B 34 17.71 14.45 -10.62
N PRO B 35 19.04 14.28 -10.43
CA PRO B 35 19.55 13.21 -9.56
C PRO B 35 19.08 13.35 -8.09
N ILE B 36 19.17 14.55 -7.51
CA ILE B 36 18.72 14.81 -6.11
C ILE B 36 17.22 14.56 -6.01
N LEU B 37 16.45 14.90 -7.05
CA LEU B 37 15.00 14.58 -7.15
C LEU B 37 14.82 13.06 -7.14
N GLN B 38 15.54 12.35 -8.01
CA GLN B 38 15.54 10.87 -8.10
C GLN B 38 15.98 10.26 -6.76
N LYS B 39 16.93 10.90 -6.07
CA LYS B 39 17.51 10.43 -4.79
C LYS B 39 16.44 10.47 -3.68
N VAL B 40 15.69 11.57 -3.56
CA VAL B 40 14.69 11.79 -2.47
C VAL B 40 13.41 11.02 -2.82
N ILE B 41 12.80 11.33 -3.96
CA ILE B 41 11.45 10.84 -4.39
C ILE B 41 11.50 9.32 -4.58
N LYS B 42 12.66 8.77 -4.98
CA LYS B 42 12.83 7.34 -5.34
C LYS B 42 11.71 6.96 -6.32
N PRO B 43 11.65 7.62 -7.51
CA PRO B 43 10.58 7.38 -8.47
C PRO B 43 10.66 5.97 -9.09
N ASP B 44 9.50 5.35 -9.31
CA ASP B 44 9.37 4.03 -9.99
C ASP B 44 9.52 4.23 -11.50
N TRP B 45 9.26 5.45 -11.99
CA TRP B 45 9.58 5.85 -13.39
C TRP B 45 9.81 7.36 -13.49
N THR B 46 10.63 7.77 -14.45
CA THR B 46 11.08 9.17 -14.69
C THR B 46 10.81 9.54 -16.16
N VAL B 47 10.17 10.70 -16.39
CA VAL B 47 9.85 11.22 -17.76
C VAL B 47 10.50 12.59 -17.93
N ILE B 48 11.18 12.79 -19.07
CA ILE B 48 11.81 14.08 -19.48
C ILE B 48 11.07 14.59 -20.72
N VAL B 49 10.57 15.82 -20.68
CA VAL B 49 9.89 16.49 -21.84
C VAL B 49 10.76 17.66 -22.31
N LEU B 50 11.28 17.55 -23.54
CA LEU B 50 12.11 18.60 -24.22
C LEU B 50 11.31 19.20 -25.38
N SER B 51 11.76 20.38 -25.83
CA SER B 51 11.47 20.93 -27.18
C SER B 51 12.46 20.30 -28.16
N ASP B 52 11.98 19.80 -29.31
CA ASP B 52 12.84 19.20 -30.37
C ASP B 52 13.56 20.32 -31.14
N THR B 53 13.52 21.54 -30.60
CA THR B 53 14.05 22.77 -31.20
C THR B 53 15.58 22.75 -31.24
N ILE B 54 16.15 21.89 -30.40
CA ILE B 54 17.62 21.71 -30.19
C ILE B 54 18.24 20.96 -31.37
N GLY B 55 17.43 20.39 -32.27
CA GLY B 55 17.99 19.57 -33.37
C GLY B 55 19.05 20.29 -34.17
N LYS B 56 20.18 19.61 -34.42
CA LYS B 56 21.30 20.20 -35.18
C LYS B 56 21.33 19.65 -36.61
N ASP B 57 21.17 18.34 -36.78
CA ASP B 57 21.22 17.74 -38.15
C ASP B 57 19.79 17.56 -38.66
N PHE B 58 19.48 18.15 -39.81
CA PHE B 58 18.11 18.12 -40.37
C PHE B 58 18.01 17.08 -41.50
N SER B 59 18.99 16.20 -41.61
CA SER B 59 18.91 15.25 -42.76
C SER B 59 17.44 14.89 -43.02
N SER B 60 16.71 14.58 -41.94
CA SER B 60 15.22 14.42 -41.91
C SER B 60 14.75 14.23 -40.46
N VAL B 61 13.46 13.98 -40.25
CA VAL B 61 12.76 14.00 -38.93
C VAL B 61 13.45 13.03 -37.96
N GLU B 62 13.92 11.88 -38.46
CA GLU B 62 14.41 10.74 -37.62
C GLU B 62 15.82 11.02 -37.10
N THR B 63 16.63 11.78 -37.85
CA THR B 63 18.00 12.19 -37.42
C THR B 63 17.87 13.30 -36.36
N LEU B 64 16.84 14.15 -36.46
CA LEU B 64 16.50 15.18 -35.45
C LEU B 64 16.18 14.52 -34.11
N ARG B 65 15.20 13.61 -34.08
CA ARG B 65 14.77 12.88 -32.86
C ARG B 65 15.90 11.97 -32.38
N GLU B 66 16.79 11.54 -33.28
CA GLU B 66 18.01 10.75 -32.94
C GLU B 66 19.05 11.69 -32.33
N ASP B 67 19.35 12.81 -33.00
CA ASP B 67 20.27 13.87 -32.49
C ASP B 67 19.97 14.12 -31.02
N VAL B 68 18.73 14.56 -30.73
CA VAL B 68 18.28 14.99 -29.37
C VAL B 68 18.44 13.81 -28.40
N ARG B 69 17.89 12.64 -28.74
CA ARG B 69 17.87 11.46 -27.82
C ARG B 69 19.31 11.06 -27.47
N ASN B 70 20.22 11.08 -28.46
CA ASN B 70 21.67 10.74 -28.27
C ASN B 70 22.26 11.57 -27.14
N ARG B 71 22.02 12.89 -27.16
CA ARG B 71 22.69 13.88 -26.27
C ARG B 71 22.06 13.81 -24.88
N VAL B 72 20.73 13.61 -24.82
CA VAL B 72 19.98 13.36 -23.55
C VAL B 72 20.58 12.11 -22.90
N MET B 73 20.75 11.03 -23.66
CA MET B 73 21.33 9.74 -23.19
C MET B 73 22.77 9.96 -22.71
N ASP B 74 23.54 10.80 -23.40
CA ASP B 74 24.94 11.16 -23.02
C ASP B 74 24.92 11.93 -21.71
N PHE B 75 24.13 13.02 -21.64
CA PHE B 75 23.98 13.90 -20.45
C PHE B 75 23.43 13.12 -19.26
N LEU B 76 22.59 12.10 -19.50
CA LEU B 76 21.96 11.28 -18.43
C LEU B 76 23.00 10.33 -17.81
N ASP B 77 24.02 9.92 -18.59
CA ASP B 77 25.20 9.18 -18.08
C ASP B 77 26.06 10.11 -17.21
N ARG B 78 26.13 11.39 -17.59
CA ARG B 78 27.08 12.40 -17.05
C ARG B 78 26.67 12.85 -15.64
N ILE B 79 25.46 12.50 -15.15
CA ILE B 79 25.04 12.73 -13.74
C ILE B 79 24.30 11.49 -13.19
N GLY B 80 24.41 10.33 -13.84
CA GLY B 80 23.81 9.06 -13.40
C GLY B 80 22.34 9.20 -13.08
N ALA B 81 21.49 9.26 -14.11
CA ALA B 81 20.03 9.43 -14.01
C ALA B 81 19.32 8.07 -14.14
N GLY B 82 20.09 6.98 -14.21
CA GLY B 82 19.59 5.60 -14.12
C GLY B 82 19.04 5.08 -15.45
N ARG B 83 18.42 3.90 -15.40
CA ARG B 83 17.85 3.16 -16.56
C ARG B 83 16.40 3.60 -16.80
N GLU B 84 15.59 3.57 -15.75
CA GLU B 84 14.10 3.74 -15.78
C GLU B 84 13.77 5.17 -16.22
N VAL B 85 13.86 5.45 -17.53
CA VAL B 85 13.66 6.81 -18.11
C VAL B 85 12.95 6.69 -19.47
N ASP B 86 11.91 7.52 -19.68
CA ASP B 86 11.32 7.85 -21.00
C ASP B 86 11.65 9.32 -21.30
N VAL B 87 11.82 9.66 -22.58
CA VAL B 87 12.17 11.05 -23.03
C VAL B 87 11.18 11.46 -24.13
N ILE B 88 10.29 12.42 -23.83
CA ILE B 88 9.26 12.93 -24.77
C ILE B 88 9.83 14.15 -25.48
N ILE B 89 10.35 13.94 -26.70
CA ILE B 89 10.98 14.99 -27.55
C ILE B 89 9.85 15.68 -28.34
N ALA B 90 9.31 16.77 -27.79
CA ALA B 90 8.05 17.40 -28.24
C ALA B 90 8.29 18.36 -29.41
N PRO B 91 7.26 18.61 -30.26
CA PRO B 91 7.37 19.60 -31.32
C PRO B 91 7.24 21.07 -30.86
N GLY B 92 8.38 21.73 -30.65
CA GLY B 92 8.47 23.18 -30.40
C GLY B 92 8.64 23.96 -31.71
N ILE B 93 8.58 25.30 -31.66
CA ILE B 93 8.61 26.17 -32.87
C ILE B 93 9.53 27.37 -32.65
N GLY B 94 9.91 28.06 -33.73
CA GLY B 94 10.63 29.35 -33.74
C GLY B 94 11.88 29.32 -34.62
N GLU B 95 12.49 30.51 -34.83
CA GLU B 95 13.80 30.68 -35.54
C GLU B 95 14.92 30.62 -34.50
N PHE B 96 15.98 29.86 -34.77
CA PHE B 96 17.12 29.63 -33.83
C PHE B 96 18.46 29.74 -34.55
N THR B 97 19.53 29.73 -33.75
CA THR B 97 20.95 29.75 -34.18
C THR B 97 21.20 28.69 -35.26
N HIS B 98 20.92 27.41 -34.94
CA HIS B 98 21.32 26.23 -35.75
C HIS B 98 20.09 25.59 -36.43
N GLY B 99 19.07 26.37 -36.80
CA GLY B 99 17.91 25.88 -37.57
C GLY B 99 16.65 26.70 -37.38
N SER B 100 15.53 26.20 -37.90
CA SER B 100 14.20 26.89 -37.95
C SER B 100 13.07 25.85 -37.97
N PHE B 101 12.18 25.90 -36.97
CA PHE B 101 10.99 25.00 -36.83
C PHE B 101 9.72 25.85 -36.94
N ARG B 102 8.72 25.36 -37.69
CA ARG B 102 7.43 26.05 -37.93
C ARG B 102 6.27 25.05 -37.84
N GLY B 103 5.09 25.55 -37.45
CA GLY B 103 3.87 24.73 -37.23
C GLY B 103 2.94 25.41 -36.23
N SER B 104 1.91 24.67 -35.77
CA SER B 104 0.97 25.11 -34.72
C SER B 104 1.65 24.95 -33.35
N ALA B 105 1.57 25.99 -32.50
CA ALA B 105 2.18 26.03 -31.15
C ALA B 105 1.51 25.02 -30.23
N MET B 106 0.27 24.63 -30.53
CA MET B 106 -0.55 23.69 -29.72
C MET B 106 -0.24 22.22 -30.06
N ASP B 107 0.59 21.96 -31.07
CA ASP B 107 0.99 20.58 -31.46
C ASP B 107 1.69 19.90 -30.27
N ALA B 108 2.46 20.65 -29.49
CA ALA B 108 3.22 20.15 -28.31
C ALA B 108 2.25 19.59 -27.26
N TYR B 109 1.16 20.30 -26.97
CA TYR B 109 0.12 19.87 -25.98
C TYR B 109 -0.38 18.48 -26.35
N TYR B 110 -0.84 18.33 -27.60
CA TYR B 110 -1.46 17.09 -28.14
C TYR B 110 -0.43 15.95 -28.18
N TYR B 111 0.82 16.27 -28.56
CA TYR B 111 1.93 15.29 -28.65
C TYR B 111 2.31 14.82 -27.25
N VAL B 112 2.48 15.76 -26.30
CA VAL B 112 2.84 15.46 -24.88
C VAL B 112 1.69 14.68 -24.23
N LEU B 113 0.44 15.03 -24.54
CA LEU B 113 -0.77 14.34 -24.02
C LEU B 113 -0.78 12.88 -24.50
N HIS B 114 -0.56 12.66 -25.80
CA HIS B 114 -0.55 11.32 -26.45
C HIS B 114 0.58 10.46 -25.87
N ALA B 115 1.75 11.06 -25.63
CA ALA B 115 2.96 10.39 -25.10
C ALA B 115 2.72 9.95 -23.65
N LEU B 116 2.19 10.85 -22.82
CA LEU B 116 1.95 10.61 -21.37
C LEU B 116 0.84 9.57 -21.19
N SER B 117 -0.21 9.62 -22.02
CA SER B 117 -1.33 8.64 -22.02
C SER B 117 -0.79 7.22 -22.19
N GLU B 118 0.37 7.07 -22.84
CA GLU B 118 1.04 5.75 -23.08
C GLU B 118 2.06 5.43 -21.97
N ILE B 119 2.35 6.37 -21.06
CA ILE B 119 3.36 6.19 -19.97
C ILE B 119 2.67 6.01 -18.61
N ILE B 120 1.69 6.87 -18.29
CA ILE B 120 1.06 6.94 -16.93
C ILE B 120 0.39 5.60 -16.63
N PRO B 121 0.78 4.91 -15.53
CA PRO B 121 0.12 3.67 -15.14
C PRO B 121 -1.41 3.84 -14.98
N THR B 122 -2.17 2.91 -15.55
CA THR B 122 -3.65 2.95 -15.62
C THR B 122 -4.25 2.06 -14.52
N LYS B 123 -3.52 1.03 -14.07
CA LYS B 123 -3.84 0.25 -12.83
C LYS B 123 -3.21 0.94 -11.62
N GLY B 124 -3.95 1.00 -10.50
CA GLY B 124 -3.42 1.33 -9.17
C GLY B 124 -3.24 2.83 -8.93
N ASP B 125 -2.86 3.19 -7.70
CA ASP B 125 -2.71 4.59 -7.22
C ASP B 125 -1.47 5.22 -7.87
N LEU B 126 -1.35 6.55 -7.74
CA LEU B 126 -0.28 7.37 -8.38
C LEU B 126 0.20 8.46 -7.42
N GLU B 127 1.52 8.63 -7.34
CA GLU B 127 2.20 9.78 -6.68
C GLU B 127 3.08 10.45 -7.75
N VAL B 128 2.61 11.57 -8.31
CA VAL B 128 3.22 12.25 -9.49
C VAL B 128 4.05 13.44 -8.99
N HIS B 129 5.25 13.62 -9.56
CA HIS B 129 6.23 14.67 -9.19
C HIS B 129 6.64 15.45 -10.45
N PHE B 130 6.52 16.77 -10.41
CA PHE B 130 6.74 17.68 -11.58
C PHE B 130 7.77 18.76 -11.21
N ASP B 131 8.79 18.94 -12.05
CA ASP B 131 9.86 19.95 -11.88
C ASP B 131 9.77 20.96 -13.03
N SER B 132 9.36 22.20 -12.74
CA SER B 132 9.17 23.30 -13.73
C SER B 132 10.49 24.04 -13.95
N THR B 133 11.48 23.84 -13.08
CA THR B 133 12.87 24.34 -13.26
C THR B 133 13.42 23.80 -14.58
N HIS B 134 13.97 24.68 -15.42
CA HIS B 134 14.71 24.37 -16.68
C HIS B 134 13.78 24.24 -17.88
N GLY B 135 12.46 24.31 -17.69
CA GLY B 135 11.48 24.17 -18.79
C GLY B 135 11.35 25.46 -19.57
N LEU B 136 11.25 25.37 -20.91
CA LEU B 136 10.73 26.46 -21.78
C LEU B 136 9.36 26.89 -21.23
N ASN B 137 9.05 28.18 -21.25
CA ASN B 137 7.87 28.74 -20.52
C ASN B 137 6.57 28.11 -21.06
N TYR B 138 6.44 27.92 -22.38
CA TYR B 138 5.20 27.40 -23.02
C TYR B 138 5.15 25.87 -22.91
N VAL B 139 6.28 25.18 -23.07
CA VAL B 139 6.37 23.69 -23.01
C VAL B 139 6.06 23.22 -21.58
N THR B 140 6.53 23.95 -20.57
CA THR B 140 6.29 23.64 -19.13
C THR B 140 4.79 23.73 -18.85
N LEU B 141 4.15 24.79 -19.34
CA LEU B 141 2.71 25.12 -19.11
C LEU B 141 1.83 24.06 -19.80
N LEU B 142 2.21 23.61 -21.00
CA LEU B 142 1.46 22.60 -21.80
C LEU B 142 1.63 21.22 -21.16
N THR B 143 2.84 20.89 -20.70
CA THR B 143 3.16 19.62 -20.01
C THR B 143 2.40 19.57 -18.69
N TYR B 144 2.34 20.70 -17.96
CA TYR B 144 1.59 20.83 -16.68
C TYR B 144 0.11 20.50 -16.94
N ARG B 145 -0.48 21.14 -17.96
CA ARG B 145 -1.92 20.98 -18.32
C ARG B 145 -2.19 19.54 -18.75
N ALA B 146 -1.36 19.00 -19.67
CA ALA B 146 -1.48 17.62 -20.21
C ALA B 146 -1.45 16.60 -19.06
N LEU B 147 -0.51 16.76 -18.12
CA LEU B 147 -0.38 15.90 -16.92
C LEU B 147 -1.70 15.93 -16.13
N LYS B 148 -2.12 17.13 -15.72
CA LYS B 148 -3.30 17.37 -14.85
C LYS B 148 -4.58 16.85 -15.51
N ASP B 149 -4.66 16.91 -16.85
CA ASP B 149 -5.87 16.51 -17.64
C ASP B 149 -6.06 14.98 -17.53
N LEU B 150 -4.99 14.21 -17.68
CA LEU B 150 -5.02 12.72 -17.66
C LEU B 150 -5.15 12.22 -16.22
N LEU B 151 -4.41 12.83 -15.28
CA LEU B 151 -4.46 12.49 -13.83
C LEU B 151 -5.87 12.74 -13.29
N GLY B 152 -6.54 13.80 -13.78
CA GLY B 152 -7.96 14.06 -13.50
C GLY B 152 -8.82 12.86 -13.81
N ILE B 153 -8.53 12.17 -14.93
CA ILE B 153 -9.29 10.99 -15.42
C ILE B 153 -8.89 9.75 -14.62
N ALA B 154 -7.60 9.62 -14.29
CA ALA B 154 -7.03 8.54 -13.44
C ALA B 154 -7.69 8.56 -12.06
N ALA B 155 -7.95 9.77 -11.53
CA ALA B 155 -8.48 10.03 -10.17
C ALA B 155 -9.88 9.43 -10.00
N VAL B 156 -10.59 9.17 -11.10
CA VAL B 156 -11.94 8.52 -11.09
C VAL B 156 -11.82 7.16 -10.38
N MET B 157 -10.77 6.40 -10.69
CA MET B 157 -10.61 4.98 -10.29
C MET B 157 -9.54 4.80 -9.21
N ASN B 158 -8.71 5.82 -8.96
CA ASN B 158 -7.47 5.68 -8.14
C ASN B 158 -7.20 6.98 -7.38
N THR B 159 -6.56 6.89 -6.20
CA THR B 159 -6.07 8.07 -5.44
C THR B 159 -4.81 8.61 -6.13
N VAL B 160 -4.84 9.88 -6.49
CA VAL B 160 -3.73 10.57 -7.22
C VAL B 160 -3.36 11.82 -6.42
N THR B 161 -2.13 11.87 -5.90
CA THR B 161 -1.52 13.05 -5.26
C THR B 161 -0.45 13.61 -6.20
N PHE B 162 -0.50 14.92 -6.46
CA PHE B 162 0.40 15.65 -7.39
C PHE B 162 1.28 16.59 -6.56
N TYR B 163 2.58 16.61 -6.87
CA TYR B 163 3.61 17.51 -6.28
C TYR B 163 4.34 18.23 -7.42
N ALA B 164 4.57 19.54 -7.29
CA ALA B 164 5.36 20.33 -8.26
C ALA B 164 6.44 21.12 -7.52
N TYR B 165 7.64 21.17 -8.11
CA TYR B 165 8.88 21.72 -7.53
C TYR B 165 9.46 22.79 -8.46
N ASN B 166 9.96 23.88 -7.89
CA ASN B 166 10.82 24.87 -8.60
C ASN B 166 11.97 25.27 -7.67
N SER B 167 13.19 24.94 -8.08
CA SER B 167 14.46 25.40 -7.44
C SER B 167 14.42 26.91 -7.27
N ASP B 168 15.05 27.44 -6.21
CA ASP B 168 15.32 28.88 -6.06
C ASP B 168 15.97 29.36 -7.36
N PRO B 169 15.74 30.62 -7.80
CA PRO B 169 16.36 31.13 -9.01
C PRO B 169 17.91 31.09 -8.97
N PHE B 170 18.53 30.50 -10.00
CA PHE B 170 20.00 30.51 -10.21
C PHE B 170 20.40 31.88 -10.76
N VAL B 171 21.24 32.59 -10.01
CA VAL B 171 21.92 33.85 -10.44
C VAL B 171 23.42 33.56 -10.45
N PRO B 172 24.09 33.63 -11.63
CA PRO B 172 25.41 33.00 -11.82
C PRO B 172 26.58 33.49 -10.96
N LYS B 173 26.40 34.59 -10.21
CA LYS B 173 27.49 35.31 -9.50
C LYS B 173 27.40 35.05 -7.99
N ILE B 174 26.20 35.11 -7.41
CA ILE B 174 25.96 35.09 -5.94
C ILE B 174 25.63 33.66 -5.47
N THR B 175 25.08 32.82 -6.35
CA THR B 175 24.46 31.50 -6.01
C THR B 175 25.49 30.57 -5.35
N LYS B 176 25.31 30.30 -4.05
CA LYS B 176 26.05 29.26 -3.29
C LYS B 176 25.31 27.92 -3.45
N GLU B 177 24.12 27.80 -2.84
CA GLU B 177 23.24 26.60 -2.95
C GLU B 177 21.80 27.06 -3.23
N LEU B 178 21.09 26.31 -4.09
CA LEU B 178 19.69 26.59 -4.49
C LEU B 178 18.76 25.58 -3.82
N ASN B 179 17.71 26.07 -3.15
CA ASN B 179 16.65 25.24 -2.53
C ASN B 179 15.77 24.67 -3.64
N ILE B 180 15.30 23.43 -3.51
CA ILE B 180 14.19 22.85 -4.33
C ILE B 180 12.90 23.02 -3.53
N ASN B 181 12.19 24.13 -3.76
CA ASN B 181 10.94 24.46 -3.02
C ASN B 181 9.80 23.63 -3.59
N THR B 182 8.90 23.15 -2.72
CA THR B 182 7.56 22.59 -3.07
C THR B 182 6.63 23.77 -3.36
N ILE B 183 6.28 24.01 -4.62
CA ILE B 183 5.42 25.14 -5.06
C ILE B 183 3.95 24.69 -5.11
N GLU B 184 3.70 23.38 -5.16
CA GLU B 184 2.32 22.81 -5.15
C GLU B 184 2.34 21.37 -4.64
N THR B 185 1.33 21.01 -3.86
CA THR B 185 1.02 19.63 -3.38
C THR B 185 -0.50 19.50 -3.27
N THR B 186 -1.13 18.76 -4.19
CA THR B 186 -2.62 18.61 -4.27
C THR B 186 -3.01 17.14 -4.42
N MET B 187 -4.15 16.76 -3.83
CA MET B 187 -4.83 15.46 -4.06
C MET B 187 -5.82 15.64 -5.22
N VAL B 188 -5.39 15.22 -6.42
CA VAL B 188 -6.12 15.36 -7.72
C VAL B 188 -7.58 14.93 -7.55
N LYS B 189 -8.53 15.77 -7.96
CA LYS B 189 -9.99 15.50 -7.87
C LYS B 189 -10.44 14.75 -9.13
N PRO B 190 -11.36 13.76 -8.99
CA PRO B 190 -11.83 12.97 -10.12
C PRO B 190 -12.62 13.84 -11.10
N THR B 191 -12.17 13.89 -12.36
CA THR B 191 -12.80 14.64 -13.47
C THR B 191 -12.91 13.72 -14.68
N PRO B 192 -14.04 12.99 -14.85
CA PRO B 192 -14.23 12.13 -16.01
C PRO B 192 -14.43 13.00 -17.25
N LEU B 193 -13.95 12.53 -18.41
CA LEU B 193 -14.11 13.22 -19.71
C LEU B 193 -15.54 13.75 -19.83
N SER B 194 -15.69 15.05 -20.09
CA SER B 194 -16.98 15.80 -20.08
C SER B 194 -17.17 16.58 -21.38
N GLU B 195 -16.41 16.24 -22.43
CA GLU B 195 -16.45 16.94 -23.75
C GLU B 195 -16.83 15.92 -24.82
N PRO B 196 -17.74 16.28 -25.76
CA PRO B 196 -18.13 15.38 -26.84
C PRO B 196 -17.08 15.41 -27.95
N LEU B 197 -17.08 14.40 -28.83
CA LEU B 197 -16.23 14.37 -30.05
C LEU B 197 -16.72 15.47 -30.99
N PRO B 198 -15.81 16.24 -31.63
CA PRO B 198 -16.19 17.43 -32.40
C PRO B 198 -16.65 17.14 -33.83
N GLY B 199 -16.99 18.19 -34.59
CA GLY B 199 -17.15 18.15 -36.05
C GLY B 199 -15.85 17.73 -36.71
N PHE B 200 -15.91 16.98 -37.81
CA PHE B 200 -14.78 16.17 -38.36
C PHE B 200 -13.68 17.06 -38.96
N ASP B 201 -13.84 18.39 -38.91
CA ASP B 201 -12.74 19.37 -39.17
C ASP B 201 -11.68 19.21 -38.07
N GLU B 202 -12.10 19.15 -36.80
CA GLU B 202 -11.23 19.26 -35.60
C GLU B 202 -10.68 17.90 -35.18
N TYR B 203 -9.87 17.25 -36.02
CA TYR B 203 -9.04 16.06 -35.67
C TYR B 203 -7.60 16.30 -36.15
N LEU B 204 -7.46 16.57 -37.45
CA LEU B 204 -6.25 17.18 -38.07
C LEU B 204 -6.70 18.41 -38.87
N CYS B 205 -5.96 19.52 -38.75
CA CYS B 205 -6.18 20.78 -39.51
C CYS B 205 -4.96 21.06 -40.37
N PRO B 206 -5.09 21.86 -41.45
CA PRO B 206 -3.93 22.30 -42.22
C PRO B 206 -3.31 23.57 -41.61
N TYR B 207 -1.98 23.58 -41.43
CA TYR B 207 -1.22 24.75 -40.92
C TYR B 207 -0.78 25.60 -42.11
N SER B 208 0.08 25.03 -42.97
CA SER B 208 0.49 25.60 -44.28
C SER B 208 0.50 24.49 -45.34
N MET B 209 -0.64 23.81 -45.49
CA MET B 209 -0.93 22.84 -46.59
C MET B 209 -2.13 23.37 -47.38
N GLU B 210 -2.00 23.45 -48.71
CA GLU B 210 -3.00 24.08 -49.62
C GLU B 210 -4.35 23.41 -49.40
N ARG B 211 -5.42 24.21 -49.40
CA ARG B 211 -6.76 23.85 -48.89
C ARG B 211 -7.39 22.73 -49.74
N ALA B 212 -6.83 22.46 -50.93
CA ALA B 212 -7.27 21.40 -51.85
C ALA B 212 -6.57 20.08 -51.52
N GLU B 213 -5.29 20.12 -51.12
CA GLU B 213 -4.48 18.91 -50.77
C GLU B 213 -5.04 18.28 -49.48
N PHE B 214 -5.44 19.09 -48.50
CA PHE B 214 -6.00 18.66 -47.20
C PHE B 214 -7.21 17.74 -47.44
N VAL B 215 -8.19 18.24 -48.18
CA VAL B 215 -9.51 17.59 -48.45
C VAL B 215 -9.25 16.24 -49.14
N ARG B 216 -8.16 16.14 -49.90
CA ARG B 216 -7.68 14.89 -50.54
C ARG B 216 -7.32 13.89 -49.44
N LEU B 217 -6.45 14.30 -48.50
CA LEU B 217 -5.87 13.43 -47.45
C LEU B 217 -6.90 13.12 -46.37
N LYS B 218 -7.75 14.10 -45.99
CA LYS B 218 -8.87 13.89 -45.03
C LYS B 218 -9.79 12.79 -45.58
N GLY B 219 -10.14 12.89 -46.88
CA GLY B 219 -10.95 11.89 -47.60
C GLY B 219 -10.34 10.50 -47.52
N SER B 220 -9.01 10.41 -47.62
CA SER B 220 -8.24 9.13 -47.71
C SER B 220 -8.23 8.38 -46.38
N LEU B 221 -8.39 9.08 -45.25
CA LEU B 221 -8.21 8.51 -43.88
C LEU B 221 -9.35 7.54 -43.56
N ASN B 222 -9.01 6.38 -42.99
CA ASN B 222 -9.96 5.36 -42.46
C ASN B 222 -10.65 5.91 -41.20
N THR B 223 -9.84 6.27 -40.20
CA THR B 223 -10.25 6.76 -38.85
C THR B 223 -11.52 7.61 -38.93
N LEU B 224 -11.49 8.69 -39.71
CA LEU B 224 -12.55 9.74 -39.74
C LEU B 224 -13.91 9.14 -40.10
N LYS B 225 -13.94 8.19 -41.04
CA LYS B 225 -15.20 7.60 -41.57
C LYS B 225 -15.71 6.54 -40.57
N ASN B 226 -14.80 5.83 -39.90
CA ASN B 226 -15.12 4.86 -38.82
C ASN B 226 -15.68 5.59 -37.59
N LEU B 227 -15.29 6.85 -37.39
CA LEU B 227 -15.79 7.70 -36.27
C LEU B 227 -17.19 8.21 -36.61
N ARG B 228 -17.43 8.67 -37.84
CA ARG B 228 -18.76 9.10 -38.35
C ARG B 228 -19.83 8.12 -37.84
N LYS B 229 -19.52 6.82 -37.89
CA LYS B 229 -20.39 5.71 -37.39
C LYS B 229 -20.46 5.76 -35.86
N GLU B 230 -19.31 5.68 -35.19
CA GLU B 230 -19.18 5.36 -33.74
C GLU B 230 -19.36 6.60 -32.85
N LYS B 231 -19.32 7.81 -33.44
CA LYS B 231 -19.31 9.11 -32.71
C LYS B 231 -20.36 9.11 -31.60
N LYS B 232 -21.60 8.74 -31.91
CA LYS B 232 -22.76 8.88 -31.00
C LYS B 232 -22.63 7.89 -29.83
N LYS B 233 -22.17 6.66 -30.09
CA LYS B 233 -22.03 5.59 -29.07
C LYS B 233 -20.87 5.92 -28.12
N LEU B 234 -19.80 6.54 -28.64
CA LEU B 234 -18.64 6.99 -27.82
C LEU B 234 -19.11 8.10 -26.87
N GLU B 235 -19.78 9.11 -27.42
CA GLU B 235 -20.38 10.24 -26.65
C GLU B 235 -21.38 9.68 -25.61
N ALA B 236 -22.12 8.64 -25.96
CA ALA B 236 -23.07 7.95 -25.05
C ALA B 236 -22.29 7.37 -23.86
N TRP B 237 -21.13 6.77 -24.12
CA TRP B 237 -20.24 6.18 -23.07
C TRP B 237 -19.65 7.29 -22.20
N ILE B 238 -19.08 8.33 -22.83
CA ILE B 238 -18.49 9.51 -22.13
C ILE B 238 -19.52 10.03 -21.12
N GLY B 239 -20.77 10.22 -21.59
CA GLY B 239 -21.90 10.72 -20.77
C GLY B 239 -22.26 9.79 -19.63
N SER B 240 -22.04 8.48 -19.82
CA SER B 240 -22.40 7.42 -18.84
C SER B 240 -21.62 7.61 -17.53
N LEU B 241 -20.33 7.96 -17.62
CA LEU B 241 -19.48 8.29 -16.44
C LEU B 241 -19.89 9.65 -15.88
N LEU B 242 -20.09 10.63 -16.75
CA LEU B 242 -20.39 12.04 -16.36
C LEU B 242 -21.66 12.09 -15.51
N PHE B 243 -22.73 11.43 -15.96
CA PHE B 243 -24.12 11.61 -15.47
C PHE B 243 -24.57 10.46 -14.56
N GLY B 244 -23.77 9.41 -14.41
CA GLY B 244 -24.07 8.28 -13.49
C GLY B 244 -25.05 7.29 -14.11
N LEU B 245 -24.70 6.72 -15.26
CA LEU B 245 -25.54 5.77 -16.03
C LEU B 245 -24.82 4.42 -16.11
N PRO B 246 -24.87 3.58 -15.05
CA PRO B 246 -24.02 2.38 -14.97
C PRO B 246 -24.27 1.33 -16.05
N LEU B 247 -25.53 1.11 -16.46
CA LEU B 247 -25.88 0.09 -17.48
C LEU B 247 -25.41 0.57 -18.86
N LEU B 248 -25.53 1.87 -19.14
CA LEU B 248 -25.07 2.48 -20.42
C LEU B 248 -23.54 2.42 -20.48
N PHE B 249 -22.86 2.64 -19.35
CA PHE B 249 -21.38 2.51 -19.22
C PHE B 249 -20.91 1.15 -19.73
N LEU B 250 -21.60 0.08 -19.35
CA LEU B 250 -21.23 -1.33 -19.70
C LEU B 250 -21.55 -1.60 -21.18
N GLU B 251 -22.79 -1.34 -21.62
CA GLU B 251 -23.27 -1.65 -22.99
C GLU B 251 -22.52 -0.81 -24.03
N GLU B 252 -22.03 0.38 -23.66
CA GLU B 252 -21.34 1.30 -24.62
C GLU B 252 -19.82 1.26 -24.42
N PHE B 253 -19.28 0.31 -23.65
CA PHE B 253 -17.82 0.25 -23.37
C PHE B 253 -17.07 0.23 -24.70
N PRO B 254 -16.13 1.18 -24.93
CA PRO B 254 -15.48 1.29 -26.24
C PRO B 254 -14.42 0.22 -26.46
N ASP B 255 -14.11 -0.07 -27.73
CA ASP B 255 -13.09 -1.07 -28.15
C ASP B 255 -11.71 -0.41 -28.06
N ILE B 256 -10.93 -0.76 -27.05
CA ILE B 256 -9.62 -0.12 -26.72
C ILE B 256 -8.67 -0.25 -27.92
N GLY B 257 -8.58 -1.45 -28.50
CA GLY B 257 -7.70 -1.78 -29.65
C GLY B 257 -8.07 -1.01 -30.91
N ARG B 258 -9.35 -0.64 -31.05
CA ARG B 258 -9.88 0.13 -32.20
C ARG B 258 -9.56 1.62 -31.99
N LEU B 259 -9.70 2.11 -30.76
CA LEU B 259 -9.33 3.51 -30.37
C LEU B 259 -7.82 3.69 -30.54
N GLU B 260 -7.04 2.70 -30.09
CA GLU B 260 -5.55 2.63 -30.29
C GLU B 260 -5.23 2.87 -31.76
N SER B 261 -5.97 2.23 -32.67
CA SER B 261 -5.79 2.31 -34.15
C SER B 261 -6.04 3.73 -34.63
N TYR B 262 -7.18 4.33 -34.23
CA TYR B 262 -7.61 5.70 -34.64
C TYR B 262 -6.48 6.69 -34.37
N ILE B 263 -5.91 6.65 -33.15
CA ILE B 263 -4.87 7.58 -32.65
C ILE B 263 -3.57 7.37 -33.44
N GLU B 264 -3.14 6.11 -33.55
CA GLU B 264 -1.93 5.68 -34.32
C GLU B 264 -1.96 6.31 -35.71
N GLU B 265 -3.08 6.14 -36.44
CA GLU B 265 -3.27 6.62 -37.83
C GLU B 265 -3.15 8.14 -37.87
N LEU B 266 -3.78 8.85 -36.93
CA LEU B 266 -3.79 10.34 -36.86
C LEU B 266 -2.39 10.84 -36.46
N ALA B 267 -1.71 10.12 -35.56
CA ALA B 267 -0.36 10.47 -35.05
C ALA B 267 0.67 10.36 -36.19
N GLU B 268 0.68 9.22 -36.91
CA GLU B 268 1.65 8.93 -37.99
C GLU B 268 1.31 9.78 -39.23
N THR B 269 0.02 10.09 -39.44
CA THR B 269 -0.45 11.03 -40.50
C THR B 269 0.11 12.43 -40.23
N TRP B 270 0.04 12.88 -38.97
CA TRP B 270 0.56 14.21 -38.53
C TRP B 270 2.08 14.26 -38.72
N GLY B 271 2.77 13.15 -38.42
CA GLY B 271 4.24 13.01 -38.57
C GLY B 271 4.65 12.88 -40.04
N GLY B 272 3.77 12.32 -40.88
CA GLY B 272 4.02 12.11 -42.32
C GLY B 272 3.80 13.38 -43.14
N ALA B 273 3.38 14.47 -42.50
CA ALA B 273 3.22 15.81 -43.13
C ALA B 273 4.32 16.76 -42.63
N ILE B 274 5.23 16.28 -41.78
CA ILE B 274 6.44 17.04 -41.34
C ILE B 274 7.46 17.02 -42.48
N ALA B 275 7.63 18.15 -43.17
CA ALA B 275 8.60 18.34 -44.28
C ALA B 275 9.89 18.96 -43.72
N VAL B 276 11.02 18.26 -43.88
CA VAL B 276 12.37 18.72 -43.45
C VAL B 276 13.18 19.06 -44.71
N ASN B 277 13.67 20.30 -44.80
CA ASN B 277 14.61 20.78 -45.85
C ASN B 277 16.01 20.86 -45.24
N ALA B 278 16.90 19.94 -45.63
CA ALA B 278 18.28 19.80 -45.10
C ALA B 278 19.10 21.07 -45.41
N GLU B 279 18.77 21.77 -46.51
CA GLU B 279 19.58 22.88 -47.06
C GLU B 279 19.21 24.22 -46.39
N GLU B 280 17.95 24.39 -46.01
CA GLU B 280 17.46 25.61 -45.30
C GLU B 280 17.45 25.37 -43.79
N LYS B 281 17.85 24.17 -43.35
CA LYS B 281 17.81 23.72 -41.94
C LYS B 281 16.45 24.10 -41.36
N ALA B 282 15.37 23.68 -42.02
CA ALA B 282 13.99 24.16 -41.84
C ALA B 282 13.03 22.98 -41.66
N VAL B 283 12.19 23.02 -40.62
CA VAL B 283 11.13 22.01 -40.30
C VAL B 283 9.78 22.72 -40.34
N THR B 284 8.88 22.29 -41.24
CA THR B 284 7.49 22.79 -41.37
C THR B 284 6.53 21.61 -41.11
N ARG B 285 5.76 21.68 -40.02
CA ARG B 285 4.71 20.68 -39.66
C ARG B 285 3.39 21.14 -40.27
N ARG B 286 3.07 20.62 -41.46
CA ARG B 286 2.03 21.15 -42.37
C ARG B 286 0.64 20.79 -41.83
N LEU B 287 0.53 19.71 -41.07
CA LEU B 287 -0.70 19.29 -40.35
C LEU B 287 -0.63 19.74 -38.88
N ALA B 288 -1.71 20.31 -38.38
CA ALA B 288 -1.92 20.68 -36.95
C ALA B 288 -2.87 19.65 -36.30
N PHE B 289 -2.53 19.16 -35.11
CA PHE B 289 -3.45 18.35 -34.26
C PHE B 289 -4.66 19.21 -33.90
N GLY B 290 -5.85 18.60 -33.95
CA GLY B 290 -7.13 19.25 -33.58
C GLY B 290 -7.61 18.77 -32.22
N SER B 291 -8.46 19.57 -31.56
CA SER B 291 -9.04 19.29 -30.22
C SER B 291 -9.61 17.86 -30.15
N GLY B 292 -10.12 17.34 -31.27
CA GLY B 292 -10.68 15.97 -31.37
C GLY B 292 -9.62 14.90 -31.17
N PHE B 293 -8.37 15.17 -31.54
CA PHE B 293 -7.22 14.27 -31.26
C PHE B 293 -7.02 14.20 -29.74
N GLY B 294 -7.09 15.35 -29.07
CA GLY B 294 -7.05 15.48 -27.60
C GLY B 294 -8.15 14.66 -26.94
N THR B 295 -9.39 14.80 -27.43
CA THR B 295 -10.61 14.11 -26.91
C THR B 295 -10.43 12.58 -27.02
N LEU B 296 -9.89 12.10 -28.14
CA LEU B 296 -9.70 10.64 -28.41
C LEU B 296 -8.65 10.07 -27.44
N VAL B 297 -7.55 10.78 -27.24
CA VAL B 297 -6.43 10.35 -26.32
C VAL B 297 -7.02 10.17 -24.91
N LYS B 298 -7.76 11.19 -24.44
CA LYS B 298 -8.41 11.21 -23.10
C LYS B 298 -9.44 10.08 -23.02
N LEU B 299 -10.26 9.94 -24.07
CA LEU B 299 -11.33 8.91 -24.20
C LEU B 299 -10.72 7.51 -24.07
N LEU B 300 -9.59 7.24 -24.74
CA LEU B 300 -8.87 5.95 -24.66
C LEU B 300 -8.26 5.78 -23.26
N PHE B 301 -7.60 6.82 -22.74
CA PHE B 301 -6.99 6.79 -21.39
C PHE B 301 -8.07 6.43 -20.37
N GLN B 302 -9.23 7.08 -20.45
CA GLN B 302 -10.40 6.85 -19.55
C GLN B 302 -10.85 5.38 -19.66
N ALA B 303 -10.80 4.80 -20.86
CA ALA B 303 -11.20 3.40 -21.13
C ALA B 303 -10.23 2.42 -20.43
N ARG B 304 -8.93 2.66 -20.53
CA ARG B 304 -7.87 1.83 -19.88
C ARG B 304 -8.06 1.82 -18.37
N ILE B 305 -8.30 3.00 -17.78
CA ILE B 305 -8.50 3.24 -16.32
C ILE B 305 -9.67 2.38 -15.82
N THR B 306 -10.73 2.24 -16.62
CA THR B 306 -12.04 1.67 -16.20
C THR B 306 -12.28 0.27 -16.78
N ARG B 307 -11.38 -0.23 -17.64
CA ARG B 307 -11.54 -1.53 -18.36
C ARG B 307 -11.76 -2.67 -17.36
N GLY B 308 -11.18 -2.57 -16.16
CA GLY B 308 -11.29 -3.57 -15.07
C GLY B 308 -12.72 -3.82 -14.64
N LEU B 309 -13.66 -2.92 -14.94
CA LEU B 309 -15.08 -2.96 -14.47
C LEU B 309 -15.98 -3.66 -15.50
N LEU B 310 -15.54 -3.80 -16.75
CA LEU B 310 -16.36 -4.42 -17.82
C LEU B 310 -16.59 -5.91 -17.47
N VAL B 311 -17.71 -6.19 -16.79
CA VAL B 311 -18.09 -7.55 -16.28
C VAL B 311 -18.71 -8.38 -17.41
N GLU B 312 -18.85 -9.68 -17.19
CA GLU B 312 -19.50 -10.64 -18.13
C GLU B 312 -21.02 -10.43 -18.07
N GLU B 313 -21.68 -10.45 -19.23
CA GLU B 313 -23.16 -10.50 -19.36
C GLU B 313 -23.67 -11.73 -18.62
N PRO B 314 -24.94 -11.77 -18.16
CA PRO B 314 -25.85 -10.62 -18.23
C PRO B 314 -25.57 -9.63 -17.08
N TYR B 315 -25.92 -8.36 -17.29
CA TYR B 315 -25.64 -7.24 -16.34
C TYR B 315 -26.68 -7.27 -15.21
N SER B 316 -26.32 -7.94 -14.11
CA SER B 316 -27.19 -8.15 -12.91
C SER B 316 -27.20 -6.89 -12.04
N ILE B 317 -28.19 -6.77 -11.15
CA ILE B 317 -28.30 -5.67 -10.15
C ILE B 317 -27.03 -5.63 -9.30
N GLU B 318 -26.52 -6.80 -8.88
CA GLU B 318 -25.34 -6.93 -8.00
C GLU B 318 -24.09 -6.39 -8.71
N LYS B 319 -23.88 -6.78 -9.97
CA LYS B 319 -22.75 -6.32 -10.81
C LYS B 319 -22.85 -4.81 -11.02
N LEU B 320 -24.07 -4.27 -11.10
CA LEU B 320 -24.34 -2.83 -11.37
C LEU B 320 -24.03 -1.99 -10.12
N TYR B 321 -24.44 -2.45 -8.92
CA TYR B 321 -24.03 -1.88 -7.61
C TYR B 321 -22.50 -1.78 -7.57
N SER B 322 -21.84 -2.92 -7.85
CA SER B 322 -20.37 -3.12 -7.81
C SER B 322 -19.66 -2.13 -8.75
N VAL B 323 -20.11 -2.02 -10.00
CA VAL B 323 -19.59 -1.03 -11.00
C VAL B 323 -19.77 0.38 -10.42
N SER B 324 -20.98 0.70 -9.96
CA SER B 324 -21.41 2.04 -9.49
C SER B 324 -20.54 2.49 -8.30
N ASP B 325 -20.30 1.60 -7.33
CA ASP B 325 -19.52 1.89 -6.10
C ASP B 325 -18.14 2.42 -6.48
N ARG B 326 -17.53 1.88 -7.54
CA ARG B 326 -16.19 2.28 -8.04
C ARG B 326 -16.29 3.59 -8.85
N LEU B 327 -17.31 3.71 -9.71
CA LEU B 327 -17.34 4.70 -10.82
C LEU B 327 -17.84 6.07 -10.33
N PHE B 328 -18.78 6.09 -9.38
CA PHE B 328 -19.54 7.31 -8.99
C PHE B 328 -19.27 7.70 -7.53
N ARG B 329 -19.42 9.00 -7.25
CA ARG B 329 -19.20 9.65 -5.92
C ARG B 329 -20.37 10.58 -5.61
N GLY B 330 -20.35 11.21 -4.43
CA GLY B 330 -21.30 12.25 -4.02
C GLY B 330 -22.74 11.76 -4.11
N SER B 331 -23.63 12.59 -4.67
CA SER B 331 -25.09 12.35 -4.76
C SER B 331 -25.42 11.44 -5.96
N THR B 332 -24.63 11.49 -7.02
CA THR B 332 -24.78 10.62 -8.23
C THR B 332 -24.79 9.16 -7.79
N LEU B 333 -23.77 8.74 -7.03
CA LEU B 333 -23.66 7.35 -6.51
C LEU B 333 -24.96 7.01 -5.76
N GLN B 334 -25.42 7.90 -4.88
CA GLN B 334 -26.59 7.65 -4.00
C GLN B 334 -27.88 7.53 -4.84
N ARG B 335 -28.04 8.35 -5.88
CA ARG B 335 -29.18 8.26 -6.84
C ARG B 335 -29.19 6.87 -7.48
N VAL B 336 -28.02 6.38 -7.89
CA VAL B 336 -27.85 5.08 -8.60
C VAL B 336 -28.21 3.94 -7.63
N ARG B 337 -27.74 4.02 -6.38
CA ARG B 337 -28.01 3.01 -5.32
C ARG B 337 -29.52 2.93 -5.07
N VAL B 338 -30.24 4.05 -5.13
CA VAL B 338 -31.72 4.11 -4.89
C VAL B 338 -32.45 3.41 -6.05
N GLU B 339 -32.11 3.76 -7.30
CA GLU B 339 -32.75 3.22 -8.53
C GLU B 339 -32.60 1.69 -8.56
N LEU B 340 -31.37 1.21 -8.40
CA LEU B 340 -31.06 -0.25 -8.31
C LEU B 340 -31.81 -0.84 -7.10
N GLY B 341 -31.95 -0.06 -6.03
CA GLY B 341 -32.73 -0.40 -4.82
C GLY B 341 -34.18 -0.73 -5.14
N LYS B 342 -34.88 0.17 -5.87
CA LYS B 342 -36.28 -0.04 -6.32
C LYS B 342 -36.38 -1.36 -7.08
N ILE B 343 -35.58 -1.50 -8.14
CA ILE B 343 -35.65 -2.66 -9.08
C ILE B 343 -35.34 -3.94 -8.29
N GLU B 344 -34.42 -3.88 -7.32
CA GLU B 344 -34.04 -5.03 -6.45
C GLU B 344 -35.20 -5.37 -5.50
N ASP B 345 -35.78 -4.36 -4.85
CA ASP B 345 -36.88 -4.53 -3.85
C ASP B 345 -38.11 -5.16 -4.52
N LYS B 346 -38.39 -4.78 -5.78
CA LYS B 346 -39.51 -5.34 -6.57
C LYS B 346 -39.19 -6.80 -6.91
N ALA B 347 -38.00 -7.07 -7.45
CA ALA B 347 -37.47 -8.42 -7.76
C ALA B 347 -37.72 -9.35 -6.57
N ILE B 348 -37.45 -8.89 -5.35
CA ILE B 348 -37.57 -9.66 -4.09
C ILE B 348 -39.05 -9.99 -3.83
N LYS B 349 -39.97 -9.10 -4.20
CA LYS B 349 -41.44 -9.32 -4.10
C LYS B 349 -41.83 -10.46 -5.05
N TYR B 350 -41.45 -10.36 -6.33
CA TYR B 350 -41.74 -11.34 -7.40
C TYR B 350 -41.22 -12.73 -7.01
N ALA B 351 -40.03 -12.79 -6.40
CA ALA B 351 -39.32 -14.04 -6.02
C ALA B 351 -40.10 -14.82 -4.96
N ARG B 352 -40.74 -14.12 -4.01
CA ARG B 352 -41.51 -14.73 -2.89
C ARG B 352 -42.85 -15.27 -3.38
N LYS B 353 -43.26 -14.95 -4.62
CA LYS B 353 -44.51 -15.45 -5.25
C LYS B 353 -44.20 -16.50 -6.32
N GLY B 354 -42.93 -16.91 -6.43
CA GLY B 354 -42.47 -17.94 -7.39
C GLY B 354 -42.60 -17.48 -8.84
N ALA B 355 -42.57 -16.16 -9.08
CA ALA B 355 -42.65 -15.53 -10.41
C ALA B 355 -41.26 -15.02 -10.80
N PHE B 356 -40.81 -15.36 -12.01
CA PHE B 356 -39.47 -15.01 -12.56
C PHE B 356 -39.67 -14.47 -13.96
N PRO B 357 -40.15 -13.20 -14.07
CA PRO B 357 -40.40 -12.58 -15.37
C PRO B 357 -39.13 -12.56 -16.23
N ARG B 358 -39.25 -12.95 -17.50
CA ARG B 358 -38.14 -12.96 -18.49
C ARG B 358 -38.53 -12.04 -19.65
N ASP B 359 -37.61 -11.17 -20.08
CA ASP B 359 -37.80 -10.26 -21.23
C ASP B 359 -39.11 -9.48 -21.02
N ILE B 360 -39.23 -8.79 -19.88
CA ILE B 360 -40.42 -7.98 -19.47
C ILE B 360 -39.99 -6.52 -19.39
N PRO B 361 -40.76 -5.56 -19.97
CA PRO B 361 -40.43 -4.15 -19.83
C PRO B 361 -40.36 -3.71 -18.36
N LEU B 362 -39.40 -2.82 -18.05
CA LEU B 362 -39.15 -2.28 -16.69
C LEU B 362 -40.38 -1.51 -16.21
N ARG B 363 -41.13 -0.88 -17.14
CA ARG B 363 -42.43 -0.20 -16.83
C ARG B 363 -43.43 -1.25 -16.32
N ASP B 364 -43.54 -2.39 -17.02
CA ASP B 364 -44.46 -3.51 -16.67
C ASP B 364 -43.93 -4.21 -15.41
N PHE B 365 -42.61 -4.25 -15.23
CA PHE B 365 -41.94 -4.91 -14.08
C PHE B 365 -42.20 -4.12 -12.78
N LEU B 366 -42.17 -2.79 -12.85
CA LEU B 366 -42.37 -1.89 -11.68
C LEU B 366 -43.86 -1.62 -11.46
N GLY B 367 -44.68 -1.76 -12.51
CA GLY B 367 -46.14 -1.55 -12.47
C GLY B 367 -46.52 -0.11 -12.69
N PHE B 368 -46.61 0.30 -13.97
CA PHE B 368 -46.88 1.69 -14.44
C PHE B 368 -48.20 1.73 -15.20
N ASP B 369 -49.03 2.76 -14.92
CA ASP B 369 -50.24 3.09 -15.72
C ASP B 369 -49.78 3.58 -17.10
N ALA B 370 -50.61 3.39 -18.14
CA ALA B 370 -50.24 3.62 -19.56
C ALA B 370 -50.34 5.12 -19.90
N ALA B 371 -49.69 5.97 -19.12
CA ALA B 371 -49.56 7.43 -19.36
C ALA B 371 -48.09 7.75 -19.67
N ASN B 372 -47.82 8.93 -20.23
CA ASN B 372 -46.48 9.37 -20.71
C ASN B 372 -46.02 8.38 -21.79
N ARG B 373 -45.11 7.45 -21.46
CA ARG B 373 -44.49 6.45 -22.37
C ARG B 373 -43.54 7.10 -23.38
N GLU B 374 -43.34 8.42 -23.29
CA GLU B 374 -42.31 9.16 -24.07
C GLU B 374 -41.00 9.14 -23.26
N VAL B 375 -39.88 8.78 -23.89
CA VAL B 375 -38.54 8.75 -23.24
C VAL B 375 -38.02 10.19 -23.18
N SER B 376 -38.14 10.82 -22.00
CA SER B 376 -37.69 12.22 -21.75
C SER B 376 -36.21 12.23 -21.37
N PRO B 377 -35.45 13.25 -21.80
CA PRO B 377 -34.14 13.54 -21.22
C PRO B 377 -34.16 13.54 -19.68
N ARG B 378 -35.21 14.12 -19.10
CA ARG B 378 -35.41 14.25 -17.63
C ARG B 378 -35.34 12.87 -16.98
N ASN B 379 -36.18 11.92 -17.43
CA ASN B 379 -36.40 10.62 -16.75
C ASN B 379 -35.21 9.69 -16.99
N VAL B 380 -34.51 9.82 -18.12
CA VAL B 380 -33.28 9.02 -18.41
C VAL B 380 -32.18 9.46 -17.44
N LEU B 381 -31.86 10.76 -17.38
CA LEU B 381 -30.74 11.31 -16.58
C LEU B 381 -31.06 11.23 -15.07
N ALA B 382 -32.32 11.43 -14.68
CA ALA B 382 -32.77 11.52 -13.28
C ALA B 382 -32.79 10.15 -12.60
N HIS B 383 -32.94 9.07 -13.37
CA HIS B 383 -33.10 7.68 -12.85
C HIS B 383 -31.91 6.81 -13.28
N ALA B 384 -30.69 7.38 -13.27
CA ALA B 384 -29.40 6.70 -13.54
C ALA B 384 -29.45 5.93 -14.87
N GLY B 385 -30.18 6.47 -15.87
CA GLY B 385 -30.34 5.86 -17.20
C GLY B 385 -31.24 4.65 -17.19
N LEU B 386 -31.75 4.23 -16.02
CA LEU B 386 -32.66 3.06 -15.87
C LEU B 386 -34.10 3.54 -16.02
N GLU B 387 -34.41 4.10 -17.20
CA GLU B 387 -35.74 4.64 -17.60
C GLU B 387 -36.61 3.45 -17.99
N ALA B 388 -37.91 3.49 -17.66
CA ALA B 388 -38.83 2.33 -17.65
C ALA B 388 -39.25 1.93 -19.07
N ASN B 389 -39.15 2.84 -20.04
CA ASN B 389 -39.59 2.63 -21.45
C ASN B 389 -38.42 2.16 -22.33
N VAL B 390 -37.22 2.00 -21.76
CA VAL B 390 -35.98 1.69 -22.54
C VAL B 390 -35.26 0.45 -21.98
N VAL B 391 -35.72 -0.12 -20.85
CA VAL B 391 -34.99 -1.20 -20.12
C VAL B 391 -35.87 -2.47 -20.07
N GLU B 392 -35.39 -3.55 -20.68
CA GLU B 392 -35.92 -4.92 -20.53
C GLU B 392 -35.34 -5.53 -19.23
N VAL B 393 -36.16 -6.23 -18.46
CA VAL B 393 -35.74 -6.95 -17.22
C VAL B 393 -35.97 -8.46 -17.44
N SER B 394 -35.12 -9.30 -16.87
CA SER B 394 -35.26 -10.77 -16.84
C SER B 394 -34.72 -11.31 -15.51
N MET B 395 -35.52 -12.16 -14.84
CA MET B 395 -35.10 -12.92 -13.64
C MET B 395 -34.93 -14.40 -14.03
N GLU B 396 -33.68 -14.86 -14.18
CA GLU B 396 -33.37 -16.29 -14.38
C GLU B 396 -34.02 -17.06 -13.22
N ALA B 397 -35.00 -17.92 -13.53
CA ALA B 397 -35.80 -18.68 -12.53
C ALA B 397 -34.88 -19.55 -11.68
N TRP B 398 -35.03 -19.47 -10.35
CA TRP B 398 -34.21 -20.23 -9.36
C TRP B 398 -35.03 -20.48 -8.09
N GLU B 399 -34.58 -21.42 -7.25
CA GLU B 399 -35.24 -21.83 -5.98
C GLU B 399 -34.67 -21.00 -4.84
N PRO B 400 -35.42 -20.00 -4.30
CA PRO B 400 -34.86 -19.06 -3.33
C PRO B 400 -34.97 -19.53 -1.87
N LYS B 401 -33.92 -19.27 -1.08
CA LYS B 401 -33.86 -19.57 0.38
C LYS B 401 -33.66 -18.26 1.15
N ARG B 402 -32.84 -17.34 0.64
CA ARG B 402 -32.61 -15.98 1.16
C ARG B 402 -32.79 -14.95 0.04
N PRO B 403 -34.04 -14.56 -0.31
CA PRO B 403 -34.30 -13.73 -1.49
C PRO B 403 -33.71 -12.32 -1.45
N GLU B 404 -33.64 -11.72 -0.25
CA GLU B 404 -33.12 -10.35 -0.02
C GLU B 404 -31.65 -10.28 -0.47
N GLU B 405 -31.01 -11.45 -0.63
CA GLU B 405 -29.59 -11.62 -1.05
C GLU B 405 -29.53 -12.01 -2.53
N GLU B 406 -30.31 -13.04 -2.92
CA GLU B 406 -30.21 -13.75 -4.22
C GLU B 406 -30.65 -12.84 -5.37
N ALA B 407 -31.77 -12.12 -5.23
CA ALA B 407 -32.46 -11.34 -6.30
C ALA B 407 -31.45 -10.45 -7.04
N GLY B 408 -30.47 -9.88 -6.33
CA GLY B 408 -29.36 -9.09 -6.90
C GLY B 408 -28.65 -9.83 -8.02
N ARG B 409 -28.43 -11.14 -7.87
CA ARG B 409 -27.68 -11.98 -8.83
C ARG B 409 -28.59 -12.42 -9.99
N HIS B 410 -29.85 -12.72 -9.70
CA HIS B 410 -30.78 -13.42 -10.62
C HIS B 410 -31.65 -12.43 -11.41
N THR B 411 -31.49 -11.12 -11.15
CA THR B 411 -32.20 -10.02 -11.86
C THR B 411 -31.20 -9.28 -12.75
N HIS B 412 -31.36 -9.38 -14.08
CA HIS B 412 -30.47 -8.75 -15.10
C HIS B 412 -31.23 -7.65 -15.84
N LEU B 413 -30.54 -6.56 -16.19
CA LEU B 413 -31.06 -5.45 -17.02
C LEU B 413 -30.24 -5.36 -18.31
N LYS B 414 -30.91 -5.15 -19.44
CA LYS B 414 -30.30 -4.62 -20.69
C LYS B 414 -31.28 -3.62 -21.29
N TYR B 415 -30.78 -2.68 -22.09
CA TYR B 415 -31.62 -1.75 -22.91
C TYR B 415 -32.22 -2.54 -24.07
N THR B 416 -33.43 -2.17 -24.48
CA THR B 416 -34.06 -2.63 -25.75
C THR B 416 -33.28 -1.99 -26.90
N PRO B 417 -33.22 -2.61 -28.10
CA PRO B 417 -32.49 -2.01 -29.22
C PRO B 417 -32.99 -0.60 -29.56
N VAL B 418 -34.30 -0.38 -29.54
CA VAL B 418 -34.97 0.94 -29.78
C VAL B 418 -34.58 1.89 -28.64
N GLY B 419 -34.75 1.44 -27.39
CA GLY B 419 -34.46 2.21 -26.17
C GLY B 419 -33.03 2.68 -26.12
N LEU B 420 -32.07 1.81 -26.49
CA LEU B 420 -30.62 2.12 -26.48
C LEU B 420 -30.34 3.30 -27.41
N LYS B 421 -30.99 3.34 -28.58
CA LYS B 421 -30.80 4.41 -29.60
C LYS B 421 -31.40 5.72 -29.08
N LYS B 422 -32.44 5.65 -28.24
CA LYS B 422 -33.09 6.85 -27.62
C LYS B 422 -32.17 7.41 -26.54
N VAL B 423 -31.64 6.55 -25.66
CA VAL B 423 -30.67 6.91 -24.59
C VAL B 423 -29.42 7.52 -25.25
N GLU B 424 -28.85 6.81 -26.23
CA GLU B 424 -27.65 7.25 -27.01
C GLU B 424 -27.87 8.68 -27.52
N ASP B 425 -29.03 8.95 -28.14
CA ASP B 425 -29.39 10.29 -28.69
C ASP B 425 -29.49 11.30 -27.54
N ILE B 426 -30.19 10.94 -26.46
CA ILE B 426 -30.46 11.81 -25.28
C ILE B 426 -29.12 12.15 -24.59
N VAL B 427 -28.33 11.14 -24.27
CA VAL B 427 -27.04 11.28 -23.52
C VAL B 427 -26.04 12.06 -24.37
N SER B 428 -25.91 11.72 -25.66
CA SER B 428 -25.06 12.44 -26.64
C SER B 428 -25.44 13.92 -26.64
N ARG B 429 -26.74 14.21 -26.71
CA ARG B 429 -27.30 15.59 -26.79
C ARG B 429 -27.00 16.35 -25.49
N ALA B 430 -27.05 15.67 -24.34
CA ALA B 430 -26.80 16.26 -23.00
C ALA B 430 -25.31 16.57 -22.82
N LEU B 431 -24.44 15.84 -23.51
CA LEU B 431 -22.97 16.04 -23.48
C LEU B 431 -22.60 17.31 -24.26
N LYS B 432 -23.46 17.76 -25.17
CA LYS B 432 -23.18 18.84 -26.16
C LYS B 432 -23.71 20.18 -25.66
N GLU B 433 -24.84 20.19 -24.93
CA GLU B 433 -25.28 21.33 -24.09
C GLU B 433 -24.46 21.34 -22.80
N SER B 434 -23.75 20.22 -22.54
CA SER B 434 -22.69 20.07 -21.52
C SER B 434 -23.15 20.66 -20.18
N MET C 3 17.96 -38.88 24.85
CA MET C 3 16.80 -38.56 25.75
C MET C 3 15.55 -38.34 24.90
N LYS C 4 14.55 -39.22 25.03
CA LYS C 4 13.24 -39.14 24.31
C LYS C 4 12.18 -38.51 25.24
N LEU C 5 11.21 -37.82 24.65
CA LEU C 5 10.11 -37.10 25.38
C LEU C 5 8.79 -37.31 24.63
N LEU C 6 7.76 -37.80 25.33
CA LEU C 6 6.39 -38.01 24.78
C LEU C 6 5.43 -37.00 25.42
N VAL C 7 4.93 -36.04 24.63
CA VAL C 7 3.93 -35.02 25.06
C VAL C 7 2.59 -35.36 24.39
N VAL C 8 1.48 -35.22 25.12
CA VAL C 8 0.12 -35.57 24.63
C VAL C 8 -0.87 -34.49 25.10
N SER C 9 -1.70 -33.98 24.18
CA SER C 9 -2.81 -33.04 24.46
C SER C 9 -4.08 -33.85 24.69
N TRP C 10 -4.65 -33.74 25.90
CA TRP C 10 -5.90 -34.44 26.34
C TRP C 10 -6.99 -33.42 26.64
N GLY C 11 -8.25 -33.83 26.45
CA GLY C 11 -9.44 -33.09 26.90
C GLY C 11 -10.09 -33.78 28.10
N ASP C 12 -11.32 -34.27 27.92
CA ASP C 12 -12.12 -35.01 28.94
C ASP C 12 -11.96 -36.51 28.67
N PHE C 13 -11.08 -37.18 29.42
CA PHE C 13 -10.59 -38.57 29.16
C PHE C 13 -11.60 -39.61 29.68
N GLU C 14 -12.61 -39.20 30.45
CA GLU C 14 -13.64 -40.11 31.03
C GLU C 14 -14.82 -40.26 30.06
N ARG C 15 -14.79 -39.56 28.91
CA ARG C 15 -15.85 -39.59 27.87
C ARG C 15 -15.37 -40.40 26.65
N TRP C 16 -14.13 -40.91 26.67
CA TRP C 16 -13.54 -41.67 25.53
C TRP C 16 -14.10 -43.09 25.51
N LYS C 17 -14.43 -43.61 24.33
CA LYS C 17 -14.89 -45.00 24.08
C LYS C 17 -13.66 -45.92 24.10
N GLU C 18 -13.87 -47.24 24.00
CA GLU C 18 -12.81 -48.27 23.83
C GLU C 18 -12.69 -48.62 22.35
N THR C 19 -11.47 -48.84 21.86
CA THR C 19 -11.20 -49.23 20.44
C THR C 19 -9.80 -49.85 20.33
N LYS C 20 -9.46 -50.34 19.13
CA LYS C 20 -8.14 -50.93 18.78
C LYS C 20 -7.28 -49.83 18.13
N TYR C 21 -5.99 -49.76 18.50
CA TYR C 21 -5.00 -48.79 17.95
C TYR C 21 -3.85 -49.55 17.29
N ARG C 22 -3.58 -49.25 16.01
CA ARG C 22 -2.36 -49.69 15.28
C ARG C 22 -1.28 -48.63 15.46
N PHE C 23 -0.12 -49.00 16.01
CA PHE C 23 1.09 -48.13 16.02
C PHE C 23 2.37 -48.97 16.15
N GLY C 24 3.35 -48.68 15.30
CA GLY C 24 4.71 -49.25 15.32
C GLY C 24 4.72 -50.75 15.13
N GLY C 25 3.79 -51.27 14.31
CA GLY C 25 3.59 -52.71 14.09
C GLY C 25 2.66 -53.32 15.12
N GLU C 26 2.70 -52.82 16.36
CA GLU C 26 1.94 -53.35 17.53
C GLU C 26 0.45 -53.01 17.38
N THR C 27 -0.37 -53.61 18.23
CA THR C 27 -1.85 -53.41 18.31
C THR C 27 -2.23 -53.29 19.79
N SER C 28 -3.15 -52.39 20.14
CA SER C 28 -3.53 -52.05 21.53
C SER C 28 -5.03 -51.83 21.66
N VAL C 29 -5.62 -52.25 22.78
CA VAL C 29 -7.07 -52.14 23.09
C VAL C 29 -7.25 -51.32 24.37
N GLY C 30 -8.15 -50.34 24.35
CA GLY C 30 -8.39 -49.40 25.46
C GLY C 30 -8.98 -48.08 24.98
N PRO C 31 -9.18 -47.11 25.89
CA PRO C 31 -9.74 -45.80 25.53
C PRO C 31 -8.70 -44.76 25.07
N SER C 32 -7.45 -44.92 25.50
CA SER C 32 -6.33 -43.96 25.27
C SER C 32 -5.31 -44.55 24.29
N THR C 33 -4.66 -43.69 23.50
CA THR C 33 -3.53 -44.01 22.59
C THR C 33 -2.22 -44.09 23.37
N LEU C 34 -2.24 -43.73 24.67
CA LEU C 34 -1.01 -43.46 25.48
C LEU C 34 -0.21 -44.73 25.71
N PRO C 35 -0.82 -45.88 26.09
CA PRO C 35 -0.04 -47.07 26.44
C PRO C 35 0.74 -47.62 25.25
N ILE C 36 0.13 -47.64 24.05
CA ILE C 36 0.79 -48.11 22.80
C ILE C 36 1.85 -47.10 22.37
N LEU C 37 1.64 -45.80 22.64
CA LEU C 37 2.64 -44.73 22.37
C LEU C 37 3.90 -44.98 23.22
N GLN C 38 3.73 -45.51 24.43
CA GLN C 38 4.84 -45.75 25.41
C GLN C 38 5.56 -47.06 25.09
N LYS C 39 4.83 -48.14 24.74
CA LYS C 39 5.41 -49.45 24.32
C LYS C 39 6.38 -49.23 23.16
N VAL C 40 5.92 -48.58 22.09
CA VAL C 40 6.66 -48.42 20.81
C VAL C 40 7.81 -47.43 21.02
N ILE C 41 7.50 -46.19 21.39
CA ILE C 41 8.47 -45.05 21.45
C ILE C 41 9.47 -45.29 22.58
N LYS C 42 9.03 -45.91 23.69
CA LYS C 42 9.88 -46.17 24.89
C LYS C 42 10.53 -44.86 25.33
N PRO C 43 9.75 -43.87 25.83
CA PRO C 43 10.29 -42.57 26.19
C PRO C 43 10.97 -42.53 27.56
N ASP C 44 11.99 -41.67 27.71
CA ASP C 44 12.65 -41.36 29.01
C ASP C 44 11.63 -40.71 29.95
N TRP C 45 10.80 -39.81 29.43
CA TRP C 45 9.74 -39.11 30.19
C TRP C 45 8.49 -38.88 29.33
N THR C 46 7.32 -38.83 29.97
CA THR C 46 5.99 -38.60 29.35
C THR C 46 5.33 -37.39 30.02
N VAL C 47 4.70 -36.52 29.22
CA VAL C 47 3.99 -35.29 29.70
C VAL C 47 2.56 -35.31 29.14
N ILE C 48 1.58 -35.12 30.03
CA ILE C 48 0.14 -34.97 29.70
C ILE C 48 -0.25 -33.51 29.94
N VAL C 49 -0.66 -32.80 28.89
CA VAL C 49 -1.23 -31.43 28.99
C VAL C 49 -2.75 -31.56 28.84
N LEU C 50 -3.51 -31.18 29.87
CA LEU C 50 -4.99 -31.12 29.80
C LEU C 50 -5.49 -29.84 30.49
N SER C 51 -6.79 -29.57 30.33
CA SER C 51 -7.44 -28.26 30.63
C SER C 51 -7.98 -28.25 32.07
N ASP C 52 -8.01 -27.06 32.70
CA ASP C 52 -8.61 -26.79 34.03
C ASP C 52 -10.07 -27.25 34.08
N THR C 53 -10.77 -27.15 32.94
CA THR C 53 -12.26 -27.21 32.82
C THR C 53 -12.78 -28.60 33.18
N ILE C 54 -11.89 -29.61 33.23
CA ILE C 54 -12.20 -31.00 33.65
C ILE C 54 -12.51 -31.05 35.16
N GLY C 55 -12.17 -30.00 35.91
CA GLY C 55 -12.36 -29.91 37.37
C GLY C 55 -13.82 -29.76 37.78
N LYS C 56 -14.20 -30.31 38.95
CA LYS C 56 -15.60 -30.41 39.45
C LYS C 56 -15.73 -29.91 40.91
N ASP C 57 -14.65 -29.92 41.70
CA ASP C 57 -14.64 -29.43 43.11
C ASP C 57 -14.05 -28.00 43.13
N PHE C 58 -14.81 -27.02 43.62
CA PHE C 58 -14.52 -25.57 43.50
C PHE C 58 -14.37 -24.91 44.89
N SER C 59 -13.86 -25.65 45.89
CA SER C 59 -13.62 -25.14 47.26
C SER C 59 -12.32 -24.31 47.33
N SER C 60 -11.48 -24.40 46.30
CA SER C 60 -10.13 -23.76 46.22
C SER C 60 -9.58 -23.94 44.79
N VAL C 61 -8.34 -23.53 44.55
CA VAL C 61 -7.67 -23.68 43.21
C VAL C 61 -6.73 -24.90 43.24
N GLU C 62 -6.28 -25.32 44.42
CA GLU C 62 -5.39 -26.51 44.61
C GLU C 62 -6.24 -27.75 44.88
N THR C 63 -7.48 -27.59 45.36
CA THR C 63 -8.51 -28.66 45.39
C THR C 63 -8.89 -29.02 43.95
N LEU C 64 -8.99 -28.01 43.08
CA LEU C 64 -9.41 -28.16 41.66
C LEU C 64 -8.32 -28.90 40.88
N ARG C 65 -7.05 -28.60 41.15
CA ARG C 65 -5.88 -29.25 40.50
C ARG C 65 -5.65 -30.63 41.11
N GLU C 66 -5.87 -30.79 42.42
CA GLU C 66 -5.77 -32.10 43.12
C GLU C 66 -6.95 -32.98 42.69
N ASP C 67 -8.12 -32.38 42.45
CA ASP C 67 -9.29 -33.05 41.83
C ASP C 67 -8.86 -33.62 40.47
N VAL C 68 -8.36 -32.76 39.58
CA VAL C 68 -8.02 -33.12 38.16
C VAL C 68 -6.88 -34.15 38.16
N ARG C 69 -5.82 -33.96 38.95
CA ARG C 69 -4.64 -34.87 38.97
C ARG C 69 -5.09 -36.28 39.35
N ASN C 70 -5.83 -36.41 40.47
CA ASN C 70 -6.36 -37.71 40.97
C ASN C 70 -7.03 -38.45 39.82
N ARG C 71 -7.97 -37.80 39.13
CA ARG C 71 -8.76 -38.37 38.00
C ARG C 71 -7.79 -38.90 36.94
N VAL C 72 -6.73 -38.14 36.63
CA VAL C 72 -5.71 -38.51 35.60
C VAL C 72 -4.97 -39.77 36.07
N MET C 73 -4.48 -39.79 37.32
CA MET C 73 -3.67 -40.90 37.90
C MET C 73 -4.49 -42.20 37.86
N ASP C 74 -5.80 -42.13 38.17
CA ASP C 74 -6.72 -43.30 38.24
C ASP C 74 -6.97 -43.82 36.82
N PHE C 75 -7.09 -42.94 35.83
CA PHE C 75 -7.26 -43.28 34.40
C PHE C 75 -5.98 -43.92 33.86
N LEU C 76 -4.82 -43.56 34.43
CA LEU C 76 -3.50 -44.16 34.08
C LEU C 76 -3.37 -45.57 34.68
N ASP C 77 -4.40 -46.05 35.39
CA ASP C 77 -4.46 -47.43 35.96
C ASP C 77 -5.50 -48.27 35.19
N ARG C 78 -6.71 -47.74 34.96
CA ARG C 78 -7.75 -48.40 34.11
C ARG C 78 -7.10 -48.88 32.81
N ILE C 79 -6.17 -48.08 32.28
CA ILE C 79 -5.37 -48.37 31.05
C ILE C 79 -3.99 -48.90 31.47
N GLY C 80 -3.38 -49.75 30.64
CA GLY C 80 -2.09 -50.41 30.94
C GLY C 80 -0.92 -49.47 30.79
N ALA C 81 -1.04 -48.24 31.33
CA ALA C 81 -0.08 -47.13 31.14
C ALA C 81 0.94 -47.10 32.28
N GLY C 82 2.08 -46.44 32.04
CA GLY C 82 3.09 -46.13 33.07
C GLY C 82 2.62 -45.00 33.99
N ARG C 83 3.32 -44.80 35.10
CA ARG C 83 3.03 -43.72 36.09
C ARG C 83 4.20 -42.74 36.19
N GLU C 84 5.25 -42.93 35.38
CA GLU C 84 6.45 -42.06 35.32
C GLU C 84 6.11 -40.81 34.48
N VAL C 85 5.19 -39.98 34.96
CA VAL C 85 4.45 -39.00 34.12
C VAL C 85 4.45 -37.61 34.79
N ASP C 86 4.20 -36.58 34.00
CA ASP C 86 4.03 -35.16 34.40
C ASP C 86 2.67 -34.67 33.89
N VAL C 87 1.85 -34.08 34.76
CA VAL C 87 0.47 -33.62 34.40
C VAL C 87 0.42 -32.08 34.53
N ILE C 88 0.60 -31.38 33.40
CA ILE C 88 0.45 -29.90 33.28
C ILE C 88 -1.05 -29.59 33.17
N ILE C 89 -1.63 -29.01 34.23
CA ILE C 89 -3.09 -28.70 34.32
C ILE C 89 -3.27 -27.23 33.90
N ALA C 90 -3.61 -27.01 32.63
CA ALA C 90 -3.58 -25.70 31.93
C ALA C 90 -4.85 -24.91 32.21
N PRO C 91 -4.77 -23.56 32.27
CA PRO C 91 -5.94 -22.71 32.50
C PRO C 91 -6.87 -22.60 31.28
N GLY C 92 -7.95 -23.40 31.30
CA GLY C 92 -9.00 -23.41 30.26
C GLY C 92 -10.05 -22.35 30.49
N ILE C 93 -10.90 -22.13 29.47
CA ILE C 93 -11.94 -21.07 29.42
C ILE C 93 -13.22 -21.67 28.82
N GLY C 94 -14.38 -21.33 29.39
CA GLY C 94 -15.70 -21.81 28.93
C GLY C 94 -16.67 -22.03 30.07
N GLU C 95 -17.98 -21.98 29.79
CA GLU C 95 -19.07 -22.26 30.76
C GLU C 95 -19.61 -23.68 30.51
N PHE C 96 -19.46 -24.57 31.50
CA PHE C 96 -19.78 -26.02 31.40
C PHE C 96 -20.88 -26.38 32.40
N THR C 97 -21.48 -27.56 32.20
CA THR C 97 -22.60 -28.12 33.01
C THR C 97 -22.24 -28.13 34.50
N HIS C 98 -20.96 -28.37 34.83
CA HIS C 98 -20.46 -28.65 36.20
C HIS C 98 -19.67 -27.46 36.77
N GLY C 99 -19.36 -26.44 35.95
CA GLY C 99 -18.54 -25.28 36.39
C GLY C 99 -18.40 -24.21 35.32
N SER C 100 -17.85 -23.05 35.69
CA SER C 100 -17.65 -21.86 34.82
C SER C 100 -16.25 -21.27 35.03
N PHE C 101 -15.45 -21.19 33.97
CA PHE C 101 -14.04 -20.71 34.00
C PHE C 101 -13.92 -19.45 33.12
N ARG C 102 -13.39 -18.37 33.71
CA ARG C 102 -13.20 -17.06 33.05
C ARG C 102 -11.73 -16.62 33.18
N GLY C 103 -11.26 -15.85 32.21
CA GLY C 103 -9.88 -15.32 32.15
C GLY C 103 -9.44 -15.13 30.71
N SER C 104 -8.19 -14.69 30.50
CA SER C 104 -7.55 -14.61 29.17
C SER C 104 -7.36 -16.02 28.61
N ALA C 105 -7.75 -16.24 27.36
CA ALA C 105 -7.58 -17.51 26.62
C ALA C 105 -6.08 -17.78 26.38
N MET C 106 -5.29 -16.71 26.28
CA MET C 106 -3.83 -16.75 25.98
C MET C 106 -3.02 -17.23 27.19
N ASP C 107 -3.62 -17.30 28.39
CA ASP C 107 -2.94 -17.74 29.64
C ASP C 107 -2.37 -19.15 29.45
N ALA C 108 -3.10 -20.05 28.80
CA ALA C 108 -2.77 -21.49 28.67
C ALA C 108 -1.45 -21.66 27.90
N TYR C 109 -1.18 -20.83 26.89
CA TYR C 109 0.11 -20.83 26.15
C TYR C 109 1.25 -20.57 27.15
N TYR C 110 1.14 -19.50 27.94
CA TYR C 110 2.18 -18.99 28.87
C TYR C 110 2.40 -20.00 30.00
N TYR C 111 1.31 -20.57 30.54
CA TYR C 111 1.34 -21.58 31.62
C TYR C 111 2.02 -22.85 31.12
N VAL C 112 1.68 -23.30 29.90
CA VAL C 112 2.27 -24.51 29.26
C VAL C 112 3.73 -24.21 28.89
N LEU C 113 4.00 -23.06 28.25
CA LEU C 113 5.39 -22.62 27.92
C LEU C 113 6.23 -22.66 29.20
N HIS C 114 5.69 -22.11 30.29
CA HIS C 114 6.34 -22.06 31.63
C HIS C 114 6.66 -23.47 32.11
N ALA C 115 5.65 -24.35 32.15
CA ALA C 115 5.73 -25.75 32.63
C ALA C 115 6.78 -26.53 31.84
N LEU C 116 6.74 -26.42 30.51
CA LEU C 116 7.64 -27.17 29.58
C LEU C 116 9.08 -26.69 29.71
N SER C 117 9.29 -25.41 30.01
CA SER C 117 10.63 -24.79 30.20
C SER C 117 11.37 -25.48 31.37
N GLU C 118 10.62 -26.13 32.28
CA GLU C 118 11.16 -26.75 33.52
C GLU C 118 11.01 -28.28 33.48
N ILE C 119 10.69 -28.86 32.32
CA ILE C 119 10.56 -30.33 32.11
C ILE C 119 11.52 -30.79 31.01
N ILE C 120 11.52 -30.09 29.86
CA ILE C 120 12.41 -30.37 28.70
C ILE C 120 13.86 -30.36 29.20
N PRO C 121 14.63 -31.45 28.99
CA PRO C 121 16.04 -31.48 29.36
C PRO C 121 16.90 -30.44 28.61
N THR C 122 17.71 -29.70 29.38
CA THR C 122 18.56 -28.57 28.90
C THR C 122 20.02 -29.01 28.78
N LYS C 123 20.25 -30.31 28.60
CA LYS C 123 21.58 -30.93 28.34
C LYS C 123 21.38 -32.12 27.39
N GLY C 124 22.25 -32.28 26.40
CA GLY C 124 22.23 -33.41 25.45
C GLY C 124 21.09 -33.31 24.44
N ASP C 125 21.00 -34.29 23.54
CA ASP C 125 20.06 -34.31 22.39
C ASP C 125 18.63 -34.58 22.87
N LEU C 126 17.65 -34.35 21.99
CA LEU C 126 16.19 -34.52 22.26
C LEU C 126 15.50 -35.12 21.03
N GLU C 127 14.75 -36.21 21.25
CA GLU C 127 13.81 -36.81 20.28
C GLU C 127 12.40 -36.67 20.88
N VAL C 128 11.60 -35.73 20.37
CA VAL C 128 10.33 -35.27 21.01
C VAL C 128 9.13 -35.77 20.19
N HIS C 129 8.17 -36.41 20.86
CA HIS C 129 6.94 -37.01 20.27
C HIS C 129 5.71 -36.27 20.83
N PHE C 130 4.76 -35.94 19.96
CA PHE C 130 3.56 -35.12 20.30
C PHE C 130 2.30 -35.77 19.70
N ASP C 131 1.39 -36.22 20.57
CA ASP C 131 0.10 -36.87 20.19
C ASP C 131 -1.04 -35.84 20.31
N SER C 132 -1.60 -35.44 19.18
CA SER C 132 -2.69 -34.43 19.06
C SER C 132 -4.05 -35.10 18.88
N THR C 133 -4.14 -36.41 19.09
CA THR C 133 -5.35 -37.24 18.84
C THR C 133 -6.51 -36.75 19.72
N HIS C 134 -6.28 -36.72 21.04
CA HIS C 134 -7.32 -36.58 22.10
C HIS C 134 -7.52 -35.12 22.51
N GLY C 135 -6.75 -34.18 21.93
CA GLY C 135 -6.60 -32.81 22.44
C GLY C 135 -7.79 -31.92 22.14
N LEU C 136 -7.95 -30.85 22.93
CA LEU C 136 -8.82 -29.68 22.61
C LEU C 136 -8.11 -28.84 21.57
N ASN C 137 -8.82 -28.33 20.57
CA ASN C 137 -8.22 -27.73 19.35
C ASN C 137 -7.30 -26.57 19.76
N TYR C 138 -7.69 -25.77 20.77
CA TYR C 138 -6.98 -24.52 21.17
C TYR C 138 -5.86 -24.86 22.15
N VAL C 139 -5.99 -25.90 22.98
CA VAL C 139 -4.92 -26.36 23.91
C VAL C 139 -3.80 -27.04 23.10
N THR C 140 -4.17 -27.74 22.01
CA THR C 140 -3.23 -28.49 21.13
C THR C 140 -2.35 -27.51 20.34
N LEU C 141 -2.94 -26.49 19.73
CA LEU C 141 -2.21 -25.41 18.98
C LEU C 141 -1.24 -24.71 19.93
N LEU C 142 -1.71 -24.33 21.12
CA LEU C 142 -0.93 -23.57 22.14
C LEU C 142 0.22 -24.45 22.67
N THR C 143 -0.04 -25.74 22.93
CA THR C 143 0.96 -26.71 23.40
C THR C 143 1.99 -26.96 22.28
N TYR C 144 1.53 -27.14 21.03
CA TYR C 144 2.40 -27.31 19.82
C TYR C 144 3.33 -26.11 19.68
N ARG C 145 2.73 -24.91 19.63
CA ARG C 145 3.43 -23.60 19.49
C ARG C 145 4.49 -23.48 20.58
N ALA C 146 4.10 -23.67 21.85
CA ALA C 146 4.97 -23.53 23.04
C ALA C 146 6.09 -24.58 23.00
N LEU C 147 5.79 -25.78 22.50
CA LEU C 147 6.75 -26.92 22.42
C LEU C 147 7.80 -26.59 21.34
N LYS C 148 7.37 -26.10 20.18
CA LYS C 148 8.24 -25.68 19.06
C LYS C 148 9.11 -24.48 19.49
N ASP C 149 8.50 -23.47 20.10
CA ASP C 149 9.18 -22.23 20.58
C ASP C 149 10.39 -22.63 21.43
N LEU C 150 10.22 -23.58 22.35
CA LEU C 150 11.28 -24.02 23.31
C LEU C 150 12.32 -24.87 22.57
N LEU C 151 11.89 -25.85 21.77
CA LEU C 151 12.78 -26.81 21.06
C LEU C 151 13.69 -26.05 20.08
N GLY C 152 13.21 -24.93 19.52
CA GLY C 152 13.99 -24.05 18.63
C GLY C 152 15.19 -23.44 19.33
N ILE C 153 15.03 -23.06 20.60
CA ILE C 153 16.11 -22.50 21.47
C ILE C 153 17.04 -23.64 21.89
N ALA C 154 16.48 -24.83 22.16
CA ALA C 154 17.20 -26.06 22.56
C ALA C 154 18.08 -26.54 21.40
N ALA C 155 17.65 -26.33 20.16
CA ALA C 155 18.32 -26.81 18.93
C ALA C 155 19.60 -26.02 18.66
N VAL C 156 19.77 -24.85 19.30
CA VAL C 156 20.99 -23.99 19.20
C VAL C 156 22.22 -24.83 19.60
N MET C 157 22.07 -25.70 20.60
CA MET C 157 23.19 -26.33 21.35
C MET C 157 23.19 -27.86 21.19
N ASN C 158 22.06 -28.45 20.77
CA ASN C 158 21.89 -29.93 20.70
C ASN C 158 21.03 -30.25 19.46
N THR C 159 20.99 -31.53 19.07
CA THR C 159 20.17 -32.03 17.93
C THR C 159 18.75 -32.29 18.44
N VAL C 160 17.75 -31.67 17.82
CA VAL C 160 16.32 -31.75 18.24
C VAL C 160 15.48 -32.20 17.04
N THR C 161 15.07 -33.47 17.05
CA THR C 161 14.13 -34.08 16.07
C THR C 161 12.74 -34.13 16.71
N PHE C 162 11.69 -33.84 15.93
CA PHE C 162 10.30 -33.72 16.41
C PHE C 162 9.38 -34.60 15.55
N TYR C 163 8.64 -35.51 16.19
CA TYR C 163 7.55 -36.32 15.59
C TYR C 163 6.21 -35.86 16.19
N ALA C 164 5.18 -35.75 15.36
CA ALA C 164 3.79 -35.46 15.76
C ALA C 164 2.87 -36.56 15.23
N TYR C 165 2.04 -37.14 16.09
CA TYR C 165 1.10 -38.24 15.77
C TYR C 165 -0.34 -37.76 15.93
N ASN C 166 -1.23 -38.32 15.11
CA ASN C 166 -2.70 -38.18 15.23
C ASN C 166 -3.35 -39.44 14.66
N SER C 167 -4.44 -39.91 15.27
CA SER C 167 -5.08 -41.22 14.98
C SER C 167 -6.05 -41.03 13.82
N ASP C 168 -6.35 -42.11 13.09
CA ASP C 168 -7.50 -42.15 12.15
C ASP C 168 -8.72 -41.64 12.92
N PRO C 169 -9.53 -40.71 12.38
CA PRO C 169 -10.76 -40.29 13.04
C PRO C 169 -11.58 -41.48 13.57
N PHE C 170 -12.10 -41.35 14.80
CA PHE C 170 -12.95 -42.37 15.48
C PHE C 170 -14.42 -42.12 15.10
N VAL C 171 -15.06 -43.10 14.46
CA VAL C 171 -16.50 -43.06 14.07
C VAL C 171 -17.23 -44.08 14.94
N PRO C 172 -18.38 -43.71 15.56
CA PRO C 172 -18.99 -44.51 16.63
C PRO C 172 -19.03 -46.04 16.41
N LYS C 173 -19.58 -46.50 15.29
CA LYS C 173 -19.89 -47.93 15.03
C LYS C 173 -19.30 -48.43 13.71
N ILE C 174 -18.62 -47.57 12.94
CA ILE C 174 -17.96 -47.93 11.65
C ILE C 174 -16.53 -48.40 11.94
N THR C 175 -15.90 -47.81 12.97
CA THR C 175 -14.48 -48.02 13.36
C THR C 175 -14.30 -49.45 13.90
N LYS C 176 -13.13 -50.04 13.60
CA LYS C 176 -12.66 -51.34 14.15
C LYS C 176 -11.28 -51.14 14.76
N GLU C 177 -10.28 -50.87 13.92
CA GLU C 177 -8.88 -50.52 14.33
C GLU C 177 -8.56 -49.12 13.80
N LEU C 178 -8.03 -48.25 14.67
CA LEU C 178 -7.57 -46.88 14.31
C LEU C 178 -6.04 -46.87 14.22
N ASN C 179 -5.50 -46.60 13.03
CA ASN C 179 -4.04 -46.42 12.79
C ASN C 179 -3.61 -45.10 13.43
N ILE C 180 -2.38 -45.03 13.94
CA ILE C 180 -1.77 -43.82 14.54
C ILE C 180 -0.79 -43.22 13.53
N ASN C 181 -1.24 -42.19 12.79
CA ASN C 181 -0.52 -41.61 11.64
C ASN C 181 0.54 -40.63 12.14
N THR C 182 1.77 -40.75 11.61
CA THR C 182 2.86 -39.75 11.76
C THR C 182 2.55 -38.59 10.80
N ILE C 183 2.12 -37.44 11.34
CA ILE C 183 1.66 -36.26 10.55
C ILE C 183 2.81 -35.26 10.38
N GLU C 184 3.96 -35.53 11.00
CA GLU C 184 5.15 -34.62 10.97
C GLU C 184 6.37 -35.35 11.53
N THR C 185 7.50 -35.28 10.83
CA THR C 185 8.86 -35.62 11.33
C THR C 185 9.85 -34.54 10.86
N THR C 186 10.49 -33.85 11.80
CA THR C 186 11.25 -32.59 11.56
C THR C 186 12.62 -32.67 12.24
N MET C 187 13.62 -32.04 11.63
CA MET C 187 14.85 -31.53 12.30
C MET C 187 14.56 -30.11 12.76
N VAL C 188 14.32 -29.88 14.06
CA VAL C 188 13.92 -28.55 14.60
C VAL C 188 15.10 -27.58 14.37
N LYS C 189 14.88 -26.54 13.57
CA LYS C 189 15.92 -25.57 13.14
C LYS C 189 16.32 -24.70 14.32
N PRO C 190 17.63 -24.37 14.50
CA PRO C 190 18.06 -23.45 15.54
C PRO C 190 17.49 -22.03 15.36
N THR C 191 16.91 -21.49 16.43
CA THR C 191 16.26 -20.15 16.49
C THR C 191 16.50 -19.53 17.86
N PRO C 192 17.65 -18.85 18.12
CA PRO C 192 17.86 -18.17 19.39
C PRO C 192 16.78 -17.09 19.61
N LEU C 193 16.35 -16.90 20.87
CA LEU C 193 15.41 -15.82 21.26
C LEU C 193 15.80 -14.55 20.50
N SER C 194 14.84 -13.95 19.79
CA SER C 194 15.04 -12.74 18.94
C SER C 194 14.00 -11.66 19.29
N GLU C 195 13.39 -11.75 20.48
CA GLU C 195 12.47 -10.71 21.03
C GLU C 195 13.27 -9.88 22.03
N PRO C 196 13.13 -8.55 22.04
CA PRO C 196 13.60 -7.75 23.17
C PRO C 196 12.57 -7.86 24.31
N LEU C 197 12.97 -7.56 25.54
CA LEU C 197 12.04 -7.47 26.70
C LEU C 197 11.15 -6.26 26.50
N PRO C 198 9.80 -6.40 26.66
CA PRO C 198 8.88 -5.32 26.32
C PRO C 198 8.78 -4.21 27.38
N GLY C 199 7.92 -3.22 27.15
CA GLY C 199 7.47 -2.24 28.15
C GLY C 199 6.78 -2.95 29.31
N PHE C 200 6.55 -2.23 30.41
CA PHE C 200 6.12 -2.82 31.72
C PHE C 200 4.59 -2.79 31.83
N ASP C 201 3.91 -2.75 30.67
CA ASP C 201 2.46 -3.00 30.52
C ASP C 201 2.22 -4.50 30.35
N GLU C 202 3.25 -5.24 29.90
CA GLU C 202 3.08 -6.52 29.16
C GLU C 202 3.79 -7.69 29.86
N TYR C 203 3.77 -7.73 31.19
CA TYR C 203 4.22 -8.92 31.99
C TYR C 203 3.00 -9.54 32.68
N LEU C 204 2.23 -8.72 33.40
CA LEU C 204 0.90 -9.07 33.94
C LEU C 204 -0.08 -7.95 33.61
N CYS C 205 -1.28 -8.31 33.15
CA CYS C 205 -2.39 -7.39 32.81
C CYS C 205 -3.64 -7.80 33.59
N PRO C 206 -4.49 -6.84 34.01
CA PRO C 206 -5.75 -7.18 34.68
C PRO C 206 -6.79 -7.68 33.68
N TYR C 207 -7.30 -8.90 33.87
CA TYR C 207 -8.47 -9.44 33.11
C TYR C 207 -9.74 -8.85 33.71
N SER C 208 -9.97 -9.13 35.00
CA SER C 208 -11.18 -8.75 35.78
C SER C 208 -10.75 -8.17 37.13
N MET C 209 -9.87 -7.16 37.10
CA MET C 209 -9.30 -6.50 38.29
C MET C 209 -9.56 -4.99 38.20
N GLU C 210 -10.23 -4.44 39.23
CA GLU C 210 -10.45 -2.98 39.42
C GLU C 210 -9.10 -2.26 39.21
N ARG C 211 -9.07 -1.26 38.33
CA ARG C 211 -7.85 -0.53 37.88
C ARG C 211 -6.93 -0.24 39.08
N ALA C 212 -7.49 0.18 40.21
CA ALA C 212 -6.79 0.57 41.45
C ALA C 212 -6.08 -0.64 42.08
N GLU C 213 -6.84 -1.70 42.37
CA GLU C 213 -6.42 -2.95 43.06
C GLU C 213 -5.19 -3.54 42.34
N PHE C 214 -5.15 -3.44 41.01
CA PHE C 214 -4.03 -3.92 40.15
C PHE C 214 -2.77 -3.11 40.41
N VAL C 215 -2.88 -1.78 40.41
CA VAL C 215 -1.72 -0.84 40.49
C VAL C 215 -1.03 -0.98 41.85
N ARG C 216 -1.77 -1.29 42.91
CA ARG C 216 -1.20 -1.61 44.26
C ARG C 216 -0.37 -2.90 44.15
N LEU C 217 -0.91 -3.92 43.47
CA LEU C 217 -0.22 -5.22 43.20
C LEU C 217 1.04 -4.97 42.37
N LYS C 218 0.88 -4.31 41.21
CA LYS C 218 1.97 -4.01 40.24
C LYS C 218 3.11 -3.30 40.96
N GLY C 219 2.78 -2.34 41.84
CA GLY C 219 3.74 -1.53 42.61
C GLY C 219 4.44 -2.33 43.70
N SER C 220 3.82 -3.41 44.18
CA SER C 220 4.34 -4.30 45.25
C SER C 220 5.38 -5.28 44.69
N LEU C 221 5.51 -5.37 43.36
CA LEU C 221 6.38 -6.37 42.66
C LEU C 221 7.84 -5.91 42.66
N ASN C 222 8.75 -6.79 43.09
CA ASN C 222 10.22 -6.61 43.01
C ASN C 222 10.70 -6.76 41.56
N THR C 223 10.14 -7.74 40.83
CA THR C 223 10.57 -8.15 39.47
C THR C 223 10.69 -6.92 38.56
N LEU C 224 9.56 -6.25 38.28
CA LEU C 224 9.46 -5.04 37.42
C LEU C 224 10.54 -4.03 37.80
N LYS C 225 10.77 -3.80 39.10
CA LYS C 225 11.76 -2.81 39.63
C LYS C 225 13.18 -3.26 39.26
N ASN C 226 13.54 -4.52 39.52
CA ASN C 226 14.87 -5.12 39.25
C ASN C 226 15.12 -5.21 37.74
N LEU C 227 14.07 -5.48 36.96
CA LEU C 227 14.14 -5.76 35.49
C LEU C 227 14.40 -4.44 34.75
N ARG C 228 13.70 -3.36 35.13
CA ARG C 228 13.85 -2.00 34.55
C ARG C 228 15.34 -1.60 34.49
N LYS C 229 16.16 -2.14 35.40
CA LYS C 229 17.59 -1.76 35.58
C LYS C 229 18.51 -2.81 34.91
N GLU C 230 18.05 -4.05 34.73
CA GLU C 230 18.82 -5.16 34.11
C GLU C 230 18.38 -5.36 32.66
N LYS C 231 17.26 -4.75 32.26
CA LYS C 231 16.61 -4.90 30.92
C LYS C 231 17.65 -4.87 29.80
N LYS C 232 18.46 -3.81 29.71
CA LYS C 232 19.36 -3.53 28.56
C LYS C 232 20.41 -4.65 28.44
N LYS C 233 21.08 -4.99 29.54
CA LYS C 233 22.17 -6.02 29.57
C LYS C 233 21.63 -7.40 29.18
N LEU C 234 20.33 -7.65 29.42
CA LEU C 234 19.65 -8.92 29.03
C LEU C 234 19.41 -8.91 27.51
N GLU C 235 19.09 -7.74 26.95
CA GLU C 235 18.86 -7.52 25.50
C GLU C 235 20.20 -7.62 24.77
N ALA C 236 21.27 -7.07 25.36
CA ALA C 236 22.67 -7.19 24.87
C ALA C 236 23.00 -8.67 24.65
N TRP C 237 22.67 -9.51 25.65
CA TRP C 237 22.96 -10.96 25.64
C TRP C 237 22.12 -11.66 24.57
N ILE C 238 20.80 -11.40 24.54
CA ILE C 238 19.86 -11.94 23.52
C ILE C 238 20.43 -11.63 22.13
N GLY C 239 20.96 -10.41 21.95
CA GLY C 239 21.60 -9.96 20.71
C GLY C 239 22.86 -10.75 20.38
N SER C 240 23.67 -11.06 21.40
CA SER C 240 24.96 -11.79 21.26
C SER C 240 24.76 -13.09 20.48
N LEU C 241 23.77 -13.90 20.87
CA LEU C 241 23.45 -15.20 20.20
C LEU C 241 22.92 -14.93 18.78
N LEU C 242 22.01 -13.95 18.64
CA LEU C 242 21.26 -13.68 17.39
C LEU C 242 22.22 -13.14 16.31
N PHE C 243 23.15 -12.27 16.68
CA PHE C 243 24.02 -11.51 15.74
C PHE C 243 25.44 -12.11 15.64
N GLY C 244 25.78 -13.06 16.52
CA GLY C 244 27.07 -13.77 16.49
C GLY C 244 28.19 -12.95 17.13
N LEU C 245 28.01 -12.55 18.39
CA LEU C 245 28.98 -11.74 19.19
C LEU C 245 29.43 -12.58 20.39
N PRO C 246 30.49 -13.41 20.26
CA PRO C 246 30.84 -14.39 21.29
C PRO C 246 31.42 -13.77 22.57
N LEU C 247 32.16 -12.66 22.46
CA LEU C 247 32.72 -11.95 23.64
C LEU C 247 31.57 -11.41 24.49
N LEU C 248 30.62 -10.72 23.85
CA LEU C 248 29.44 -10.10 24.51
C LEU C 248 28.60 -11.18 25.21
N PHE C 249 28.44 -12.33 24.58
CA PHE C 249 27.69 -13.50 25.11
C PHE C 249 28.23 -13.87 26.50
N LEU C 250 29.55 -13.85 26.69
CA LEU C 250 30.22 -14.25 27.96
C LEU C 250 30.10 -13.13 29.00
N GLU C 251 30.39 -11.88 28.62
CA GLU C 251 30.43 -10.72 29.56
C GLU C 251 29.02 -10.32 29.99
N GLU C 252 27.97 -10.77 29.28
CA GLU C 252 26.55 -10.40 29.55
C GLU C 252 25.72 -11.63 29.92
N PHE C 253 26.36 -12.78 30.18
CA PHE C 253 25.64 -14.03 30.54
C PHE C 253 24.78 -13.75 31.76
N PRO C 254 23.45 -13.99 31.70
CA PRO C 254 22.53 -13.56 32.75
C PRO C 254 22.70 -14.35 34.06
N ASP C 255 22.36 -13.73 35.18
CA ASP C 255 22.20 -14.41 36.49
C ASP C 255 20.92 -15.27 36.41
N ILE C 256 21.08 -16.58 36.20
CA ILE C 256 19.98 -17.56 36.04
C ILE C 256 19.08 -17.52 37.28
N GLY C 257 19.67 -17.36 38.46
CA GLY C 257 18.96 -17.29 39.76
C GLY C 257 17.99 -16.12 39.82
N ARG C 258 18.37 -14.96 39.27
CA ARG C 258 17.50 -13.75 39.26
C ARG C 258 16.43 -13.88 38.18
N LEU C 259 16.67 -14.67 37.12
CA LEU C 259 15.63 -15.01 36.11
C LEU C 259 14.62 -15.98 36.71
N GLU C 260 15.10 -17.09 37.30
CA GLU C 260 14.28 -18.04 38.10
C GLU C 260 13.37 -17.25 39.04
N SER C 261 13.97 -16.29 39.76
CA SER C 261 13.30 -15.36 40.72
C SER C 261 12.18 -14.58 40.02
N TYR C 262 12.49 -13.86 38.93
CA TYR C 262 11.55 -12.97 38.20
C TYR C 262 10.31 -13.75 37.76
N ILE C 263 10.49 -14.97 37.26
CA ILE C 263 9.41 -15.82 36.67
C ILE C 263 8.48 -16.32 37.78
N GLU C 264 9.03 -16.75 38.92
CA GLU C 264 8.23 -17.32 40.04
C GLU C 264 7.34 -16.22 40.64
N GLU C 265 7.89 -15.02 40.89
CA GLU C 265 7.14 -13.88 41.48
C GLU C 265 5.95 -13.52 40.57
N LEU C 266 6.13 -13.58 39.25
CA LEU C 266 5.08 -13.27 38.25
C LEU C 266 4.06 -14.41 38.21
N ALA C 267 4.52 -15.66 38.22
CA ALA C 267 3.68 -16.89 38.22
C ALA C 267 2.81 -16.90 39.49
N GLU C 268 3.42 -16.77 40.67
CA GLU C 268 2.74 -16.84 41.99
C GLU C 268 1.76 -15.67 42.13
N THR C 269 2.04 -14.52 41.53
CA THR C 269 1.13 -13.34 41.48
C THR C 269 -0.08 -13.68 40.59
N TRP C 270 0.16 -14.22 39.39
CA TRP C 270 -0.92 -14.61 38.43
C TRP C 270 -1.86 -15.61 39.10
N GLY C 271 -1.31 -16.59 39.83
CA GLY C 271 -2.06 -17.66 40.50
C GLY C 271 -2.77 -17.15 41.74
N GLY C 272 -2.08 -16.35 42.56
CA GLY C 272 -2.61 -15.74 43.79
C GLY C 272 -3.75 -14.77 43.52
N ALA C 273 -4.02 -14.45 42.25
CA ALA C 273 -5.13 -13.57 41.81
C ALA C 273 -6.19 -14.37 41.04
N ILE C 274 -6.18 -15.71 41.17
CA ILE C 274 -7.29 -16.59 40.70
C ILE C 274 -8.30 -16.70 41.85
N ALA C 275 -9.48 -16.10 41.67
CA ALA C 275 -10.62 -16.17 42.61
C ALA C 275 -11.51 -17.35 42.23
N VAL C 276 -11.84 -18.21 43.21
CA VAL C 276 -12.69 -19.42 43.02
C VAL C 276 -13.83 -19.39 44.04
N ASN C 277 -15.06 -19.12 43.58
CA ASN C 277 -16.29 -19.09 44.41
C ASN C 277 -16.86 -20.52 44.49
N ALA C 278 -16.88 -21.09 45.69
CA ALA C 278 -17.30 -22.48 45.96
C ALA C 278 -18.79 -22.66 45.64
N GLU C 279 -19.64 -21.71 46.04
CA GLU C 279 -21.11 -21.81 45.92
C GLU C 279 -21.51 -21.93 44.44
N GLU C 280 -21.22 -20.90 43.64
CA GLU C 280 -21.72 -20.77 42.24
C GLU C 280 -20.73 -21.43 41.26
N LYS C 281 -19.71 -22.13 41.76
CA LYS C 281 -18.82 -23.03 40.97
C LYS C 281 -18.18 -22.24 39.83
N ALA C 282 -17.55 -21.10 40.15
CA ALA C 282 -16.96 -20.14 39.19
C ALA C 282 -15.46 -19.95 39.47
N VAL C 283 -14.64 -20.01 38.43
CA VAL C 283 -13.19 -19.65 38.46
C VAL C 283 -12.98 -18.41 37.60
N THR C 284 -12.32 -17.39 38.14
CA THR C 284 -11.97 -16.13 37.44
C THR C 284 -10.48 -15.82 37.69
N ARG C 285 -9.66 -15.88 36.63
CA ARG C 285 -8.21 -15.55 36.68
C ARG C 285 -8.07 -14.05 36.38
N ARG C 286 -8.10 -13.25 37.44
CA ARG C 286 -8.28 -11.78 37.40
C ARG C 286 -7.02 -11.13 36.80
N LEU C 287 -5.90 -11.85 36.78
CA LEU C 287 -4.66 -11.46 36.07
C LEU C 287 -4.51 -12.29 34.78
N ALA C 288 -3.84 -11.70 33.79
CA ALA C 288 -3.49 -12.32 32.48
C ALA C 288 -1.99 -12.15 32.24
N PHE C 289 -1.28 -13.24 31.95
CA PHE C 289 0.16 -13.23 31.55
C PHE C 289 0.32 -12.39 30.27
N GLY C 290 1.36 -11.56 30.21
CA GLY C 290 1.73 -10.75 29.03
C GLY C 290 2.91 -11.37 28.28
N SER C 291 3.18 -10.87 27.07
CA SER C 291 4.28 -11.35 26.19
C SER C 291 5.60 -11.40 26.96
N GLY C 292 5.86 -10.38 27.78
CA GLY C 292 7.07 -10.23 28.60
C GLY C 292 7.32 -11.43 29.50
N PHE C 293 6.27 -12.05 30.05
CA PHE C 293 6.38 -13.29 30.87
C PHE C 293 6.94 -14.41 30.00
N GLY C 294 6.38 -14.57 28.79
CA GLY C 294 6.83 -15.54 27.78
C GLY C 294 8.28 -15.32 27.39
N THR C 295 8.67 -14.06 27.16
CA THR C 295 10.05 -13.66 26.77
C THR C 295 11.04 -14.07 27.87
N LEU C 296 10.65 -13.95 29.14
CA LEU C 296 11.50 -14.30 30.31
C LEU C 296 11.69 -15.82 30.39
N VAL C 297 10.60 -16.58 30.23
CA VAL C 297 10.60 -18.07 30.27
C VAL C 297 11.55 -18.62 29.20
N LYS C 298 11.58 -18.00 28.01
CA LYS C 298 12.47 -18.37 26.88
C LYS C 298 13.90 -17.89 27.18
N LEU C 299 14.04 -16.64 27.63
CA LEU C 299 15.34 -16.02 28.01
C LEU C 299 16.04 -16.90 29.04
N LEU C 300 15.31 -17.37 30.06
CA LEU C 300 15.86 -18.29 31.11
C LEU C 300 16.19 -19.65 30.46
N PHE C 301 15.29 -20.20 29.64
CA PHE C 301 15.48 -21.51 28.98
C PHE C 301 16.76 -21.48 28.13
N GLN C 302 16.97 -20.38 27.40
CA GLN C 302 18.16 -20.17 26.54
C GLN C 302 19.41 -20.09 27.41
N ALA C 303 19.32 -19.46 28.60
CA ALA C 303 20.42 -19.33 29.57
C ALA C 303 20.80 -20.71 30.10
N ARG C 304 19.80 -21.51 30.51
CA ARG C 304 19.98 -22.92 30.97
C ARG C 304 20.69 -23.72 29.86
N ILE C 305 20.21 -23.61 28.63
CA ILE C 305 20.66 -24.40 27.44
C ILE C 305 22.14 -24.09 27.13
N THR C 306 22.58 -22.85 27.34
CA THR C 306 23.91 -22.33 26.92
C THR C 306 24.84 -22.10 28.12
N ARG C 307 24.45 -22.55 29.32
CA ARG C 307 25.22 -22.33 30.58
C ARG C 307 26.48 -23.20 30.60
N GLY C 308 26.51 -24.27 29.80
CA GLY C 308 27.66 -25.19 29.68
C GLY C 308 28.95 -24.48 29.28
N LEU C 309 28.85 -23.31 28.63
CA LEU C 309 29.97 -22.64 27.91
C LEU C 309 30.64 -21.58 28.80
N LEU C 310 29.94 -21.03 29.80
CA LEU C 310 30.43 -19.88 30.60
C LEU C 310 31.65 -20.29 31.43
N VAL C 311 32.53 -19.32 31.69
CA VAL C 311 33.79 -19.50 32.47
C VAL C 311 34.11 -18.18 33.18
N GLU C 312 35.23 -18.15 33.91
CA GLU C 312 35.63 -16.93 34.68
C GLU C 312 36.13 -15.80 33.79
N GLU C 313 36.37 -14.63 34.40
CA GLU C 313 36.61 -13.31 33.76
C GLU C 313 37.70 -13.26 32.69
N PRO C 314 38.86 -13.95 32.74
CA PRO C 314 39.80 -13.83 31.63
C PRO C 314 39.28 -14.66 30.45
N TYR C 315 38.99 -14.02 29.31
CA TYR C 315 38.48 -14.77 28.14
C TYR C 315 39.53 -14.77 27.03
N SER C 316 39.90 -15.97 26.59
CA SER C 316 40.98 -16.18 25.61
C SER C 316 40.40 -16.34 24.21
N ILE C 317 41.21 -16.13 23.17
CA ILE C 317 40.82 -16.29 21.73
C ILE C 317 40.53 -17.77 21.47
N GLU C 318 41.23 -18.70 22.14
CA GLU C 318 40.96 -20.17 22.05
C GLU C 318 39.56 -20.44 22.61
N LYS C 319 39.19 -19.80 23.73
CA LYS C 319 37.86 -19.93 24.36
C LYS C 319 36.80 -19.40 23.39
N LEU C 320 37.03 -18.21 22.82
CA LEU C 320 36.09 -17.51 21.91
C LEU C 320 35.81 -18.37 20.66
N TYR C 321 36.81 -19.09 20.15
CA TYR C 321 36.67 -20.02 18.99
C TYR C 321 35.65 -21.12 19.32
N SER C 322 35.75 -21.71 20.51
CA SER C 322 35.00 -22.92 20.94
C SER C 322 33.56 -22.55 21.36
N VAL C 323 33.39 -21.40 22.02
CA VAL C 323 32.06 -20.79 22.32
C VAL C 323 31.32 -20.60 21.00
N SER C 324 31.98 -19.93 20.04
CA SER C 324 31.48 -19.59 18.69
C SER C 324 31.08 -20.86 17.92
N ASP C 325 31.92 -21.89 17.97
CA ASP C 325 31.72 -23.18 17.25
C ASP C 325 30.42 -23.84 17.72
N ARG C 326 30.01 -23.63 18.97
CA ARG C 326 28.81 -24.28 19.57
C ARG C 326 27.55 -23.43 19.34
N LEU C 327 27.66 -22.10 19.40
CA LEU C 327 26.48 -21.17 19.39
C LEU C 327 26.07 -20.83 17.96
N PHE C 328 27.02 -20.62 17.05
CA PHE C 328 26.80 -19.98 15.72
C PHE C 328 26.92 -21.00 14.58
N ARG C 329 26.34 -20.63 13.43
CA ARG C 329 26.16 -21.51 12.25
C ARG C 329 26.31 -20.68 10.98
N GLY C 330 26.27 -21.33 9.82
CA GLY C 330 26.27 -20.68 8.48
C GLY C 330 27.40 -19.70 8.32
N SER C 331 27.10 -18.51 7.78
CA SER C 331 28.09 -17.44 7.45
C SER C 331 28.44 -16.62 8.68
N THR C 332 27.60 -16.63 9.73
CA THR C 332 27.86 -15.94 11.02
C THR C 332 29.10 -16.55 11.67
N LEU C 333 29.12 -17.88 11.80
CA LEU C 333 30.27 -18.64 12.38
C LEU C 333 31.55 -18.27 11.64
N GLN C 334 31.53 -18.31 10.30
CA GLN C 334 32.74 -18.12 9.45
C GLN C 334 33.28 -16.69 9.62
N ARG C 335 32.42 -15.68 9.79
CA ARG C 335 32.88 -14.28 10.03
C ARG C 335 33.53 -14.20 11.41
N VAL C 336 32.93 -14.83 12.43
CA VAL C 336 33.48 -14.89 13.80
C VAL C 336 34.88 -15.53 13.74
N ARG C 337 35.01 -16.63 12.99
CA ARG C 337 36.29 -17.37 12.81
C ARG C 337 37.33 -16.44 12.17
N VAL C 338 36.94 -15.72 11.10
CA VAL C 338 37.82 -14.78 10.34
C VAL C 338 38.26 -13.62 11.25
N GLU C 339 37.35 -13.11 12.10
CA GLU C 339 37.62 -11.97 13.01
C GLU C 339 38.55 -12.41 14.14
N LEU C 340 38.29 -13.58 14.75
CA LEU C 340 39.18 -14.21 15.77
C LEU C 340 40.50 -14.59 15.10
N GLY C 341 40.47 -14.92 13.80
CA GLY C 341 41.65 -15.23 12.98
C GLY C 341 42.59 -14.06 12.83
N LYS C 342 42.07 -12.85 12.59
CA LYS C 342 42.86 -11.60 12.48
C LYS C 342 43.68 -11.38 13.75
N ILE C 343 43.00 -11.30 14.89
CA ILE C 343 43.58 -10.87 16.19
C ILE C 343 44.64 -11.91 16.59
N GLU C 344 44.34 -13.20 16.39
CA GLU C 344 45.24 -14.35 16.68
C GLU C 344 46.51 -14.25 15.82
N ASP C 345 46.33 -14.10 14.49
CA ASP C 345 47.42 -14.02 13.50
C ASP C 345 48.35 -12.85 13.84
N LYS C 346 47.80 -11.77 14.39
CA LYS C 346 48.57 -10.55 14.81
C LYS C 346 49.30 -10.85 16.12
N ALA C 347 48.65 -11.53 17.06
CA ALA C 347 49.20 -11.93 18.38
C ALA C 347 50.41 -12.85 18.19
N ILE C 348 50.46 -13.60 17.07
CA ILE C 348 51.58 -14.51 16.70
C ILE C 348 52.75 -13.68 16.15
N LYS C 349 52.48 -12.60 15.39
CA LYS C 349 53.53 -11.65 14.91
C LYS C 349 54.18 -10.99 16.13
N TYR C 350 53.38 -10.57 17.10
CA TYR C 350 53.81 -9.92 18.37
C TYR C 350 54.69 -10.90 19.17
N ALA C 351 54.34 -12.19 19.15
CA ALA C 351 54.96 -13.25 20.00
C ALA C 351 56.37 -13.58 19.52
N ARG C 352 56.59 -13.65 18.20
CA ARG C 352 57.90 -13.99 17.58
C ARG C 352 58.93 -12.89 17.89
N LYS C 353 58.49 -11.63 18.01
CA LYS C 353 59.35 -10.47 18.35
C LYS C 353 59.67 -10.48 19.86
N GLY C 354 58.97 -11.31 20.64
CA GLY C 354 59.12 -11.40 22.11
C GLY C 354 58.32 -10.34 22.84
N ALA C 355 57.38 -9.68 22.15
CA ALA C 355 56.49 -8.64 22.70
C ALA C 355 55.19 -9.29 23.18
N PHE C 356 54.62 -8.78 24.27
CA PHE C 356 53.33 -9.24 24.88
C PHE C 356 52.63 -8.03 25.51
N PRO C 357 51.89 -7.22 24.72
CA PRO C 357 51.21 -6.04 25.26
C PRO C 357 50.10 -6.41 26.26
N ARG C 358 49.87 -5.52 27.23
CA ARG C 358 48.79 -5.64 28.25
C ARG C 358 47.81 -4.48 28.09
N ASP C 359 46.56 -4.69 28.50
CA ASP C 359 45.50 -3.65 28.59
C ASP C 359 45.64 -2.65 27.44
N ILE C 360 45.91 -3.14 26.22
CA ILE C 360 46.14 -2.30 25.00
C ILE C 360 44.86 -2.29 24.17
N PRO C 361 44.37 -1.11 23.73
CA PRO C 361 43.26 -1.04 22.78
C PRO C 361 43.50 -1.90 21.53
N LEU C 362 42.45 -2.58 21.06
CA LEU C 362 42.46 -3.45 19.85
C LEU C 362 42.85 -2.61 18.63
N ARG C 363 42.50 -1.32 18.63
CA ARG C 363 42.82 -0.35 17.54
C ARG C 363 44.34 -0.17 17.44
N ASP C 364 45.02 0.01 18.57
CA ASP C 364 46.50 0.20 18.64
C ASP C 364 47.18 -1.15 18.39
N PHE C 365 46.54 -2.25 18.79
CA PHE C 365 47.06 -3.65 18.71
C PHE C 365 47.15 -4.10 17.24
N LEU C 366 46.13 -3.79 16.43
CA LEU C 366 46.03 -4.24 15.01
C LEU C 366 46.81 -3.29 14.09
N GLY C 367 46.93 -2.01 14.48
CA GLY C 367 47.63 -0.97 13.69
C GLY C 367 46.66 -0.15 12.87
N PHE C 368 46.00 0.82 13.52
CA PHE C 368 44.93 1.69 12.94
C PHE C 368 45.38 3.15 12.95
N ASP C 369 44.75 3.95 12.07
CA ASP C 369 44.94 5.42 11.97
C ASP C 369 44.12 6.08 13.08
N ALA C 370 44.19 7.42 13.19
CA ALA C 370 43.41 8.22 14.17
C ALA C 370 42.13 8.75 13.52
N ALA C 371 41.80 8.25 12.33
CA ALA C 371 40.71 8.77 11.45
C ALA C 371 39.35 8.63 12.15
N ASN C 372 39.01 7.43 12.62
CA ASN C 372 37.65 7.12 13.17
C ASN C 372 37.77 6.31 14.47
N ARG C 373 37.51 6.97 15.61
CA ARG C 373 37.36 6.35 16.95
C ARG C 373 35.87 6.17 17.27
N GLU C 374 34.99 6.70 16.42
CA GLU C 374 33.51 6.65 16.61
C GLU C 374 33.03 5.20 16.43
N VAL C 375 32.26 4.71 17.39
CA VAL C 375 31.73 3.31 17.47
C VAL C 375 30.40 3.25 16.73
N SER C 376 30.39 2.65 15.53
CA SER C 376 29.21 2.51 14.64
C SER C 376 28.52 1.17 14.88
N PRO C 377 27.17 1.10 14.82
CA PRO C 377 26.46 -0.18 14.75
C PRO C 377 27.11 -1.11 13.71
N ARG C 378 27.38 -0.56 12.53
CA ARG C 378 27.99 -1.22 11.35
C ARG C 378 29.21 -2.03 11.78
N ASN C 379 30.23 -1.37 12.36
CA ASN C 379 31.54 -1.98 12.69
C ASN C 379 31.41 -2.95 13.87
N VAL C 380 30.45 -2.73 14.79
CA VAL C 380 30.23 -3.63 15.96
C VAL C 380 29.64 -4.95 15.43
N LEU C 381 28.52 -4.90 14.69
CA LEU C 381 27.76 -6.10 14.26
C LEU C 381 28.55 -6.87 13.20
N ALA C 382 29.27 -6.18 12.31
CA ALA C 382 29.99 -6.77 11.15
C ALA C 382 31.24 -7.53 11.62
N HIS C 383 31.92 -7.03 12.66
CA HIS C 383 33.21 -7.59 13.18
C HIS C 383 32.95 -8.42 14.45
N ALA C 384 31.80 -9.10 14.54
CA ALA C 384 31.43 -10.06 15.61
C ALA C 384 31.49 -9.38 16.99
N GLY C 385 31.19 -8.09 17.06
CA GLY C 385 31.23 -7.29 18.30
C GLY C 385 32.65 -6.99 18.76
N LEU C 386 33.66 -7.45 18.01
CA LEU C 386 35.09 -7.25 18.32
C LEU C 386 35.58 -5.99 17.58
N GLU C 387 34.90 -4.88 17.85
CA GLU C 387 35.15 -3.54 17.26
C GLU C 387 36.38 -2.94 17.94
N ALA C 388 37.17 -2.15 17.21
CA ALA C 388 38.58 -1.80 17.52
C ALA C 388 38.67 -0.83 18.70
N ASN C 389 37.65 0.00 18.92
CA ASN C 389 37.66 1.12 19.90
C ASN C 389 36.97 0.73 21.21
N VAL C 390 36.50 -0.52 21.33
CA VAL C 390 35.75 -1.00 22.54
C VAL C 390 36.39 -2.27 23.12
N VAL C 391 37.37 -2.86 22.43
CA VAL C 391 38.04 -4.13 22.89
C VAL C 391 39.47 -3.78 23.35
N GLU C 392 39.90 -4.45 24.43
CA GLU C 392 41.23 -4.32 25.06
C GLU C 392 41.89 -5.70 25.07
N VAL C 393 43.00 -5.87 24.34
CA VAL C 393 43.75 -7.15 24.24
C VAL C 393 44.80 -7.18 25.35
N SER C 394 44.95 -8.33 26.01
CA SER C 394 46.05 -8.64 26.96
C SER C 394 46.75 -9.92 26.51
N MET C 395 48.06 -9.82 26.24
CA MET C 395 48.93 -10.98 25.91
C MET C 395 49.67 -11.42 27.19
N GLU C 396 49.25 -12.54 27.77
CA GLU C 396 49.83 -13.16 28.99
C GLU C 396 51.19 -13.75 28.62
N ALA C 397 52.28 -13.02 28.94
CA ALA C 397 53.68 -13.36 28.62
C ALA C 397 53.94 -14.85 28.89
N TRP C 398 54.49 -15.55 27.89
CA TRP C 398 54.98 -16.95 27.98
C TRP C 398 56.20 -17.09 27.05
N GLU C 399 57.11 -18.01 27.36
CA GLU C 399 58.25 -18.36 26.47
C GLU C 399 57.68 -19.08 25.25
N PRO C 400 57.56 -18.41 24.08
CA PRO C 400 57.02 -19.07 22.89
C PRO C 400 57.98 -20.19 22.47
N LYS C 401 57.46 -21.23 21.82
CA LYS C 401 58.31 -22.23 21.13
C LYS C 401 57.62 -22.71 19.84
N ARG C 402 56.30 -22.52 19.71
CA ARG C 402 55.52 -22.71 18.46
C ARG C 402 54.34 -21.73 18.46
N PRO C 403 54.59 -20.39 18.39
CA PRO C 403 53.55 -19.40 18.68
C PRO C 403 52.22 -19.60 17.92
N GLU C 404 52.26 -20.25 16.76
CA GLU C 404 51.08 -20.40 15.84
C GLU C 404 50.06 -21.40 16.39
N GLU C 405 50.37 -22.09 17.50
CA GLU C 405 49.43 -23.01 18.21
C GLU C 405 49.12 -22.50 19.62
N GLU C 406 49.96 -21.62 20.18
CA GLU C 406 49.96 -21.23 21.62
C GLU C 406 49.22 -19.90 21.81
N ALA C 407 49.39 -18.94 20.89
CA ALA C 407 48.93 -17.54 21.02
C ALA C 407 47.42 -17.49 21.31
N GLY C 408 46.67 -18.53 20.93
CA GLY C 408 45.23 -18.68 21.22
C GLY C 408 44.95 -18.64 22.72
N ARG C 409 45.63 -19.49 23.50
CA ARG C 409 45.43 -19.67 24.97
C ARG C 409 45.89 -18.40 25.72
N HIS C 410 46.84 -17.66 25.16
CA HIS C 410 47.62 -16.61 25.88
C HIS C 410 47.26 -15.19 25.41
N THR C 411 46.28 -15.04 24.51
CA THR C 411 45.72 -13.72 24.09
C THR C 411 44.28 -13.62 24.59
N HIS C 412 44.02 -12.66 25.49
CA HIS C 412 42.71 -12.46 26.18
C HIS C 412 42.05 -11.17 25.68
N LEU C 413 40.72 -11.19 25.52
CA LEU C 413 39.90 -10.03 25.09
C LEU C 413 38.90 -9.67 26.18
N LYS C 414 38.71 -8.37 26.39
CA LYS C 414 37.77 -7.78 27.37
C LYS C 414 37.21 -6.48 26.76
N TYR C 415 35.93 -6.18 27.00
CA TYR C 415 35.33 -4.87 26.66
C TYR C 415 35.74 -3.85 27.74
N THR C 416 36.12 -2.65 27.32
CA THR C 416 36.43 -1.50 28.23
C THR C 416 35.12 -1.04 28.86
N PRO C 417 35.11 -0.58 30.13
CA PRO C 417 33.88 -0.14 30.79
C PRO C 417 33.01 0.78 29.91
N VAL C 418 33.64 1.75 29.24
CA VAL C 418 32.96 2.75 28.36
C VAL C 418 32.51 2.05 27.07
N GLY C 419 33.32 1.12 26.55
CA GLY C 419 33.04 0.37 25.31
C GLY C 419 31.83 -0.54 25.45
N LEU C 420 31.73 -1.27 26.57
CA LEU C 420 30.66 -2.25 26.84
C LEU C 420 29.30 -1.56 26.80
N LYS C 421 29.19 -0.38 27.43
CA LYS C 421 27.96 0.45 27.46
C LYS C 421 27.61 0.91 26.02
N LYS C 422 28.63 1.25 25.23
CA LYS C 422 28.47 1.68 23.81
C LYS C 422 27.94 0.50 22.98
N VAL C 423 28.37 -0.73 23.30
CA VAL C 423 27.97 -1.98 22.59
C VAL C 423 26.55 -2.38 23.05
N GLU C 424 26.34 -2.45 24.36
CA GLU C 424 25.01 -2.76 24.98
C GLU C 424 23.95 -1.91 24.26
N ASP C 425 24.15 -0.59 24.22
CA ASP C 425 23.26 0.40 23.55
C ASP C 425 22.99 -0.04 22.10
N ILE C 426 24.06 -0.34 21.35
CA ILE C 426 24.01 -0.70 19.90
C ILE C 426 23.23 -2.00 19.71
N VAL C 427 23.64 -3.08 20.39
CA VAL C 427 23.03 -4.44 20.24
C VAL C 427 21.60 -4.40 20.78
N SER C 428 21.37 -3.78 21.94
CA SER C 428 20.04 -3.58 22.56
C SER C 428 19.08 -2.97 21.53
N ARG C 429 19.45 -1.82 20.96
CA ARG C 429 18.61 -1.06 19.99
C ARG C 429 18.47 -1.84 18.68
N ALA C 430 19.51 -2.60 18.29
CA ALA C 430 19.52 -3.43 17.07
C ALA C 430 18.48 -4.55 17.17
N LEU C 431 18.29 -5.11 18.37
CA LEU C 431 17.31 -6.19 18.65
C LEU C 431 15.87 -5.63 18.56
N LYS C 432 15.69 -4.33 18.83
CA LYS C 432 14.36 -3.65 18.90
C LYS C 432 13.91 -3.26 17.49
N GLU C 433 14.84 -2.96 16.57
CA GLU C 433 14.54 -2.54 15.17
C GLU C 433 14.25 -3.77 14.29
N SER C 434 14.67 -4.96 14.71
CA SER C 434 14.66 -6.21 13.90
C SER C 434 13.40 -7.06 14.18
N HIS C 435 12.83 -6.94 15.39
CA HIS C 435 11.72 -7.78 15.91
C HIS C 435 10.58 -7.86 14.87
N MET D 3 -2.95 -6.04 2.78
CA MET D 3 -4.08 -6.94 2.41
C MET D 3 -4.40 -7.88 3.58
N LYS D 4 -5.64 -7.86 4.08
CA LYS D 4 -6.13 -8.73 5.18
C LYS D 4 -6.56 -10.09 4.60
N LEU D 5 -6.34 -11.17 5.36
CA LEU D 5 -6.61 -12.57 4.93
C LEU D 5 -7.18 -13.36 6.10
N LEU D 6 -8.32 -14.04 5.87
CA LEU D 6 -8.99 -14.92 6.86
C LEU D 6 -8.88 -16.38 6.40
N VAL D 7 -8.33 -17.24 7.23
CA VAL D 7 -8.19 -18.71 6.99
C VAL D 7 -8.92 -19.44 8.13
N VAL D 8 -9.98 -20.18 7.81
CA VAL D 8 -10.78 -20.95 8.81
C VAL D 8 -10.66 -22.44 8.47
N SER D 9 -10.48 -23.29 9.49
CA SER D 9 -10.34 -24.76 9.38
C SER D 9 -11.65 -25.43 9.83
N TRP D 10 -12.30 -26.17 8.91
CA TRP D 10 -13.67 -26.75 9.09
C TRP D 10 -13.61 -28.28 9.04
N GLY D 11 -14.41 -28.93 9.90
CA GLY D 11 -14.76 -30.36 9.82
C GLY D 11 -16.06 -30.55 9.06
N ASP D 12 -17.12 -31.00 9.75
CA ASP D 12 -18.46 -31.28 9.18
C ASP D 12 -19.41 -30.14 9.57
N PHE D 13 -19.50 -29.11 8.72
CA PHE D 13 -20.28 -27.86 8.93
C PHE D 13 -21.77 -28.16 9.13
N GLU D 14 -22.25 -29.28 8.57
CA GLU D 14 -23.69 -29.66 8.59
C GLU D 14 -24.13 -30.10 10.00
N ARG D 15 -23.19 -30.36 10.91
CA ARG D 15 -23.47 -30.97 12.24
C ARG D 15 -23.38 -29.93 13.37
N TRP D 16 -23.08 -28.66 13.08
CA TRP D 16 -22.97 -27.60 14.11
C TRP D 16 -24.37 -27.07 14.45
N LYS D 17 -24.59 -26.68 15.70
CA LYS D 17 -25.88 -26.20 16.23
C LYS D 17 -25.91 -24.67 16.16
N GLU D 18 -27.11 -24.08 16.11
CA GLU D 18 -27.33 -22.61 16.06
C GLU D 18 -27.00 -22.04 17.45
N THR D 19 -26.07 -21.08 17.53
CA THR D 19 -25.69 -20.34 18.76
C THR D 19 -25.58 -18.85 18.42
N LYS D 20 -25.31 -17.99 19.42
CA LYS D 20 -24.79 -16.62 19.22
C LYS D 20 -23.32 -16.55 19.63
N TYR D 21 -22.53 -15.71 18.95
CA TYR D 21 -21.09 -15.46 19.22
C TYR D 21 -20.86 -13.99 19.56
N ARG D 22 -19.97 -13.72 20.53
CA ARG D 22 -19.45 -12.37 20.85
C ARG D 22 -18.03 -12.25 20.27
N PHE D 23 -17.78 -11.25 19.43
CA PHE D 23 -16.45 -10.96 18.83
C PHE D 23 -16.31 -9.46 18.53
N GLY D 24 -15.35 -8.80 19.20
CA GLY D 24 -14.98 -7.39 18.98
C GLY D 24 -16.14 -6.45 19.28
N GLY D 25 -16.83 -6.66 20.41
CA GLY D 25 -18.00 -5.86 20.82
C GLY D 25 -19.25 -6.18 20.02
N GLU D 26 -19.08 -6.81 18.84
CA GLU D 26 -20.19 -7.18 17.93
C GLU D 26 -20.80 -8.51 18.39
N THR D 27 -21.94 -8.87 17.80
CA THR D 27 -22.75 -10.06 18.18
C THR D 27 -23.46 -10.59 16.94
N SER D 28 -23.62 -11.92 16.84
CA SER D 28 -24.17 -12.63 15.66
C SER D 28 -24.73 -14.00 16.09
N VAL D 29 -25.75 -14.49 15.40
CA VAL D 29 -26.47 -15.76 15.73
C VAL D 29 -26.39 -16.69 14.52
N GLY D 30 -26.21 -18.00 14.77
CA GLY D 30 -26.16 -19.05 13.73
C GLY D 30 -25.14 -20.14 14.05
N PRO D 31 -24.85 -21.04 13.09
CA PRO D 31 -24.03 -22.22 13.36
C PRO D 31 -22.51 -22.13 13.13
N SER D 32 -21.98 -21.01 12.61
CA SER D 32 -20.53 -20.84 12.33
C SER D 32 -20.02 -19.47 12.76
N THR D 33 -18.72 -19.38 13.04
CA THR D 33 -17.99 -18.17 13.50
C THR D 33 -17.72 -17.23 12.31
N LEU D 34 -17.94 -17.71 11.08
CA LEU D 34 -17.42 -17.10 9.82
C LEU D 34 -18.04 -15.73 9.55
N PRO D 35 -19.37 -15.51 9.71
CA PRO D 35 -19.98 -14.24 9.36
C PRO D 35 -19.54 -13.11 10.30
N ILE D 36 -19.52 -13.36 11.62
CA ILE D 36 -19.05 -12.36 12.63
C ILE D 36 -17.55 -12.09 12.40
N LEU D 37 -16.79 -13.09 11.96
CA LEU D 37 -15.35 -12.95 11.64
C LEU D 37 -15.17 -11.99 10.46
N GLN D 38 -16.02 -12.11 9.43
CA GLN D 38 -15.96 -11.27 8.20
C GLN D 38 -16.47 -9.86 8.49
N LYS D 39 -17.31 -9.71 9.54
CA LYS D 39 -17.91 -8.43 9.98
C LYS D 39 -16.82 -7.56 10.64
N VAL D 40 -16.10 -8.12 11.61
CA VAL D 40 -15.12 -7.39 12.49
C VAL D 40 -13.80 -7.18 11.73
N ILE D 41 -13.35 -8.19 10.98
CA ILE D 41 -12.01 -8.21 10.33
C ILE D 41 -12.10 -7.57 8.94
N LYS D 42 -13.26 -7.66 8.28
CA LYS D 42 -13.49 -7.15 6.89
C LYS D 42 -12.37 -7.65 5.98
N PRO D 43 -12.21 -8.98 5.83
CA PRO D 43 -11.11 -9.54 5.05
C PRO D 43 -11.24 -9.24 3.55
N ASP D 44 -10.11 -8.93 2.90
CA ASP D 44 -10.01 -8.71 1.44
C ASP D 44 -10.18 -10.06 0.74
N TRP D 45 -9.78 -11.15 1.40
CA TRP D 45 -10.00 -12.54 0.91
C TRP D 45 -10.20 -13.51 2.08
N THR D 46 -10.98 -14.58 1.86
CA THR D 46 -11.30 -15.63 2.85
C THR D 46 -10.98 -17.01 2.26
N VAL D 47 -10.43 -17.92 3.08
CA VAL D 47 -10.02 -19.30 2.71
C VAL D 47 -10.68 -20.27 3.68
N ILE D 48 -11.25 -21.36 3.16
CA ILE D 48 -11.89 -22.44 3.97
C ILE D 48 -11.16 -23.74 3.66
N VAL D 49 -10.62 -24.41 4.68
CA VAL D 49 -9.88 -25.70 4.56
C VAL D 49 -10.75 -26.81 5.15
N LEU D 50 -11.22 -27.72 4.30
CA LEU D 50 -12.05 -28.91 4.67
C LEU D 50 -11.26 -30.18 4.45
N SER D 51 -11.59 -31.23 5.19
CA SER D 51 -11.26 -32.65 4.88
C SER D 51 -12.27 -33.14 3.83
N ASP D 52 -11.80 -33.72 2.72
CA ASP D 52 -12.66 -34.24 1.62
C ASP D 52 -13.36 -35.52 2.09
N THR D 53 -13.21 -35.86 3.38
CA THR D 53 -13.76 -37.07 4.04
C THR D 53 -15.22 -36.82 4.49
N ILE D 54 -15.84 -35.76 3.98
CA ILE D 54 -17.31 -35.47 4.13
C ILE D 54 -18.02 -35.81 2.81
N GLY D 55 -17.28 -36.16 1.76
CA GLY D 55 -17.82 -36.53 0.43
C GLY D 55 -18.72 -37.75 0.51
N LYS D 56 -19.75 -37.82 -0.36
CA LYS D 56 -20.83 -38.84 -0.29
C LYS D 56 -20.96 -39.61 -1.62
N ASP D 57 -20.96 -38.92 -2.77
CA ASP D 57 -21.09 -39.52 -4.12
C ASP D 57 -19.69 -39.89 -4.65
N PHE D 58 -19.45 -41.18 -4.90
CA PHE D 58 -18.09 -41.75 -5.17
C PHE D 58 -17.93 -42.18 -6.63
N SER D 59 -18.73 -41.64 -7.55
CA SER D 59 -18.62 -41.91 -9.02
C SER D 59 -17.15 -41.79 -9.45
N SER D 60 -16.46 -40.74 -8.99
CA SER D 60 -15.02 -40.45 -9.28
C SER D 60 -14.52 -39.33 -8.36
N VAL D 61 -13.26 -38.91 -8.54
CA VAL D 61 -12.59 -37.85 -7.73
C VAL D 61 -13.35 -36.53 -7.91
N GLU D 62 -13.71 -36.17 -9.15
CA GLU D 62 -14.20 -34.82 -9.51
C GLU D 62 -15.68 -34.64 -9.16
N THR D 63 -16.36 -35.70 -8.68
CA THR D 63 -17.74 -35.62 -8.13
C THR D 63 -17.71 -35.50 -6.60
N LEU D 64 -16.63 -35.99 -5.96
CA LEU D 64 -16.41 -35.82 -4.50
C LEU D 64 -16.13 -34.34 -4.20
N ARG D 65 -15.14 -33.75 -4.88
CA ARG D 65 -14.80 -32.31 -4.75
C ARG D 65 -16.00 -31.46 -5.16
N GLU D 66 -16.70 -31.87 -6.24
CA GLU D 66 -17.98 -31.25 -6.71
C GLU D 66 -19.00 -31.27 -5.57
N ASP D 67 -19.35 -32.47 -5.07
CA ASP D 67 -20.33 -32.68 -3.98
C ASP D 67 -19.95 -31.76 -2.80
N VAL D 68 -18.72 -31.91 -2.30
CA VAL D 68 -18.16 -31.14 -1.16
C VAL D 68 -18.30 -29.64 -1.45
N ARG D 69 -17.86 -29.18 -2.64
CA ARG D 69 -17.87 -27.74 -3.03
C ARG D 69 -19.32 -27.23 -2.98
N ASN D 70 -20.26 -27.95 -3.58
CA ASN D 70 -21.71 -27.59 -3.65
C ASN D 70 -22.26 -27.36 -2.23
N ARG D 71 -21.98 -28.31 -1.32
CA ARG D 71 -22.51 -28.30 0.08
C ARG D 71 -21.94 -27.10 0.84
N VAL D 72 -20.65 -26.81 0.65
CA VAL D 72 -19.97 -25.60 1.19
C VAL D 72 -20.67 -24.37 0.63
N MET D 73 -20.83 -24.30 -0.70
CA MET D 73 -21.44 -23.16 -1.42
C MET D 73 -22.88 -22.92 -0.94
N ASP D 74 -23.58 -23.99 -0.50
CA ASP D 74 -24.97 -23.92 0.02
C ASP D 74 -24.95 -23.45 1.48
N PHE D 75 -24.02 -23.96 2.28
CA PHE D 75 -23.83 -23.59 3.71
C PHE D 75 -23.50 -22.10 3.83
N LEU D 76 -22.65 -21.59 2.93
CA LEU D 76 -22.27 -20.16 2.84
C LEU D 76 -23.51 -19.33 2.47
N ASP D 77 -24.27 -19.78 1.46
CA ASP D 77 -25.52 -19.15 0.94
C ASP D 77 -26.55 -18.97 2.06
N ARG D 78 -26.40 -19.73 3.15
CA ARG D 78 -27.43 -19.92 4.22
C ARG D 78 -27.09 -19.05 5.44
N ILE D 79 -25.83 -18.59 5.55
CA ILE D 79 -25.36 -17.74 6.68
C ILE D 79 -24.90 -16.37 6.16
N GLY D 80 -24.61 -16.24 4.86
CA GLY D 80 -24.13 -15.00 4.23
C GLY D 80 -22.64 -14.84 4.40
N ALA D 81 -21.84 -15.47 3.52
CA ALA D 81 -20.36 -15.46 3.55
C ALA D 81 -19.80 -14.72 2.32
N GLY D 82 -20.64 -14.34 1.36
CA GLY D 82 -20.25 -13.56 0.16
C GLY D 82 -19.60 -14.43 -0.89
N ARG D 83 -19.16 -13.81 -2.00
CA ARG D 83 -18.55 -14.49 -3.18
C ARG D 83 -17.02 -14.45 -3.08
N GLU D 84 -16.46 -13.68 -2.14
CA GLU D 84 -14.99 -13.54 -1.91
C GLU D 84 -14.49 -14.73 -1.08
N VAL D 85 -14.47 -15.94 -1.65
CA VAL D 85 -14.09 -17.19 -0.93
C VAL D 85 -13.43 -18.17 -1.89
N ASP D 86 -12.17 -18.53 -1.63
CA ASP D 86 -11.55 -19.79 -2.11
C ASP D 86 -11.88 -20.89 -1.09
N VAL D 87 -12.00 -22.13 -1.57
CA VAL D 87 -12.33 -23.32 -0.72
C VAL D 87 -11.31 -24.42 -1.03
N ILE D 88 -10.41 -24.69 -0.09
CA ILE D 88 -9.36 -25.75 -0.19
C ILE D 88 -9.95 -27.06 0.36
N ILE D 89 -10.34 -27.98 -0.54
CA ILE D 89 -10.81 -29.35 -0.20
C ILE D 89 -9.56 -30.24 -0.10
N ALA D 90 -9.15 -30.58 1.13
CA ALA D 90 -7.84 -31.20 1.44
C ALA D 90 -7.99 -32.72 1.58
N PRO D 91 -6.93 -33.50 1.25
CA PRO D 91 -6.99 -34.96 1.31
C PRO D 91 -6.86 -35.53 2.73
N GLY D 92 -7.99 -35.80 3.38
CA GLY D 92 -8.06 -36.48 4.69
C GLY D 92 -8.06 -38.00 4.55
N ILE D 93 -8.06 -38.73 5.66
CA ILE D 93 -8.09 -40.22 5.70
C ILE D 93 -9.01 -40.69 6.84
N GLY D 94 -9.29 -42.00 6.88
CA GLY D 94 -10.15 -42.65 7.90
C GLY D 94 -11.26 -43.47 7.25
N GLU D 95 -11.96 -44.27 8.06
CA GLU D 95 -13.13 -45.11 7.65
C GLU D 95 -14.41 -44.47 8.23
N PHE D 96 -15.23 -43.85 7.38
CA PHE D 96 -16.40 -43.03 7.78
C PHE D 96 -17.71 -43.77 7.47
N THR D 97 -18.83 -43.21 7.96
CA THR D 97 -20.22 -43.67 7.68
C THR D 97 -20.40 -43.87 6.16
N HIS D 98 -20.29 -42.78 5.40
CA HIS D 98 -20.70 -42.71 3.96
C HIS D 98 -19.52 -43.03 3.02
N GLY D 99 -18.41 -43.56 3.52
CA GLY D 99 -17.26 -43.95 2.67
C GLY D 99 -15.98 -44.20 3.45
N SER D 100 -14.90 -44.56 2.74
CA SER D 100 -13.55 -44.86 3.28
C SER D 100 -12.49 -44.10 2.47
N PHE D 101 -11.47 -43.56 3.16
CA PHE D 101 -10.37 -42.75 2.57
C PHE D 101 -9.03 -43.26 3.10
N ARG D 102 -8.12 -43.64 2.19
CA ARG D 102 -6.82 -44.27 2.53
C ARG D 102 -5.69 -43.54 1.79
N GLY D 103 -4.53 -43.43 2.42
CA GLY D 103 -3.35 -42.72 1.89
C GLY D 103 -2.48 -42.16 3.00
N SER D 104 -1.54 -41.29 2.64
CA SER D 104 -0.60 -40.61 3.58
C SER D 104 -1.33 -39.46 4.28
N ALA D 105 -1.21 -39.37 5.60
CA ALA D 105 -1.80 -38.30 6.45
C ALA D 105 -1.10 -36.97 6.17
N MET D 106 0.19 -37.03 5.83
CA MET D 106 1.06 -35.85 5.53
C MET D 106 0.70 -35.27 4.15
N ASP D 107 -0.08 -36.00 3.33
CA ASP D 107 -0.62 -35.48 2.03
C ASP D 107 -1.38 -34.17 2.30
N ALA D 108 -2.16 -34.13 3.39
CA ALA D 108 -2.95 -32.96 3.83
C ALA D 108 -2.04 -31.74 4.01
N TYR D 109 -0.83 -31.91 4.56
CA TYR D 109 0.14 -30.80 4.75
C TYR D 109 0.49 -30.19 3.40
N TYR D 110 1.06 -30.99 2.50
CA TYR D 110 1.63 -30.55 1.20
C TYR D 110 0.53 -30.00 0.29
N TYR D 111 -0.65 -30.61 0.30
CA TYR D 111 -1.81 -30.18 -0.52
C TYR D 111 -2.21 -28.75 -0.12
N VAL D 112 -2.31 -28.50 1.19
CA VAL D 112 -2.74 -27.19 1.76
C VAL D 112 -1.64 -26.15 1.54
N LEU D 113 -0.38 -26.54 1.78
CA LEU D 113 0.83 -25.70 1.51
C LEU D 113 0.78 -25.19 0.07
N HIS D 114 0.50 -26.10 -0.87
CA HIS D 114 0.49 -25.85 -2.34
C HIS D 114 -0.64 -24.89 -2.71
N ALA D 115 -1.84 -25.08 -2.15
CA ALA D 115 -3.04 -24.25 -2.41
C ALA D 115 -2.82 -22.85 -1.83
N LEU D 116 -2.31 -22.76 -0.59
CA LEU D 116 -2.06 -21.48 0.12
C LEU D 116 -0.95 -20.69 -0.58
N SER D 117 0.02 -21.37 -1.21
CA SER D 117 1.16 -20.76 -1.94
C SER D 117 0.68 -20.04 -3.22
N GLU D 118 -0.55 -20.33 -3.68
CA GLU D 118 -1.16 -19.70 -4.87
C GLU D 118 -2.32 -18.79 -4.48
N ILE D 119 -2.53 -18.53 -3.17
CA ILE D 119 -3.61 -17.64 -2.65
C ILE D 119 -3.00 -16.46 -1.92
N ILE D 120 -2.08 -16.69 -0.97
CA ILE D 120 -1.37 -15.64 -0.19
C ILE D 120 -0.71 -14.67 -1.16
N PRO D 121 -1.02 -13.35 -1.09
CA PRO D 121 -0.33 -12.36 -1.94
C PRO D 121 1.20 -12.41 -1.79
N THR D 122 1.91 -12.29 -2.92
CA THR D 122 3.39 -12.27 -3.00
C THR D 122 3.86 -10.84 -3.34
N LYS D 123 3.12 -9.84 -2.86
CA LYS D 123 3.45 -8.39 -2.99
C LYS D 123 2.74 -7.64 -1.86
N GLY D 124 3.49 -6.87 -1.06
CA GLY D 124 2.96 -6.00 0.00
C GLY D 124 2.79 -6.71 1.33
N ASP D 125 2.43 -5.97 2.38
CA ASP D 125 2.27 -6.46 3.78
C ASP D 125 1.08 -7.42 3.86
N LEU D 126 0.97 -8.14 4.97
CA LEU D 126 -0.07 -9.18 5.21
C LEU D 126 -0.58 -9.08 6.65
N GLU D 127 -1.90 -9.10 6.82
CA GLU D 127 -2.60 -9.31 8.11
C GLU D 127 -3.38 -10.62 7.99
N VAL D 128 -2.98 -11.66 8.74
CA VAL D 128 -3.51 -13.03 8.59
C VAL D 128 -4.30 -13.41 9.85
N HIS D 129 -5.55 -13.84 9.66
CA HIS D 129 -6.51 -14.25 10.72
C HIS D 129 -6.85 -15.73 10.53
N PHE D 130 -6.67 -16.54 11.57
CA PHE D 130 -6.83 -18.01 11.52
C PHE D 130 -7.77 -18.46 12.63
N ASP D 131 -8.95 -18.98 12.27
CA ASP D 131 -9.98 -19.51 13.18
C ASP D 131 -9.80 -21.03 13.27
N SER D 132 -9.44 -21.54 14.45
CA SER D 132 -9.14 -22.98 14.72
C SER D 132 -10.34 -23.66 15.40
N THR D 133 -11.44 -22.92 15.61
CA THR D 133 -12.67 -23.37 16.33
C THR D 133 -13.17 -24.73 15.81
N HIS D 134 -13.67 -24.73 14.56
CA HIS D 134 -14.40 -25.89 13.95
C HIS D 134 -13.53 -26.86 13.16
N GLY D 135 -12.25 -26.97 13.46
CA GLY D 135 -11.33 -27.81 12.67
C GLY D 135 -11.22 -29.23 13.18
N LEU D 136 -11.09 -30.20 12.26
CA LEU D 136 -10.51 -31.54 12.54
C LEU D 136 -9.13 -31.32 13.16
N ASN D 137 -8.72 -32.16 14.11
CA ASN D 137 -7.54 -31.90 14.98
C ASN D 137 -6.27 -31.82 14.13
N TYR D 138 -5.96 -32.84 13.32
CA TYR D 138 -4.71 -32.93 12.53
C TYR D 138 -4.76 -31.98 11.32
N VAL D 139 -5.95 -31.68 10.78
CA VAL D 139 -6.11 -30.76 9.62
C VAL D 139 -5.82 -29.32 10.07
N THR D 140 -6.30 -28.92 11.25
CA THR D 140 -6.06 -27.58 11.85
C THR D 140 -4.56 -27.41 12.15
N LEU D 141 -3.92 -28.46 12.67
CA LEU D 141 -2.50 -28.44 13.10
C LEU D 141 -1.57 -28.38 11.87
N LEU D 142 -2.01 -28.93 10.73
CA LEU D 142 -1.21 -28.99 9.47
C LEU D 142 -1.41 -27.72 8.66
N THR D 143 -2.65 -27.21 8.58
CA THR D 143 -3.00 -25.92 7.95
C THR D 143 -2.22 -24.79 8.63
N TYR D 144 -2.22 -24.79 9.97
CA TYR D 144 -1.54 -23.80 10.83
C TYR D 144 -0.05 -23.75 10.49
N ARG D 145 0.56 -24.92 10.26
CA ARG D 145 2.02 -25.07 9.99
C ARG D 145 2.33 -24.58 8.58
N ALA D 146 1.56 -25.03 7.58
CA ALA D 146 1.70 -24.64 6.16
C ALA D 146 1.60 -23.11 6.02
N LEU D 147 0.62 -22.50 6.70
CA LEU D 147 0.44 -21.02 6.77
C LEU D 147 1.73 -20.36 7.27
N LYS D 148 2.10 -20.61 8.53
CA LYS D 148 3.27 -20.01 9.22
C LYS D 148 4.53 -20.20 8.39
N ASP D 149 4.71 -21.39 7.80
CA ASP D 149 5.89 -21.76 6.97
C ASP D 149 5.98 -20.82 5.75
N LEU D 150 4.84 -20.48 5.14
CA LEU D 150 4.77 -19.58 3.95
C LEU D 150 4.89 -18.12 4.41
N LEU D 151 4.12 -17.71 5.43
CA LEU D 151 4.16 -16.34 5.99
C LEU D 151 5.58 -16.01 6.46
N GLY D 152 6.29 -17.01 7.01
CA GLY D 152 7.72 -16.92 7.37
C GLY D 152 8.57 -16.46 6.20
N ILE D 153 8.27 -16.94 4.99
CA ILE D 153 9.01 -16.61 3.74
C ILE D 153 8.53 -15.25 3.21
N ALA D 154 7.21 -14.99 3.26
CA ALA D 154 6.60 -13.69 2.92
C ALA D 154 7.22 -12.58 3.77
N ALA D 155 7.54 -12.89 5.03
CA ALA D 155 8.02 -11.94 6.06
C ALA D 155 9.44 -11.44 5.74
N VAL D 156 10.18 -12.14 4.87
CA VAL D 156 11.53 -11.72 4.40
C VAL D 156 11.43 -10.33 3.77
N MET D 157 10.37 -10.08 2.99
CA MET D 157 10.23 -8.87 2.12
C MET D 157 9.20 -7.88 2.66
N ASN D 158 8.24 -8.32 3.49
CA ASN D 158 7.09 -7.48 3.93
C ASN D 158 6.72 -7.79 5.38
N THR D 159 6.03 -6.86 6.04
CA THR D 159 5.52 -7.04 7.43
C THR D 159 4.32 -7.99 7.41
N VAL D 160 4.33 -9.01 8.26
CA VAL D 160 3.30 -10.08 8.32
C VAL D 160 2.89 -10.29 9.78
N THR D 161 1.75 -9.73 10.17
CA THR D 161 1.10 -9.96 11.51
C THR D 161 0.13 -11.13 11.37
N PHE D 162 0.10 -12.00 12.38
CA PHE D 162 -0.71 -13.25 12.41
C PHE D 162 -1.56 -13.27 13.67
N TYR D 163 -2.88 -13.44 13.50
CA TYR D 163 -3.89 -13.60 14.58
C TYR D 163 -4.50 -15.00 14.47
N ALA D 164 -4.66 -15.69 15.61
CA ALA D 164 -5.34 -17.00 15.71
C ALA D 164 -6.51 -16.90 16.70
N TYR D 165 -7.65 -17.48 16.34
CA TYR D 165 -8.85 -17.40 17.20
C TYR D 165 -9.45 -18.78 17.44
N ASN D 166 -10.06 -18.94 18.61
CA ASN D 166 -10.81 -20.17 18.98
C ASN D 166 -11.99 -19.70 19.82
N SER D 167 -13.20 -20.15 19.53
CA SER D 167 -14.38 -19.73 20.32
C SER D 167 -14.44 -20.51 21.64
N ASP D 168 -15.19 -20.01 22.61
CA ASP D 168 -15.30 -20.74 23.89
C ASP D 168 -15.88 -22.09 23.53
N PRO D 169 -15.48 -23.21 24.17
CA PRO D 169 -16.04 -24.51 23.79
C PRO D 169 -17.57 -24.54 23.84
N PHE D 170 -18.20 -25.00 22.76
CA PHE D 170 -19.67 -25.26 22.67
C PHE D 170 -19.99 -26.53 23.46
N VAL D 171 -20.99 -26.44 24.34
CA VAL D 171 -21.53 -27.57 25.15
C VAL D 171 -23.05 -27.50 25.02
N PRO D 172 -23.68 -28.53 24.40
CA PRO D 172 -24.99 -28.37 23.75
C PRO D 172 -26.22 -28.06 24.64
N LYS D 173 -26.04 -27.94 25.96
CA LYS D 173 -27.16 -27.87 26.93
C LYS D 173 -27.18 -26.50 27.65
N ILE D 174 -26.01 -25.92 27.91
CA ILE D 174 -25.84 -24.76 28.85
C ILE D 174 -25.45 -23.49 28.08
N THR D 175 -24.82 -23.62 26.90
CA THR D 175 -24.24 -22.48 26.12
C THR D 175 -25.33 -21.48 25.76
N LYS D 176 -25.24 -20.26 26.30
CA LYS D 176 -26.02 -19.06 25.89
C LYS D 176 -25.32 -18.38 24.72
N GLU D 177 -24.11 -17.84 24.97
CA GLU D 177 -23.25 -17.17 23.97
C GLU D 177 -21.80 -17.65 24.13
N LEU D 178 -21.10 -17.86 23.03
CA LEU D 178 -19.66 -18.22 22.99
C LEU D 178 -18.82 -16.99 22.60
N ASN D 179 -17.88 -16.60 23.47
CA ASN D 179 -16.82 -15.62 23.14
C ASN D 179 -15.93 -16.21 22.04
N ILE D 180 -15.48 -15.41 21.08
CA ILE D 180 -14.43 -15.79 20.08
C ILE D 180 -13.10 -15.26 20.60
N ASN D 181 -12.34 -16.08 21.33
CA ASN D 181 -11.09 -15.68 22.01
C ASN D 181 -9.95 -15.59 20.98
N THR D 182 -9.10 -14.56 21.09
CA THR D 182 -7.79 -14.48 20.39
C THR D 182 -6.77 -15.30 21.20
N ILE D 183 -6.30 -16.42 20.65
CA ILE D 183 -5.42 -17.40 21.36
C ILE D 183 -3.95 -17.16 20.98
N GLU D 184 -3.69 -16.39 19.91
CA GLU D 184 -2.31 -16.03 19.47
C GLU D 184 -2.35 -14.73 18.67
N THR D 185 -1.39 -13.85 18.93
CA THR D 185 -1.16 -12.58 18.20
C THR D 185 0.36 -12.39 18.08
N THR D 186 0.91 -12.53 16.86
CA THR D 186 2.37 -12.59 16.58
C THR D 186 2.71 -11.73 15.36
N MET D 187 3.89 -11.10 15.40
CA MET D 187 4.53 -10.45 14.22
C MET D 187 5.53 -11.45 13.65
N VAL D 188 5.18 -12.08 12.52
CA VAL D 188 5.89 -13.23 11.89
C VAL D 188 7.33 -12.83 11.61
N LYS D 189 8.30 -13.57 12.16
CA LYS D 189 9.75 -13.33 11.97
C LYS D 189 10.16 -13.82 10.58
N PRO D 190 11.11 -13.12 9.92
CA PRO D 190 11.57 -13.53 8.58
C PRO D 190 12.42 -14.81 8.65
N THR D 191 12.02 -15.83 7.89
CA THR D 191 12.65 -17.17 7.86
C THR D 191 12.81 -17.62 6.41
N PRO D 192 13.97 -17.32 5.77
CA PRO D 192 14.23 -17.78 4.41
C PRO D 192 14.26 -19.32 4.39
N LEU D 193 13.86 -19.91 3.27
CA LEU D 193 14.02 -21.36 3.00
C LEU D 193 15.44 -21.76 3.42
N SER D 194 15.57 -22.74 4.32
CA SER D 194 16.86 -23.16 4.95
C SER D 194 17.13 -24.65 4.71
N GLU D 195 16.33 -25.31 3.87
CA GLU D 195 16.42 -26.77 3.61
C GLU D 195 16.86 -26.98 2.16
N PRO D 196 17.83 -27.89 1.90
CA PRO D 196 18.23 -28.21 0.54
C PRO D 196 17.16 -29.06 -0.16
N LEU D 197 17.25 -29.20 -1.48
CA LEU D 197 16.46 -30.18 -2.25
C LEU D 197 16.98 -31.58 -1.91
N PRO D 198 16.10 -32.56 -1.62
CA PRO D 198 16.54 -33.89 -1.20
C PRO D 198 16.91 -34.80 -2.38
N GLY D 199 17.22 -36.07 -2.09
CA GLY D 199 17.35 -37.15 -3.08
C GLY D 199 16.06 -37.33 -3.86
N PHE D 200 16.12 -37.96 -5.04
CA PHE D 200 15.03 -38.02 -6.03
C PHE D 200 14.02 -39.12 -5.67
N ASP D 201 14.14 -39.70 -4.48
CA ASP D 201 13.13 -40.58 -3.85
C ASP D 201 12.00 -39.72 -3.27
N GLU D 202 12.31 -38.50 -2.78
CA GLU D 202 11.51 -37.76 -1.77
C GLU D 202 10.72 -36.61 -2.40
N TYR D 203 10.17 -36.78 -3.61
CA TYR D 203 9.23 -35.83 -4.25
C TYR D 203 7.84 -36.46 -4.32
N LEU D 204 7.76 -37.66 -4.88
CA LEU D 204 6.57 -38.56 -4.79
C LEU D 204 7.02 -39.93 -4.30
N CYS D 205 6.27 -40.53 -3.39
CA CYS D 205 6.52 -41.85 -2.76
C CYS D 205 5.30 -42.74 -2.93
N PRO D 206 5.46 -44.06 -3.16
CA PRO D 206 4.32 -44.98 -3.20
C PRO D 206 3.70 -45.23 -1.81
N TYR D 207 2.38 -45.02 -1.66
CA TYR D 207 1.61 -45.44 -0.47
C TYR D 207 1.13 -46.88 -0.68
N SER D 208 0.31 -47.11 -1.71
CA SER D 208 -0.14 -48.46 -2.16
C SER D 208 0.07 -48.58 -3.67
N MET D 209 1.33 -48.61 -4.10
CA MET D 209 1.76 -48.88 -5.49
C MET D 209 2.93 -49.85 -5.45
N GLU D 210 2.76 -51.07 -6.00
CA GLU D 210 3.80 -52.13 -6.03
C GLU D 210 5.09 -51.50 -6.60
N ARG D 211 6.23 -51.82 -6.00
CA ARG D 211 7.48 -51.02 -6.04
C ARG D 211 8.12 -51.03 -7.44
N ALA D 212 7.45 -51.61 -8.44
CA ALA D 212 7.93 -51.72 -9.84
C ALA D 212 7.13 -50.75 -10.73
N GLU D 213 5.80 -50.69 -10.57
CA GLU D 213 4.92 -49.72 -11.28
C GLU D 213 5.34 -48.29 -10.94
N PHE D 214 5.91 -48.07 -9.75
CA PHE D 214 6.41 -46.75 -9.27
C PHE D 214 7.62 -46.30 -10.09
N VAL D 215 8.68 -47.12 -10.09
CA VAL D 215 9.98 -46.83 -10.78
C VAL D 215 9.68 -46.53 -12.26
N ARG D 216 8.55 -47.04 -12.77
CA ARG D 216 8.07 -46.82 -14.16
C ARG D 216 7.67 -45.35 -14.36
N LEU D 217 6.89 -44.79 -13.42
CA LEU D 217 6.31 -43.41 -13.52
C LEU D 217 7.40 -42.38 -13.22
N LYS D 218 8.20 -42.62 -12.17
CA LYS D 218 9.35 -41.74 -11.77
C LYS D 218 10.27 -41.50 -12.97
N GLY D 219 10.48 -42.54 -13.79
CA GLY D 219 11.33 -42.49 -15.00
C GLY D 219 10.78 -41.55 -16.06
N SER D 220 9.45 -41.44 -16.17
CA SER D 220 8.75 -40.67 -17.23
C SER D 220 8.63 -39.19 -16.85
N LEU D 221 8.60 -38.86 -15.55
CA LEU D 221 8.50 -37.46 -15.04
C LEU D 221 9.69 -36.64 -15.55
N ASN D 222 9.41 -35.52 -16.23
CA ASN D 222 10.43 -34.56 -16.74
C ASN D 222 11.07 -33.82 -15.56
N THR D 223 10.25 -33.40 -14.60
CA THR D 223 10.62 -32.64 -13.37
C THR D 223 11.92 -33.22 -12.77
N LEU D 224 11.93 -34.51 -12.43
CA LEU D 224 13.08 -35.19 -11.75
C LEU D 224 14.32 -35.16 -12.68
N LYS D 225 14.11 -35.24 -13.99
CA LYS D 225 15.21 -35.32 -15.00
C LYS D 225 15.84 -33.93 -15.18
N ASN D 226 15.07 -32.85 -14.99
CA ASN D 226 15.56 -31.45 -15.08
C ASN D 226 16.22 -31.05 -13.77
N LEU D 227 15.57 -31.30 -12.64
CA LEU D 227 16.10 -30.98 -11.28
C LEU D 227 17.52 -31.54 -11.12
N ARG D 228 17.74 -32.78 -11.59
CA ARG D 228 19.06 -33.47 -11.56
C ARG D 228 20.18 -32.48 -11.93
N LYS D 229 19.95 -31.67 -12.97
CA LYS D 229 20.89 -30.61 -13.44
C LYS D 229 20.88 -29.43 -12.46
N GLU D 230 19.70 -28.88 -12.16
CA GLU D 230 19.52 -27.56 -11.50
C GLU D 230 19.51 -27.67 -9.97
N LYS D 231 19.52 -28.89 -9.43
CA LYS D 231 19.49 -29.16 -7.95
C LYS D 231 20.50 -28.23 -7.26
N LYS D 232 21.68 -28.03 -7.84
CA LYS D 232 22.81 -27.29 -7.21
C LYS D 232 22.64 -25.79 -7.41
N LYS D 233 22.16 -25.34 -8.59
CA LYS D 233 21.92 -23.92 -8.91
C LYS D 233 20.83 -23.36 -7.98
N LEU D 234 19.79 -24.15 -7.69
CA LEU D 234 18.65 -23.77 -6.82
C LEU D 234 19.09 -23.72 -5.36
N GLU D 235 19.95 -24.66 -4.93
CA GLU D 235 20.47 -24.75 -3.54
C GLU D 235 21.45 -23.58 -3.30
N ALA D 236 22.30 -23.27 -4.29
CA ALA D 236 23.20 -22.09 -4.28
C ALA D 236 22.36 -20.82 -4.01
N TRP D 237 21.21 -20.71 -4.67
CA TRP D 237 20.28 -19.55 -4.54
C TRP D 237 19.61 -19.55 -3.16
N ILE D 238 19.10 -20.69 -2.70
CA ILE D 238 18.47 -20.85 -1.36
C ILE D 238 19.47 -20.40 -0.29
N GLY D 239 20.72 -20.85 -0.42
CA GLY D 239 21.84 -20.48 0.48
C GLY D 239 22.15 -19.00 0.41
N SER D 240 21.96 -18.38 -0.76
CA SER D 240 22.24 -16.94 -1.03
C SER D 240 21.41 -16.06 -0.07
N LEU D 241 20.13 -16.38 0.15
CA LEU D 241 19.24 -15.64 1.09
C LEU D 241 19.63 -15.99 2.54
N LEU D 242 19.94 -17.26 2.81
CA LEU D 242 20.19 -17.78 4.18
C LEU D 242 21.49 -17.20 4.74
N PHE D 243 22.53 -17.08 3.92
CA PHE D 243 23.94 -16.83 4.33
C PHE D 243 24.40 -15.40 3.99
N GLY D 244 23.55 -14.60 3.35
CA GLY D 244 23.84 -13.18 3.04
C GLY D 244 24.82 -13.04 1.88
N LEU D 245 24.47 -13.61 0.73
CA LEU D 245 25.29 -13.61 -0.51
C LEU D 245 24.54 -12.88 -1.62
N PRO D 246 24.63 -11.52 -1.69
CA PRO D 246 23.80 -10.74 -2.61
C PRO D 246 24.05 -10.95 -4.11
N LEU D 247 25.31 -11.15 -4.53
CA LEU D 247 25.65 -11.33 -5.97
C LEU D 247 25.11 -12.68 -6.46
N LEU D 248 25.26 -13.73 -5.65
CA LEU D 248 24.83 -15.11 -5.99
C LEU D 248 23.29 -15.18 -6.01
N PHE D 249 22.61 -14.32 -5.25
CA PHE D 249 21.12 -14.18 -5.26
C PHE D 249 20.64 -13.80 -6.66
N LEU D 250 21.36 -12.87 -7.32
CA LEU D 250 21.00 -12.35 -8.66
C LEU D 250 21.37 -13.36 -9.76
N GLU D 251 22.59 -13.90 -9.71
CA GLU D 251 23.14 -14.80 -10.76
C GLU D 251 22.38 -16.13 -10.78
N GLU D 252 21.96 -16.62 -9.62
CA GLU D 252 21.34 -17.98 -9.47
C GLU D 252 19.82 -17.87 -9.30
N PHE D 253 19.23 -16.70 -9.55
CA PHE D 253 17.77 -16.47 -9.37
C PHE D 253 17.00 -17.48 -10.22
N PRO D 254 16.06 -18.24 -9.62
CA PRO D 254 15.40 -19.34 -10.33
C PRO D 254 14.44 -18.87 -11.43
N ASP D 255 14.39 -19.62 -12.54
CA ASP D 255 13.36 -19.52 -13.60
C ASP D 255 12.01 -19.90 -12.98
N ILE D 256 11.09 -18.94 -12.84
CA ILE D 256 9.81 -19.10 -12.09
C ILE D 256 8.86 -20.01 -12.87
N GLY D 257 8.70 -19.77 -14.18
CA GLY D 257 7.89 -20.61 -15.09
C GLY D 257 8.34 -22.06 -15.07
N ARG D 258 9.65 -22.29 -14.90
CA ARG D 258 10.29 -23.63 -14.87
C ARG D 258 9.90 -24.35 -13.57
N LEU D 259 9.90 -23.64 -12.43
CA LEU D 259 9.50 -24.20 -11.10
C LEU D 259 7.98 -24.47 -11.11
N GLU D 260 7.19 -23.46 -11.49
CA GLU D 260 5.71 -23.56 -11.64
C GLU D 260 5.34 -24.91 -12.26
N SER D 261 6.03 -25.29 -13.35
CA SER D 261 5.76 -26.48 -14.18
C SER D 261 6.13 -27.76 -13.41
N TYR D 262 7.28 -27.76 -12.70
CA TYR D 262 7.75 -28.89 -11.86
C TYR D 262 6.68 -29.24 -10.82
N ILE D 263 6.12 -28.23 -10.16
CA ILE D 263 5.13 -28.35 -9.07
C ILE D 263 3.80 -28.87 -9.65
N GLU D 264 3.45 -28.46 -10.87
CA GLU D 264 2.16 -28.85 -11.53
C GLU D 264 2.25 -30.30 -12.02
N GLU D 265 3.41 -30.73 -12.55
CA GLU D 265 3.64 -32.12 -13.01
C GLU D 265 3.49 -33.08 -11.82
N LEU D 266 3.98 -32.68 -10.64
CA LEU D 266 4.00 -33.52 -9.42
C LEU D 266 2.62 -33.51 -8.75
N ALA D 267 1.87 -32.42 -8.87
CA ALA D 267 0.54 -32.23 -8.24
C ALA D 267 -0.55 -32.89 -9.10
N GLU D 268 -0.33 -33.02 -10.41
CA GLU D 268 -1.27 -33.72 -11.34
C GLU D 268 -0.90 -35.21 -11.41
N THR D 269 0.37 -35.57 -11.21
CA THR D 269 0.84 -36.98 -11.09
C THR D 269 0.26 -37.60 -9.81
N TRP D 270 0.44 -36.93 -8.67
CA TRP D 270 -0.11 -37.33 -7.35
C TRP D 270 -1.62 -37.56 -7.47
N GLY D 271 -2.31 -36.64 -8.15
CA GLY D 271 -3.77 -36.65 -8.34
C GLY D 271 -4.20 -37.60 -9.45
N GLY D 272 -3.29 -37.89 -10.40
CA GLY D 272 -3.46 -38.96 -11.41
C GLY D 272 -3.58 -40.33 -10.76
N ALA D 273 -2.86 -40.54 -9.64
CA ALA D 273 -2.72 -41.84 -8.95
C ALA D 273 -3.76 -41.99 -7.82
N ILE D 274 -4.65 -41.01 -7.63
CA ILE D 274 -5.84 -41.16 -6.72
C ILE D 274 -6.84 -42.08 -7.42
N ALA D 275 -7.02 -43.30 -6.90
CA ALA D 275 -7.98 -44.32 -7.42
C ALA D 275 -9.20 -44.38 -6.50
N VAL D 276 -10.39 -44.09 -7.06
CA VAL D 276 -11.72 -44.26 -6.40
C VAL D 276 -12.29 -45.61 -6.86
N ASN D 277 -13.01 -46.30 -5.97
CA ASN D 277 -13.85 -47.49 -6.30
C ASN D 277 -15.29 -47.16 -5.91
N ALA D 278 -16.10 -46.70 -6.89
CA ALA D 278 -17.46 -46.15 -6.70
C ALA D 278 -18.36 -47.15 -5.95
N GLU D 279 -18.18 -48.45 -6.21
CA GLU D 279 -18.99 -49.54 -5.62
C GLU D 279 -18.57 -49.78 -4.16
N GLU D 280 -17.26 -49.83 -3.89
CA GLU D 280 -16.69 -50.07 -2.54
C GLU D 280 -16.73 -48.78 -1.70
N LYS D 281 -16.89 -47.61 -2.35
CA LYS D 281 -16.93 -46.28 -1.68
C LYS D 281 -15.60 -46.07 -0.94
N ALA D 282 -14.48 -46.40 -1.58
CA ALA D 282 -13.12 -46.44 -1.00
C ALA D 282 -12.13 -45.69 -1.89
N VAL D 283 -11.63 -44.53 -1.42
CA VAL D 283 -10.56 -43.74 -2.09
C VAL D 283 -9.20 -44.23 -1.59
N THR D 284 -8.24 -44.43 -2.51
CA THR D 284 -6.83 -44.78 -2.21
C THR D 284 -5.91 -43.83 -2.98
N ARG D 285 -5.20 -42.96 -2.25
CA ARG D 285 -4.19 -42.02 -2.82
C ARG D 285 -2.87 -42.78 -2.93
N ARG D 286 -2.65 -43.43 -4.07
CA ARG D 286 -1.60 -44.45 -4.30
C ARG D 286 -0.22 -43.79 -4.32
N LEU D 287 -0.15 -42.47 -4.50
CA LEU D 287 1.08 -41.66 -4.32
C LEU D 287 0.90 -40.74 -3.10
N ALA D 288 2.01 -40.48 -2.38
CA ALA D 288 2.10 -39.52 -1.26
C ALA D 288 3.17 -38.49 -1.58
N PHE D 289 2.86 -37.19 -1.45
CA PHE D 289 3.83 -36.08 -1.60
C PHE D 289 4.98 -36.30 -0.60
N GLY D 290 6.22 -36.00 -1.02
CA GLY D 290 7.42 -36.06 -0.19
C GLY D 290 7.95 -34.68 0.16
N SER D 291 8.99 -34.60 1.00
CA SER D 291 9.60 -33.34 1.48
C SER D 291 10.04 -32.48 0.29
N GLY D 292 10.50 -33.10 -0.80
CA GLY D 292 10.97 -32.45 -2.03
C GLY D 292 9.91 -31.57 -2.67
N PHE D 293 8.65 -32.02 -2.70
CA PHE D 293 7.50 -31.25 -3.22
C PHE D 293 7.34 -29.98 -2.40
N GLY D 294 7.24 -30.12 -1.07
CA GLY D 294 7.12 -29.00 -0.11
C GLY D 294 8.24 -27.99 -0.29
N THR D 295 9.48 -28.46 -0.45
CA THR D 295 10.70 -27.62 -0.64
C THR D 295 10.56 -26.82 -1.94
N LEU D 296 10.02 -27.42 -3.00
CA LEU D 296 9.81 -26.74 -4.31
C LEU D 296 8.74 -25.65 -4.18
N VAL D 297 7.67 -25.90 -3.40
CA VAL D 297 6.55 -24.93 -3.21
C VAL D 297 7.09 -23.70 -2.47
N LYS D 298 7.85 -23.91 -1.39
CA LYS D 298 8.47 -22.83 -0.58
C LYS D 298 9.51 -22.10 -1.43
N LEU D 299 10.29 -22.85 -2.21
CA LEU D 299 11.34 -22.34 -3.13
C LEU D 299 10.71 -21.40 -4.17
N LEU D 300 9.58 -21.79 -4.76
CA LEU D 300 8.83 -21.00 -5.79
C LEU D 300 8.22 -19.75 -5.12
N PHE D 301 7.61 -19.91 -3.94
CA PHE D 301 6.96 -18.82 -3.19
C PHE D 301 7.98 -17.74 -2.84
N GLN D 302 9.17 -18.15 -2.39
CA GLN D 302 10.31 -17.26 -2.03
C GLN D 302 10.80 -16.52 -3.27
N ALA D 303 10.81 -17.21 -4.43
CA ALA D 303 11.19 -16.63 -5.74
C ALA D 303 10.19 -15.51 -6.10
N ARG D 304 8.89 -15.76 -5.94
CA ARG D 304 7.79 -14.79 -6.20
C ARG D 304 7.92 -13.58 -5.27
N ILE D 305 8.08 -13.84 -3.96
CA ILE D 305 8.19 -12.83 -2.87
C ILE D 305 9.34 -11.87 -3.18
N THR D 306 10.41 -12.34 -3.83
CA THR D 306 11.68 -11.59 -4.04
C THR D 306 11.93 -11.29 -5.53
N ARG D 307 11.00 -11.65 -6.43
CA ARG D 307 11.17 -11.50 -7.90
C ARG D 307 11.36 -10.02 -8.25
N GLY D 308 10.79 -9.12 -7.43
CA GLY D 308 10.84 -7.66 -7.63
C GLY D 308 12.25 -7.10 -7.57
N LEU D 309 13.19 -7.80 -6.93
CA LEU D 309 14.59 -7.36 -6.74
C LEU D 309 15.42 -7.66 -7.98
N LEU D 310 15.03 -8.67 -8.78
CA LEU D 310 15.83 -9.11 -9.95
C LEU D 310 16.03 -7.92 -10.89
N VAL D 311 17.28 -7.50 -11.08
CA VAL D 311 17.68 -6.48 -12.08
C VAL D 311 18.27 -7.19 -13.29
N GLU D 312 18.50 -6.40 -14.34
CA GLU D 312 19.23 -6.79 -15.56
C GLU D 312 20.73 -6.58 -15.31
N GLU D 313 21.57 -7.53 -15.75
CA GLU D 313 23.05 -7.46 -15.63
C GLU D 313 23.56 -6.31 -16.51
N PRO D 314 24.78 -5.78 -16.27
CA PRO D 314 25.66 -6.23 -15.18
C PRO D 314 25.23 -5.68 -13.81
N TYR D 315 25.73 -6.30 -12.74
CA TYR D 315 25.35 -6.02 -11.33
C TYR D 315 26.36 -5.03 -10.74
N SER D 316 25.91 -3.79 -10.52
CA SER D 316 26.71 -2.70 -9.89
C SER D 316 26.79 -2.90 -8.38
N ILE D 317 27.76 -2.26 -7.73
CA ILE D 317 27.86 -2.19 -6.24
C ILE D 317 26.55 -1.59 -5.70
N GLU D 318 26.05 -0.55 -6.38
CA GLU D 318 24.85 0.24 -5.97
C GLU D 318 23.63 -0.67 -5.87
N LYS D 319 23.44 -1.56 -6.86
CA LYS D 319 22.31 -2.52 -6.87
C LYS D 319 22.50 -3.53 -5.73
N LEU D 320 23.73 -4.04 -5.55
CA LEU D 320 24.08 -5.04 -4.51
C LEU D 320 23.85 -4.45 -3.11
N TYR D 321 24.02 -3.13 -2.93
CA TYR D 321 23.64 -2.39 -1.70
C TYR D 321 22.11 -2.43 -1.53
N SER D 322 21.39 -2.14 -2.63
CA SER D 322 19.90 -2.02 -2.68
C SER D 322 19.25 -3.37 -2.42
N VAL D 323 19.66 -4.41 -3.16
CA VAL D 323 19.21 -5.82 -2.99
C VAL D 323 19.41 -6.23 -1.52
N SER D 324 20.56 -5.87 -0.94
CA SER D 324 21.02 -6.29 0.41
C SER D 324 20.15 -5.64 1.50
N ASP D 325 19.85 -4.34 1.38
CA ASP D 325 19.03 -3.59 2.36
C ASP D 325 17.67 -4.26 2.52
N ARG D 326 17.10 -4.75 1.42
CA ARG D 326 15.76 -5.41 1.37
C ARG D 326 15.85 -6.84 1.91
N LEU D 327 16.94 -7.56 1.60
CA LEU D 327 17.03 -9.05 1.72
C LEU D 327 17.52 -9.44 3.12
N PHE D 328 18.42 -8.66 3.72
CA PHE D 328 19.26 -9.08 4.88
C PHE D 328 19.04 -8.15 6.08
N ARG D 329 19.21 -8.71 7.29
CA ARG D 329 18.97 -8.04 8.60
C ARG D 329 20.16 -8.28 9.53
N GLY D 330 20.12 -7.73 10.74
CA GLY D 330 21.11 -7.96 11.81
C GLY D 330 22.54 -7.78 11.32
N SER D 331 23.44 -8.64 11.79
CA SER D 331 24.90 -8.59 11.49
C SER D 331 25.18 -8.95 10.03
N THR D 332 24.36 -9.83 9.43
CA THR D 332 24.53 -10.34 8.05
C THR D 332 24.51 -9.16 7.07
N LEU D 333 23.57 -8.22 7.24
CA LEU D 333 23.47 -6.99 6.40
C LEU D 333 24.79 -6.21 6.51
N GLN D 334 25.25 -5.96 7.74
CA GLN D 334 26.40 -5.06 8.03
C GLN D 334 27.71 -5.67 7.50
N ARG D 335 27.83 -7.01 7.50
CA ARG D 335 28.94 -7.73 6.82
C ARG D 335 28.94 -7.37 5.34
N VAL D 336 27.78 -7.54 4.68
CA VAL D 336 27.58 -7.29 3.22
C VAL D 336 27.98 -5.84 2.94
N ARG D 337 27.45 -4.90 3.74
CA ARG D 337 27.66 -3.44 3.56
C ARG D 337 29.15 -3.10 3.72
N VAL D 338 29.87 -3.85 4.55
CA VAL D 338 31.34 -3.66 4.79
C VAL D 338 32.13 -4.24 3.60
N GLU D 339 31.69 -5.38 3.04
CA GLU D 339 32.38 -6.05 1.90
C GLU D 339 32.20 -5.20 0.64
N LEU D 340 30.99 -4.69 0.40
CA LEU D 340 30.70 -3.75 -0.71
C LEU D 340 31.45 -2.43 -0.45
N GLY D 341 31.63 -2.06 0.83
CA GLY D 341 32.36 -0.85 1.26
C GLY D 341 33.81 -0.87 0.83
N LYS D 342 34.53 -1.96 1.12
CA LYS D 342 35.96 -2.15 0.77
C LYS D 342 36.14 -2.01 -0.75
N ILE D 343 35.33 -2.74 -1.53
CA ILE D 343 35.46 -2.85 -3.01
C ILE D 343 35.10 -1.50 -3.63
N GLU D 344 34.11 -0.79 -3.07
CA GLU D 344 33.69 0.56 -3.52
C GLU D 344 34.84 1.54 -3.29
N ASP D 345 35.42 1.54 -2.08
CA ASP D 345 36.52 2.45 -1.67
C ASP D 345 37.76 2.23 -2.55
N LYS D 346 38.00 0.98 -2.98
CA LYS D 346 39.12 0.64 -3.89
C LYS D 346 38.84 1.27 -5.26
N ALA D 347 37.61 1.11 -5.78
CA ALA D 347 37.16 1.67 -7.07
C ALA D 347 37.31 3.20 -7.09
N ILE D 348 37.10 3.86 -5.95
CA ILE D 348 37.25 5.33 -5.77
C ILE D 348 38.72 5.71 -5.97
N LYS D 349 39.64 4.97 -5.36
CA LYS D 349 41.12 5.18 -5.45
C LYS D 349 41.55 5.06 -6.92
N TYR D 350 41.16 3.97 -7.58
CA TYR D 350 41.41 3.70 -9.03
C TYR D 350 40.88 4.89 -9.85
N ALA D 351 39.64 5.31 -9.58
CA ALA D 351 38.92 6.39 -10.32
C ALA D 351 39.69 7.71 -10.22
N ARG D 352 40.08 8.12 -9.01
CA ARG D 352 40.80 9.39 -8.74
C ARG D 352 42.12 9.45 -9.53
N LYS D 353 42.72 8.29 -9.84
CA LYS D 353 43.99 8.18 -10.63
C LYS D 353 43.69 8.07 -12.13
N GLY D 354 42.40 8.08 -12.52
CA GLY D 354 41.97 7.86 -13.92
C GLY D 354 42.17 6.43 -14.38
N ALA D 355 42.18 5.47 -13.44
CA ALA D 355 42.27 4.01 -13.70
C ALA D 355 40.87 3.41 -13.63
N PHE D 356 40.53 2.53 -14.59
CA PHE D 356 39.20 1.89 -14.75
C PHE D 356 39.38 0.47 -15.27
N PRO D 357 39.96 -0.46 -14.47
CA PRO D 357 40.18 -1.83 -14.91
C PRO D 357 38.87 -2.53 -15.28
N ARG D 358 38.90 -3.35 -16.34
CA ARG D 358 37.77 -4.20 -16.80
C ARG D 358 38.20 -5.66 -16.71
N ASP D 359 37.24 -6.57 -16.49
CA ASP D 359 37.46 -8.04 -16.49
C ASP D 359 38.77 -8.36 -15.76
N ILE D 360 38.89 -7.90 -14.49
CA ILE D 360 40.10 -8.08 -13.63
C ILE D 360 39.70 -8.88 -12.40
N PRO D 361 40.46 -9.94 -12.03
CA PRO D 361 40.19 -10.68 -10.78
C PRO D 361 40.11 -9.74 -9.57
N LEU D 362 39.16 -10.01 -8.66
CA LEU D 362 38.93 -9.18 -7.44
C LEU D 362 40.22 -9.14 -6.61
N ARG D 363 40.97 -10.24 -6.57
CA ARG D 363 42.27 -10.35 -5.83
C ARG D 363 43.26 -9.31 -6.36
N ASP D 364 43.33 -9.14 -7.69
CA ASP D 364 44.24 -8.18 -8.37
C ASP D 364 43.73 -6.75 -8.14
N PHE D 365 42.41 -6.56 -8.20
CA PHE D 365 41.72 -5.26 -7.98
C PHE D 365 42.00 -4.74 -6.56
N LEU D 366 41.98 -5.64 -5.57
CA LEU D 366 42.17 -5.32 -4.13
C LEU D 366 43.67 -5.32 -3.78
N GLY D 367 44.48 -6.11 -4.49
CA GLY D 367 45.95 -6.19 -4.31
C GLY D 367 46.32 -7.22 -3.25
N PHE D 368 46.41 -8.49 -3.66
CA PHE D 368 46.68 -9.67 -2.78
C PHE D 368 48.01 -10.32 -3.18
N ASP D 369 48.72 -10.86 -2.18
CA ASP D 369 49.88 -11.77 -2.36
C ASP D 369 49.38 -13.10 -2.91
N ALA D 370 50.28 -13.94 -3.43
CA ALA D 370 49.96 -15.19 -4.15
C ALA D 370 49.84 -16.37 -3.16
N ALA D 371 49.58 -17.56 -3.70
CA ALA D 371 49.51 -18.86 -2.99
C ALA D 371 48.26 -18.96 -2.11
N ASN D 372 47.35 -17.98 -2.20
CA ASN D 372 46.05 -17.95 -1.48
C ASN D 372 44.93 -18.01 -2.53
N ARG D 373 45.08 -18.88 -3.53
CA ARG D 373 44.11 -19.07 -4.65
C ARG D 373 43.12 -20.18 -4.30
N GLU D 374 43.35 -20.91 -3.21
CA GLU D 374 42.44 -21.99 -2.76
C GLU D 374 41.15 -21.34 -2.23
N VAL D 375 40.02 -21.68 -2.86
CA VAL D 375 38.66 -21.14 -2.56
C VAL D 375 38.04 -21.98 -1.45
N SER D 376 37.97 -21.42 -0.23
CA SER D 376 37.51 -22.10 1.01
C SER D 376 36.06 -21.72 1.33
N PRO D 377 35.23 -22.67 1.82
CA PRO D 377 33.94 -22.31 2.43
C PRO D 377 34.00 -21.16 3.44
N ARG D 378 35.13 -21.01 4.15
CA ARG D 378 35.32 -19.97 5.19
C ARG D 378 35.20 -18.59 4.57
N ASN D 379 36.00 -18.31 3.54
CA ASN D 379 36.13 -16.96 2.91
C ASN D 379 34.89 -16.64 2.08
N VAL D 380 34.30 -17.63 1.40
CA VAL D 380 33.07 -17.45 0.56
C VAL D 380 31.95 -16.91 1.46
N LEU D 381 31.68 -17.58 2.59
CA LEU D 381 30.55 -17.26 3.50
C LEU D 381 30.87 -16.00 4.33
N ALA D 382 32.14 -15.82 4.72
CA ALA D 382 32.58 -14.73 5.63
C ALA D 382 32.59 -13.37 4.91
N HIS D 383 32.78 -13.37 3.58
CA HIS D 383 32.90 -12.14 2.74
C HIS D 383 31.72 -12.04 1.77
N ALA D 384 30.50 -12.39 2.24
CA ALA D 384 29.21 -12.19 1.56
C ALA D 384 29.23 -12.78 0.13
N GLY D 385 29.97 -13.87 -0.08
CA GLY D 385 30.12 -14.54 -1.38
C GLY D 385 31.07 -13.80 -2.31
N LEU D 386 31.59 -12.64 -1.89
CA LEU D 386 32.51 -11.80 -2.70
C LEU D 386 33.96 -12.21 -2.38
N GLU D 387 34.29 -13.47 -2.67
CA GLU D 387 35.63 -14.09 -2.44
C GLU D 387 36.55 -13.69 -3.61
N ALA D 388 37.82 -13.39 -3.30
CA ALA D 388 38.77 -12.68 -4.19
C ALA D 388 39.12 -13.51 -5.44
N ASN D 389 39.00 -14.84 -5.38
CA ASN D 389 39.47 -15.78 -6.43
C ASN D 389 38.30 -16.27 -7.30
N VAL D 390 37.07 -15.89 -6.97
CA VAL D 390 35.84 -16.33 -7.73
C VAL D 390 35.10 -15.12 -8.31
N VAL D 391 35.50 -13.88 -7.98
CA VAL D 391 34.82 -12.64 -8.44
C VAL D 391 35.71 -11.90 -9.44
N GLU D 392 35.11 -11.36 -10.51
CA GLU D 392 35.72 -10.45 -11.51
C GLU D 392 35.08 -9.07 -11.36
N VAL D 393 35.89 -8.01 -11.34
CA VAL D 393 35.42 -6.59 -11.23
C VAL D 393 35.61 -5.91 -12.59
N SER D 394 34.57 -5.19 -13.05
CA SER D 394 34.62 -4.28 -14.22
C SER D 394 34.21 -2.87 -13.78
N MET D 395 35.10 -1.90 -13.99
CA MET D 395 34.80 -0.44 -13.85
C MET D 395 34.61 0.14 -15.25
N GLU D 396 33.37 0.49 -15.63
CA GLU D 396 33.08 1.16 -16.91
C GLU D 396 33.68 2.57 -16.84
N ALA D 397 34.46 2.95 -17.85
CA ALA D 397 35.23 4.23 -17.90
C ALA D 397 34.26 5.42 -17.91
N TRP D 398 34.50 6.38 -17.02
CA TRP D 398 33.75 7.68 -16.95
C TRP D 398 34.71 8.78 -16.49
N GLU D 399 34.47 10.02 -16.93
CA GLU D 399 35.28 11.21 -16.58
C GLU D 399 34.84 11.71 -15.20
N PRO D 400 35.56 11.35 -14.12
CA PRO D 400 35.09 11.56 -12.75
C PRO D 400 35.01 13.03 -12.32
N LYS D 401 34.16 13.31 -11.33
CA LYS D 401 33.90 14.66 -10.77
C LYS D 401 33.75 14.56 -9.24
N ARG D 402 32.96 13.61 -8.75
CA ARG D 402 32.80 13.26 -7.31
C ARG D 402 32.84 11.75 -7.14
N PRO D 403 34.03 11.10 -7.19
CA PRO D 403 34.10 9.63 -7.27
C PRO D 403 33.43 8.86 -6.13
N GLU D 404 33.24 9.49 -4.97
CA GLU D 404 32.57 8.89 -3.78
C GLU D 404 31.11 8.56 -4.14
N GLU D 405 30.54 9.28 -5.10
CA GLU D 405 29.14 9.10 -5.59
C GLU D 405 29.15 8.15 -6.80
N GLU D 406 29.98 8.46 -7.80
CA GLU D 406 29.99 7.80 -9.14
C GLU D 406 30.33 6.31 -9.01
N ALA D 407 31.40 5.97 -8.26
CA ALA D 407 32.03 4.63 -8.20
C ALA D 407 30.97 3.53 -8.01
N GLY D 408 29.98 3.78 -7.15
CA GLY D 408 28.87 2.85 -6.84
C GLY D 408 28.18 2.31 -8.10
N ARG D 409 27.92 3.18 -9.08
CA ARG D 409 27.15 2.86 -10.31
C ARG D 409 28.05 2.18 -11.35
N HIS D 410 29.31 2.62 -11.47
CA HIS D 410 30.21 2.30 -12.60
C HIS D 410 31.05 1.04 -12.31
N THR D 411 31.10 0.59 -11.05
CA THR D 411 31.82 -0.65 -10.63
C THR D 411 30.83 -1.82 -10.62
N HIS D 412 31.04 -2.81 -11.49
CA HIS D 412 30.17 -4.00 -11.66
C HIS D 412 30.92 -5.27 -11.24
N LEU D 413 30.22 -6.20 -10.59
CA LEU D 413 30.78 -7.51 -10.14
C LEU D 413 30.02 -8.65 -10.83
N LYS D 414 30.75 -9.72 -11.18
CA LYS D 414 30.18 -11.03 -11.60
C LYS D 414 31.13 -12.13 -11.13
N TYR D 415 30.63 -13.36 -10.97
CA TYR D 415 31.46 -14.56 -10.76
C TYR D 415 32.00 -15.04 -12.11
N THR D 416 33.27 -15.46 -12.13
CA THR D 416 33.89 -16.18 -13.27
C THR D 416 33.15 -17.50 -13.43
N PRO D 417 33.08 -18.11 -14.64
CA PRO D 417 32.41 -19.40 -14.81
C PRO D 417 33.03 -20.52 -13.97
N VAL D 418 34.35 -20.50 -13.75
CA VAL D 418 35.08 -21.44 -12.85
C VAL D 418 34.64 -21.17 -11.40
N GLY D 419 34.76 -19.92 -10.97
CA GLY D 419 34.48 -19.47 -9.59
C GLY D 419 33.04 -19.76 -9.17
N LEU D 420 32.06 -19.51 -10.03
CA LEU D 420 30.62 -19.71 -9.75
C LEU D 420 30.39 -21.16 -9.31
N LYS D 421 30.95 -22.13 -10.06
CA LYS D 421 30.82 -23.59 -9.77
C LYS D 421 31.40 -23.90 -8.39
N LYS D 422 32.58 -23.34 -8.07
CA LYS D 422 33.22 -23.49 -6.73
C LYS D 422 32.27 -22.97 -5.66
N VAL D 423 31.67 -21.79 -5.88
CA VAL D 423 30.73 -21.12 -4.93
C VAL D 423 29.45 -21.96 -4.83
N GLU D 424 28.91 -22.43 -5.96
CA GLU D 424 27.71 -23.30 -6.02
C GLU D 424 27.93 -24.56 -5.17
N ASP D 425 29.07 -25.23 -5.36
CA ASP D 425 29.46 -26.45 -4.61
C ASP D 425 29.49 -26.14 -3.10
N ILE D 426 30.26 -25.12 -2.73
CA ILE D 426 30.50 -24.67 -1.33
C ILE D 426 29.17 -24.36 -0.63
N VAL D 427 28.32 -23.54 -1.27
CA VAL D 427 27.05 -23.02 -0.69
C VAL D 427 26.05 -24.18 -0.57
N SER D 428 25.95 -25.03 -1.60
CA SER D 428 25.08 -26.23 -1.65
C SER D 428 25.43 -27.16 -0.49
N ARG D 429 26.72 -27.39 -0.27
CA ARG D 429 27.28 -28.24 0.81
C ARG D 429 26.93 -27.62 2.18
N ALA D 430 27.19 -26.32 2.34
CA ALA D 430 26.93 -25.54 3.58
C ALA D 430 25.44 -25.60 3.95
N LEU D 431 24.57 -25.75 2.95
CA LEU D 431 23.10 -25.85 3.14
C LEU D 431 22.73 -27.22 3.71
N LYS D 432 23.52 -28.26 3.42
CA LYS D 432 23.25 -29.68 3.79
C LYS D 432 23.71 -29.93 5.24
N GLU D 433 24.86 -29.39 5.64
CA GLU D 433 25.30 -29.30 7.05
C GLU D 433 24.42 -28.28 7.78
N SER D 434 23.75 -27.41 7.00
CA SER D 434 22.63 -26.53 7.43
C SER D 434 23.15 -25.45 8.39
PC A23 E 4 12.96 37.57 -17.68
O1C A23 E 4 13.51 38.34 -18.87
O2C A23 E 4 11.49 37.30 -17.53
P A23 E 4 14.66 31.42 -15.33
OP1 A23 E 4 13.43 30.66 -14.86
OP2 A23 E 4 14.87 31.67 -16.80
O5' A23 E 4 14.69 32.84 -14.57
C5' A23 E 4 15.24 33.99 -15.20
C4' A23 E 4 14.13 35.00 -15.46
O4' A23 E 4 13.72 35.60 -14.23
C3' A23 E 4 14.60 36.11 -16.37
O3' A23 E 4 13.78 36.19 -17.54
C2' A23 E 4 14.44 37.41 -15.61
O2' A23 E 4 13.53 38.23 -16.34
C1' A23 E 4 13.83 37.02 -14.27
N9 A23 E 4 14.73 37.48 -13.16
C8 A23 E 4 16.07 37.41 -13.16
N7 A23 E 4 16.59 37.90 -12.01
C5 A23 E 4 15.56 38.30 -11.25
C6 A23 E 4 15.39 38.93 -9.91
N6 A23 E 4 16.46 39.21 -9.14
N1 A23 E 4 14.14 39.18 -9.48
C2 A23 E 4 13.06 38.89 -10.24
N3 A23 E 4 13.14 38.34 -11.46
C4 A23 E 4 14.34 38.03 -12.01
PC A23 F 4 -44.18 9.08 -9.70
O1C A23 F 4 -44.33 10.48 -10.21
O2C A23 F 4 -45.35 8.32 -9.12
P A23 F 4 -38.96 8.14 -6.04
OP1 A23 F 4 -37.60 8.72 -6.41
OP2 A23 F 4 -39.82 8.84 -5.01
O5' A23 F 4 -39.81 7.97 -7.40
C5' A23 F 4 -39.40 8.63 -8.59
C4' A23 F 4 -40.62 9.18 -9.32
O4' A23 F 4 -40.35 9.25 -10.72
C3' A23 F 4 -41.83 8.26 -9.13
O3' A23 F 4 -42.95 9.01 -8.67
C2' A23 F 4 -42.17 7.72 -10.51
O2' A23 F 4 -43.48 8.18 -10.83
C1' A23 F 4 -41.15 8.33 -11.46
N9 A23 F 4 -40.29 7.26 -12.02
C8 A23 F 4 -39.66 6.30 -11.31
N7 A23 F 4 -38.95 5.47 -12.11
C5 A23 F 4 -39.12 5.90 -13.38
C6 A23 F 4 -38.66 5.48 -14.72
N6 A23 F 4 -37.85 4.40 -14.88
N1 A23 F 4 -39.07 6.19 -15.78
C2 A23 F 4 -39.88 7.26 -15.65
N3 A23 F 4 -40.34 7.70 -14.46
C4 A23 F 4 -40.01 7.07 -13.32
PC A23 G 4 44.03 -10.77 5.75
O1C A23 G 4 45.41 -10.38 5.31
O2C A23 G 4 43.82 -11.76 6.87
P A23 G 4 37.86 -7.21 7.19
OP1 A23 G 4 37.03 -7.96 6.19
OP2 A23 G 4 37.47 -7.19 8.64
O5' A23 G 4 39.38 -7.73 7.08
C5' A23 G 4 39.94 -8.06 5.81
C4' A23 G 4 40.77 -9.34 5.95
O4' A23 G 4 40.04 -10.44 5.40
C3' A23 G 4 42.08 -9.22 5.19
O3' A23 G 4 43.18 -9.44 6.07
C2' A23 G 4 42.08 -10.35 4.16
O2' A23 G 4 43.16 -11.22 4.48
C1' A23 G 4 40.76 -11.06 4.32
N9 A23 G 4 39.96 -10.95 3.07
C8 A23 G 4 39.31 -9.85 2.65
N7 A23 G 4 38.69 -10.07 1.47
C5 A23 G 4 38.94 -11.35 1.11
C6 A23 G 4 38.59 -12.22 -0.04
N6 A23 G 4 37.82 -11.78 -1.06
N1 A23 G 4 39.07 -13.49 -0.02
C2 A23 G 4 39.83 -13.95 0.99
N3 A23 G 4 40.19 -13.21 2.05
C4 A23 G 4 39.78 -11.92 2.17
PC A23 H 4 -12.70 -35.02 24.05
O1C A23 H 4 -11.24 -34.73 23.83
O2C A23 H 4 -13.23 -36.44 24.09
P A23 H 4 -13.91 -29.56 20.64
OP1 A23 H 4 -12.49 -29.11 20.86
OP2 A23 H 4 -14.19 -30.81 19.83
O5' A23 H 4 -14.61 -29.73 22.07
C5' A23 H 4 -15.08 -31.01 22.52
C4' A23 H 4 -13.94 -31.76 23.17
O4' A23 H 4 -13.48 -31.05 24.32
C3' A23 H 4 -14.38 -33.14 23.63
O3' A23 H 4 -13.58 -34.15 23.03
C2' A23 H 4 -14.14 -33.20 25.12
O2' A23 H 4 -13.19 -34.25 25.36
C1' A23 H 4 -13.55 -31.85 25.51
N9 A23 H 4 -14.42 -31.19 26.52
C8 A23 H 4 -15.77 -31.15 26.49
N7 A23 H 4 -16.25 -30.48 27.56
C5 A23 H 4 -15.21 -30.07 28.30
C6 A23 H 4 -15.02 -29.31 29.56
N6 A23 H 4 -16.08 -28.83 30.25
N1 A23 H 4 -13.75 -29.11 29.98
C2 A23 H 4 -12.69 -29.58 29.30
N3 A23 H 4 -12.79 -30.27 28.15
C4 A23 H 4 -14.00 -30.54 27.61
#